data_9F8F
#
_entry.id   9F8F
#
_cell.length_a   75.324
_cell.length_b   76.480
_cell.length_c   78.229
_cell.angle_alpha   81.800
_cell.angle_beta   78.860
_cell.angle_gamma   66.780
#
_symmetry.space_group_name_H-M   'P 1'
#
loop_
_entity.id
_entity.type
_entity.pdbx_description
1 polymer 'SLPH - S-layer protein HMW'
2 polymer 'S-layer protein'
3 water water
#
loop_
_entity_poly.entity_id
_entity_poly.type
_entity_poly.pdbx_seq_one_letter_code
_entity_poly.pdbx_strand_id
1 'polypeptide(L)'
;TDIENVPAKIVLKADKQKDMKDYIDDLRTYNNSYSNVVTVAGEDRIETAIELSYKYYNSDDDNAVTDIAADNVVLVGSQA
IVDGLVASPLASEKHAPLLLTSKDKLDSSVKSEIKRVMDLKTTSGINTSKKVYLAGGVNSISKDVENELKDMGVKVVRLA
GDDRYETSLAIADEVGLDNDKAFVVGGTGLADAMSIAPVASQLKDSNGNMDVVDGDATPIVVVDGKAKDINAATEDFLDN
AQVDIIGGENSVSKDIEEAIDDATGKEPNRTSGDDRQDTNAEVMKETDYFEKASVENYFVAKDGSTKEDQLVDALAAAPV
AANFGATYTKNGSTYTKSGNVSPAPIVLATDTLSGDQNVGVSKSVSDDGGKNLVQVGKGIASSVISKMKDLLDM
;
B,D
2 'polypeptide(L)'
;APVFAAPVTENYVTVQKDWKNTVKKIQEAIKLKSVTSVEVSYNDKSVSTIDLSGKTKVSELEAEAENLYNLVDSKLSNLD
DGDSVTFKVTYNTGFNKRFYSKSELEKIKTQLEKKVVVAKGDGKAAGLAMNENGKAVVADRDLVASDFYNFIISTDTSTG
EYILKSEKKGAASLDALNEKYGYAALAIDGTGDFGTVTESYVPAAPTDILKSTKQIDETASFENTGKDIAAMTVKAADPG
EDGNIANIKVINAKETTIDVDSKSSTSAEDLAKKYVFDDKDLKAVYDQLNEGDGTTGKYVEKVDGRYQVVLYPEGKRLET
KSAS
;
C,A
#
# COMPACT_ATOMS: atom_id res chain seq x y z
N THR A 1 -16.27 2.05 7.70
CA THR A 1 -16.68 0.76 8.25
C THR A 1 -18.00 0.35 7.59
N ASP A 2 -18.28 -0.96 7.54
CA ASP A 2 -19.53 -1.45 7.00
C ASP A 2 -20.55 -1.61 8.12
N ILE A 3 -21.83 -1.56 7.75
CA ILE A 3 -22.89 -1.59 8.75
C ILE A 3 -22.85 -2.89 9.54
N GLU A 4 -22.36 -3.98 8.92
CA GLU A 4 -22.21 -5.24 9.61
C GLU A 4 -21.12 -5.23 10.67
N ASN A 5 -20.30 -4.17 10.73
CA ASN A 5 -19.19 -4.08 11.66
C ASN A 5 -19.26 -2.87 12.59
N VAL A 6 -20.29 -2.03 12.48
CA VAL A 6 -20.41 -0.84 13.34
C VAL A 6 -20.66 -1.28 14.78
N PRO A 7 -20.12 -0.56 15.77
CA PRO A 7 -20.28 -1.01 17.16
C PRO A 7 -21.66 -0.72 17.74
N ALA A 8 -22.34 0.30 17.23
CA ALA A 8 -23.58 0.73 17.86
C ALA A 8 -24.46 1.45 16.84
N LYS A 9 -25.73 1.62 17.24
CA LYS A 9 -26.72 2.38 16.49
C LYS A 9 -27.30 3.43 17.43
N ILE A 10 -26.96 4.70 17.20
CA ILE A 10 -27.40 5.80 18.06
C ILE A 10 -28.67 6.39 17.49
N VAL A 11 -29.68 6.56 18.34
CA VAL A 11 -30.95 7.18 17.95
C VAL A 11 -31.13 8.44 18.79
N LEU A 12 -31.25 9.58 18.12
CA LEU A 12 -31.38 10.88 18.77
C LEU A 12 -32.82 11.39 18.65
N LYS A 13 -33.45 11.71 19.78
CA LYS A 13 -34.81 12.23 19.81
C LYS A 13 -34.81 13.65 20.36
N ALA A 14 -35.63 14.52 19.76
CA ALA A 14 -35.75 15.90 20.21
C ALA A 14 -37.13 16.44 19.87
N ASP A 15 -37.58 17.42 20.68
CA ASP A 15 -38.86 18.07 20.43
C ASP A 15 -38.74 19.15 19.36
N LYS A 16 -37.83 20.10 19.54
CA LYS A 16 -37.71 21.27 18.69
C LYS A 16 -36.51 21.18 17.76
N GLN A 17 -36.64 21.82 16.60
CA GLN A 17 -35.59 21.78 15.59
C GLN A 17 -34.29 22.39 16.09
N LYS A 18 -34.38 23.43 16.92
CA LYS A 18 -33.18 24.10 17.41
C LYS A 18 -32.37 23.20 18.34
N ASP A 19 -33.04 22.55 19.30
CA ASP A 19 -32.31 21.75 20.28
C ASP A 19 -31.61 20.57 19.62
N MET A 20 -32.13 20.08 18.51
CA MET A 20 -31.49 19.00 17.78
C MET A 20 -30.25 19.49 17.03
N LYS A 21 -30.38 20.62 16.34
CA LYS A 21 -29.25 21.19 15.62
C LYS A 21 -28.10 21.56 16.55
N ASP A 22 -28.41 22.11 17.72
CA ASP A 22 -27.34 22.49 18.65
C ASP A 22 -26.59 21.29 19.18
N TYR A 23 -27.27 20.14 19.34
CA TYR A 23 -26.60 18.92 19.77
C TYR A 23 -25.62 18.43 18.71
N ILE A 24 -26.05 18.41 17.44
CA ILE A 24 -25.18 17.98 16.35
C ILE A 24 -23.94 18.88 16.27
N ASP A 25 -24.13 20.19 16.38
CA ASP A 25 -23.01 21.11 16.27
C ASP A 25 -21.98 20.87 17.37
N ASP A 26 -22.43 20.68 18.61
CA ASP A 26 -21.52 20.34 19.68
C ASP A 26 -20.86 18.99 19.44
N LEU A 27 -21.62 18.02 18.93
CA LEU A 27 -21.06 16.72 18.61
C LEU A 27 -19.93 16.85 17.58
N ARG A 28 -20.14 17.66 16.54
CA ARG A 28 -19.09 17.91 15.56
C ARG A 28 -17.83 18.46 16.23
N THR A 29 -17.99 19.42 17.12
CA THR A 29 -16.84 20.08 17.73
C THR A 29 -15.99 19.08 18.52
N TYR A 30 -16.61 18.30 19.40
CA TYR A 30 -15.85 17.36 20.21
C TYR A 30 -15.32 16.18 19.40
N ASN A 31 -16.04 15.77 18.36
CA ASN A 31 -15.56 14.70 17.48
C ASN A 31 -14.25 15.10 16.80
N ASN A 32 -14.21 16.30 16.22
CA ASN A 32 -12.99 16.77 15.58
C ASN A 32 -11.88 17.01 16.61
N SER A 33 -12.24 17.55 17.77
CA SER A 33 -11.24 17.84 18.79
C SER A 33 -10.50 16.58 19.23
N TYR A 34 -11.23 15.55 19.64
CA TYR A 34 -10.61 14.34 20.17
C TYR A 34 -9.83 13.58 19.10
N SER A 35 -10.24 13.70 17.83
CA SER A 35 -9.58 12.98 16.76
C SER A 35 -8.28 13.64 16.33
N ASN A 36 -8.29 14.96 16.13
CA ASN A 36 -7.24 15.63 15.37
C ASN A 36 -6.39 16.57 16.20
N VAL A 37 -6.50 16.53 17.53
CA VAL A 37 -5.57 17.21 18.42
C VAL A 37 -4.58 16.15 18.90
N VAL A 38 -3.42 16.09 18.25
CA VAL A 38 -2.45 15.03 18.47
C VAL A 38 -1.17 15.63 19.05
N THR A 39 -0.34 14.75 19.61
CA THR A 39 0.95 15.13 20.16
C THR A 39 1.99 14.12 19.71
N VAL A 40 2.96 14.58 18.91
CA VAL A 40 4.05 13.76 18.39
C VAL A 40 5.31 14.18 19.16
N ALA A 41 5.78 13.32 20.08
CA ALA A 41 6.83 13.78 20.97
C ALA A 41 7.97 12.79 21.17
N GLY A 42 7.80 11.81 22.03
CA GLY A 42 8.87 10.86 22.29
C GLY A 42 9.72 11.27 23.47
N GLU A 43 10.76 10.47 23.74
CA GLU A 43 11.48 10.67 24.99
C GLU A 43 12.51 11.80 24.92
N ASP A 44 13.19 11.99 23.79
CA ASP A 44 14.13 13.09 23.65
C ASP A 44 14.02 13.67 22.24
N ARG A 45 14.81 14.73 22.00
CA ARG A 45 14.80 15.41 20.71
C ARG A 45 15.09 14.46 19.56
N ILE A 46 16.00 13.50 19.75
CA ILE A 46 16.34 12.57 18.68
C ILE A 46 15.15 11.66 18.38
N GLU A 47 14.48 11.18 19.43
CA GLU A 47 13.27 10.40 19.25
C GLU A 47 12.16 11.22 18.60
N THR A 48 12.13 12.53 18.88
CA THR A 48 11.06 13.38 18.36
C THR A 48 11.11 13.48 16.85
N ALA A 49 12.31 13.69 16.29
CA ALA A 49 12.45 13.73 14.84
C ALA A 49 12.08 12.38 14.22
N ILE A 50 12.46 11.28 14.88
CA ILE A 50 12.10 9.95 14.40
C ILE A 50 10.59 9.77 14.42
N GLU A 51 9.93 10.22 15.50
CA GLU A 51 8.48 10.11 15.58
C GLU A 51 7.79 10.85 14.45
N LEU A 52 8.28 12.05 14.11
CA LEU A 52 7.71 12.81 13.00
C LEU A 52 7.92 12.11 11.67
N SER A 53 9.11 11.54 11.47
CA SER A 53 9.41 10.88 10.21
C SER A 53 8.59 9.60 10.05
N TYR A 54 8.44 8.83 11.12
CA TYR A 54 7.67 7.59 11.06
C TYR A 54 6.20 7.86 10.74
N LYS A 55 5.67 8.98 11.26
CA LYS A 55 4.25 9.27 11.09
C LYS A 55 3.93 9.84 9.71
N TYR A 56 4.79 10.73 9.21
CA TYR A 56 4.45 11.55 8.06
C TYR A 56 5.18 11.20 6.77
N TYR A 57 6.24 10.39 6.83
CA TYR A 57 7.01 10.02 5.65
C TYR A 57 6.97 8.52 5.45
N ASN A 58 6.69 8.10 4.21
CA ASN A 58 6.60 6.69 3.85
C ASN A 58 5.64 5.95 4.79
N SER A 59 4.45 6.54 4.97
CA SER A 59 3.53 6.12 6.01
C SER A 59 2.12 6.01 5.46
N ASP A 60 1.31 5.20 6.14
CA ASP A 60 -0.10 5.03 5.82
C ASP A 60 -1.00 5.90 6.68
N ASP A 61 -0.46 6.99 7.21
CA ASP A 61 -1.25 7.92 8.01
C ASP A 61 -2.24 8.65 7.11
N ASP A 62 -3.40 9.00 7.67
CA ASP A 62 -4.41 9.70 6.89
C ASP A 62 -3.93 11.09 6.46
N ASN A 63 -3.00 11.68 7.20
CA ASN A 63 -2.42 12.97 6.83
C ASN A 63 -0.91 12.88 6.74
N ALA A 64 -0.42 11.93 5.95
CA ALA A 64 1.02 11.81 5.73
C ALA A 64 1.47 12.75 4.62
N VAL A 65 2.73 13.17 4.70
CA VAL A 65 3.28 14.02 3.66
C VAL A 65 3.63 13.19 2.43
N THR A 66 4.15 11.99 2.62
CA THR A 66 4.40 11.06 1.53
C THR A 66 4.10 9.64 2.00
N ASP A 67 3.63 8.82 1.06
CA ASP A 67 3.35 7.41 1.33
C ASP A 67 4.18 6.49 0.43
N ILE A 68 5.24 7.01 -0.19
CA ILE A 68 6.14 6.23 -1.01
C ILE A 68 7.54 6.35 -0.42
N ALA A 69 8.45 5.51 -0.92
CA ALA A 69 9.81 5.48 -0.41
C ALA A 69 10.53 6.78 -0.72
N ALA A 70 11.20 7.34 0.28
CA ALA A 70 11.95 8.57 0.10
C ALA A 70 13.32 8.28 -0.50
N ASP A 71 13.78 9.17 -1.38
CA ASP A 71 15.10 9.04 -1.99
C ASP A 71 16.18 9.85 -1.28
N ASN A 72 15.80 10.92 -0.57
CA ASN A 72 16.77 11.76 0.11
C ASN A 72 16.46 11.82 1.60
N VAL A 73 17.47 12.18 2.39
CA VAL A 73 17.35 12.38 3.83
C VAL A 73 18.32 13.49 4.22
N VAL A 74 17.86 14.39 5.09
CA VAL A 74 18.66 15.49 5.59
C VAL A 74 19.01 15.22 7.05
N LEU A 75 20.29 15.33 7.38
CA LEU A 75 20.77 15.05 8.72
C LEU A 75 21.34 16.32 9.34
N VAL A 76 20.99 16.57 10.60
CA VAL A 76 21.46 17.73 11.34
C VAL A 76 21.92 17.27 12.72
N GLY A 77 22.96 17.93 13.23
CA GLY A 77 23.41 17.65 14.58
C GLY A 77 22.38 18.11 15.60
N SER A 78 22.19 17.28 16.63
CA SER A 78 21.13 17.54 17.60
C SER A 78 21.37 18.78 18.45
N GLN A 79 22.61 19.26 18.52
CA GLN A 79 22.95 20.47 19.28
C GLN A 79 23.52 21.56 18.39
N ALA A 80 23.27 21.47 17.08
CA ALA A 80 23.82 22.42 16.12
C ALA A 80 22.72 23.12 15.35
N ILE A 81 21.86 23.85 16.07
CA ILE A 81 20.85 24.66 15.41
C ILE A 81 21.50 25.76 14.58
N VAL A 82 22.71 26.17 14.96
CA VAL A 82 23.41 27.22 14.22
C VAL A 82 23.78 26.74 12.82
N ASP A 83 24.17 25.48 12.68
CA ASP A 83 24.61 24.95 11.39
C ASP A 83 23.43 24.64 10.47
N GLY A 84 22.49 23.83 10.94
CA GLY A 84 21.37 23.42 10.11
C GLY A 84 20.18 24.36 10.16
N LEU A 85 20.42 25.61 10.51
CA LEU A 85 19.33 26.57 10.70
C LEU A 85 18.47 26.74 9.46
N VAL A 86 19.05 26.57 8.28
CA VAL A 86 18.33 26.81 7.03
C VAL A 86 18.12 25.51 6.27
N ALA A 87 18.12 24.39 7.00
CA ALA A 87 18.01 23.08 6.37
C ALA A 87 16.58 22.69 6.02
N SER A 88 15.58 23.33 6.63
CA SER A 88 14.19 22.96 6.38
C SER A 88 13.78 23.12 4.92
N PRO A 89 14.02 24.25 4.23
CA PRO A 89 13.58 24.35 2.83
C PRO A 89 14.23 23.32 1.93
N LEU A 90 15.42 22.84 2.28
CA LEU A 90 16.06 21.80 1.49
C LEU A 90 15.30 20.48 1.60
N ALA A 91 15.00 20.06 2.83
CA ALA A 91 14.22 18.84 3.04
C ALA A 91 12.89 18.88 2.28
N SER A 92 12.23 20.03 2.29
CA SER A 92 10.91 20.13 1.66
C SER A 92 11.01 20.02 0.14
N GLU A 93 11.98 20.68 -0.47
CA GLU A 93 12.11 20.64 -1.92
C GLU A 93 12.57 19.26 -2.41
N LYS A 94 13.37 18.55 -1.61
CA LYS A 94 13.86 17.23 -1.99
C LYS A 94 12.90 16.11 -1.61
N HIS A 95 11.72 16.44 -1.05
CA HIS A 95 10.74 15.45 -0.61
C HIS A 95 11.35 14.46 0.38
N ALA A 96 11.95 15.00 1.44
CA ALA A 96 12.76 14.24 2.37
C ALA A 96 12.44 14.64 3.80
N PRO A 97 12.65 13.75 4.76
CA PRO A 97 12.55 14.14 6.17
C PRO A 97 13.83 14.78 6.66
N LEU A 98 13.70 15.53 7.76
CA LEU A 98 14.82 16.13 8.46
C LEU A 98 14.99 15.40 9.79
N LEU A 99 16.13 14.75 9.97
CA LEU A 99 16.39 13.95 11.15
C LEU A 99 17.56 14.52 11.94
N LEU A 100 17.68 14.09 13.19
CA LEU A 100 18.72 14.56 14.08
C LEU A 100 19.57 13.39 14.55
N THR A 101 20.89 13.62 14.63
CA THR A 101 21.82 12.63 15.13
C THR A 101 22.76 13.28 16.14
N SER A 102 23.44 12.44 16.92
CA SER A 102 24.47 12.92 17.82
C SER A 102 25.75 13.23 17.04
N LYS A 103 26.54 14.15 17.57
CA LYS A 103 27.72 14.64 16.86
C LYS A 103 28.74 13.53 16.63
N ASP A 104 28.94 12.67 17.64
CA ASP A 104 30.04 11.71 17.60
C ASP A 104 29.67 10.40 16.91
N LYS A 105 28.60 9.75 17.37
CA LYS A 105 28.19 8.44 16.88
C LYS A 105 26.86 8.54 16.16
N LEU A 106 26.70 7.74 15.11
CA LEU A 106 25.43 7.65 14.39
C LEU A 106 24.49 6.75 15.18
N ASP A 107 23.47 7.34 15.79
CA ASP A 107 22.58 6.60 16.69
C ASP A 107 21.89 5.46 15.97
N SER A 108 21.71 4.35 16.68
CA SER A 108 21.10 3.17 16.07
C SER A 108 19.66 3.42 15.68
N SER A 109 18.94 4.24 16.45
CA SER A 109 17.55 4.57 16.12
C SER A 109 17.48 5.33 14.80
N VAL A 110 18.42 6.24 14.56
CA VAL A 110 18.48 6.97 13.30
C VAL A 110 18.86 6.04 12.16
N LYS A 111 19.82 5.15 12.40
CA LYS A 111 20.19 4.13 11.42
C LYS A 111 18.96 3.35 10.95
N SER A 112 18.12 2.93 11.89
CA SER A 112 16.94 2.14 11.53
C SER A 112 15.91 2.99 10.79
N GLU A 113 15.69 4.23 11.25
CA GLU A 113 14.68 5.09 10.62
C GLU A 113 15.06 5.44 9.18
N ILE A 114 16.34 5.70 8.93
CA ILE A 114 16.81 5.98 7.57
C ILE A 114 16.52 4.79 6.66
N LYS A 115 16.74 3.57 7.16
CA LYS A 115 16.44 2.37 6.38
C LYS A 115 14.95 2.28 6.06
N ARG A 116 14.08 2.59 7.02
CA ARG A 116 12.63 2.50 6.81
C ARG A 116 12.15 3.53 5.80
N VAL A 117 12.53 4.80 5.97
CA VAL A 117 12.01 5.85 5.09
C VAL A 117 12.52 5.68 3.67
N MET A 118 13.76 5.20 3.52
CA MET A 118 14.37 4.99 2.21
C MET A 118 14.04 3.63 1.61
N ASP A 119 13.46 2.73 2.40
CA ASP A 119 13.10 1.37 1.96
C ASP A 119 14.34 0.53 1.68
N LEU A 120 15.35 0.67 2.53
CA LEU A 120 16.56 -0.14 2.41
C LEU A 120 16.32 -1.50 3.04
N LYS A 121 16.51 -2.55 2.25
CA LYS A 121 16.20 -3.91 2.67
C LYS A 121 17.27 -4.85 2.16
N THR A 122 17.71 -5.77 3.02
CA THR A 122 18.81 -6.66 2.68
C THR A 122 18.52 -7.49 1.43
N THR A 123 17.24 -7.72 1.13
CA THR A 123 16.89 -8.54 -0.03
C THR A 123 17.12 -7.80 -1.35
N SER A 124 17.17 -6.47 -1.31
CA SER A 124 17.41 -5.66 -2.50
C SER A 124 18.63 -4.77 -2.29
N GLY A 125 19.00 -4.04 -3.33
CA GLY A 125 20.16 -3.19 -3.31
C GLY A 125 19.82 -1.71 -3.19
N ILE A 126 20.85 -0.92 -2.86
CA ILE A 126 20.76 0.53 -2.88
C ILE A 126 21.14 1.02 -4.27
N ASN A 127 20.20 1.68 -4.94
CA ASN A 127 20.46 2.22 -6.27
C ASN A 127 21.06 3.61 -6.16
N THR A 128 21.30 4.24 -7.32
CA THR A 128 22.07 5.47 -7.37
C THR A 128 21.27 6.72 -7.03
N SER A 129 19.99 6.57 -6.66
CA SER A 129 19.14 7.71 -6.32
C SER A 129 19.04 7.93 -4.82
N LYS A 130 19.84 7.24 -4.02
CA LYS A 130 19.73 7.26 -2.57
C LYS A 130 20.85 8.13 -1.97
N LYS A 131 20.51 9.36 -1.61
CA LYS A 131 21.48 10.32 -1.06
C LYS A 131 21.08 10.74 0.35
N VAL A 132 22.10 11.05 1.15
CA VAL A 132 21.92 11.60 2.49
C VAL A 132 22.74 12.89 2.61
N TYR A 133 22.07 14.00 2.91
CA TYR A 133 22.73 15.29 3.07
C TYR A 133 23.11 15.51 4.53
N LEU A 134 24.28 16.12 4.74
CA LEU A 134 24.74 16.54 6.06
C LEU A 134 24.82 18.05 6.10
N ALA A 135 24.13 18.65 7.07
CA ALA A 135 24.13 20.11 7.26
C ALA A 135 24.98 20.43 8.48
N GLY A 136 26.21 20.86 8.24
CA GLY A 136 27.12 21.27 9.30
C GLY A 136 28.52 20.77 9.05
N GLY A 137 29.48 21.46 9.69
CA GLY A 137 30.87 21.08 9.60
C GLY A 137 31.22 19.93 10.52
N VAL A 138 32.53 19.67 10.65
CA VAL A 138 32.98 18.52 11.43
C VAL A 138 32.87 18.76 12.94
N ASN A 139 32.61 19.99 13.37
CA ASN A 139 32.26 20.27 14.75
C ASN A 139 30.76 20.22 14.99
N SER A 140 29.97 20.04 13.94
CA SER A 140 28.54 19.79 14.03
C SER A 140 28.21 18.31 13.87
N ILE A 141 28.74 17.68 12.82
CA ILE A 141 28.57 16.26 12.57
C ILE A 141 29.95 15.69 12.25
N SER A 142 30.45 14.82 13.13
CA SER A 142 31.83 14.34 13.03
C SER A 142 32.02 13.48 11.78
N LYS A 143 33.28 13.17 11.49
CA LYS A 143 33.61 12.33 10.35
C LYS A 143 33.14 10.89 10.57
N ASP A 144 33.01 10.46 11.83
CA ASP A 144 32.57 9.10 12.12
C ASP A 144 31.17 8.86 11.58
N VAL A 145 30.25 9.80 11.83
CA VAL A 145 28.90 9.69 11.26
C VAL A 145 28.96 9.67 9.75
N GLU A 146 29.84 10.49 9.17
CA GLU A 146 29.95 10.57 7.71
C GLU A 146 30.42 9.24 7.13
N ASN A 147 31.43 8.63 7.74
CA ASN A 147 32.01 7.41 7.18
C ASN A 147 31.15 6.18 7.47
N GLU A 148 30.45 6.16 8.60
CA GLU A 148 29.54 5.05 8.86
C GLU A 148 28.37 5.05 7.89
N LEU A 149 27.93 6.24 7.46
CA LEU A 149 26.91 6.33 6.42
C LEU A 149 27.45 5.84 5.08
N LYS A 150 28.71 6.12 4.79
CA LYS A 150 29.33 5.66 3.54
C LYS A 150 29.50 4.15 3.52
N ASP A 151 29.83 3.56 4.67
CA ASP A 151 29.94 2.11 4.75
C ASP A 151 28.59 1.44 4.51
N MET A 152 27.50 2.11 4.88
CA MET A 152 26.16 1.58 4.59
C MET A 152 25.95 1.39 3.09
N GLY A 153 26.52 2.28 2.28
CA GLY A 153 26.43 2.13 0.84
C GLY A 153 25.49 3.12 0.18
N VAL A 154 25.38 4.31 0.75
CA VAL A 154 24.58 5.40 0.19
C VAL A 154 25.50 6.58 -0.10
N LYS A 155 24.98 7.53 -0.87
CA LYS A 155 25.73 8.75 -1.15
C LYS A 155 25.61 9.71 0.02
N VAL A 156 26.69 10.43 0.31
CA VAL A 156 26.75 11.40 1.38
C VAL A 156 27.29 12.71 0.82
N VAL A 157 26.61 13.81 1.12
CA VAL A 157 26.99 15.13 0.63
C VAL A 157 27.00 16.07 1.82
N ARG A 158 28.18 16.49 2.24
CA ARG A 158 28.31 17.45 3.34
C ARG A 158 28.19 18.86 2.78
N LEU A 159 27.22 19.62 3.29
CA LEU A 159 27.06 21.03 2.99
C LEU A 159 27.55 21.82 4.19
N ALA A 160 28.73 22.43 4.08
CA ALA A 160 29.34 23.12 5.20
C ALA A 160 30.35 24.14 4.68
N GLY A 161 30.70 25.07 5.55
CA GLY A 161 31.71 26.07 5.26
C GLY A 161 32.60 26.35 6.44
N ASP A 162 33.27 27.51 6.44
CA ASP A 162 34.17 27.86 7.53
C ASP A 162 33.42 28.37 8.76
N ASP A 163 32.18 28.80 8.61
CA ASP A 163 31.37 29.29 9.72
C ASP A 163 29.91 29.16 9.34
N ARG A 164 29.03 29.56 10.28
CA ARG A 164 27.59 29.47 10.04
C ARG A 164 27.16 30.25 8.80
N TYR A 165 27.84 31.36 8.52
CA TYR A 165 27.46 32.20 7.39
C TYR A 165 27.79 31.51 6.07
N GLU A 166 28.99 30.94 5.97
CA GLU A 166 29.33 30.13 4.79
C GLU A 166 28.41 28.92 4.69
N THR A 167 28.15 28.24 5.80
CA THR A 167 27.32 27.03 5.79
C THR A 167 25.93 27.32 5.26
N SER A 168 25.30 28.42 5.72
CA SER A 168 23.99 28.78 5.22
C SER A 168 24.01 28.99 3.72
N LEU A 169 25.09 29.60 3.20
CA LEU A 169 25.20 29.81 1.76
C LEU A 169 25.30 28.49 1.01
N ALA A 170 26.04 27.52 1.54
CA ALA A 170 26.13 26.22 0.90
C ALA A 170 24.75 25.56 0.81
N ILE A 171 23.98 25.61 1.90
CA ILE A 171 22.65 25.02 1.91
C ILE A 171 21.72 25.78 0.97
N ALA A 172 21.76 27.11 1.00
CA ALA A 172 20.87 27.91 0.17
C ALA A 172 21.21 27.73 -1.31
N ASP A 173 22.50 27.60 -1.64
CA ASP A 173 22.89 27.31 -3.01
C ASP A 173 22.28 25.99 -3.48
N GLU A 174 22.17 25.02 -2.57
CA GLU A 174 21.55 23.74 -2.92
C GLU A 174 20.05 23.89 -3.16
N VAL A 175 19.38 24.75 -2.41
CA VAL A 175 17.94 24.95 -2.58
C VAL A 175 17.65 25.57 -3.95
N GLY A 176 18.35 26.65 -4.28
CA GLY A 176 18.17 27.29 -5.58
C GLY A 176 17.25 28.49 -5.56
N LEU A 177 17.65 29.56 -6.25
CA LEU A 177 16.86 30.79 -6.35
C LEU A 177 16.02 30.75 -7.63
N ASP A 178 15.04 29.87 -7.64
CA ASP A 178 14.31 29.60 -8.87
C ASP A 178 13.19 30.60 -9.12
N ASN A 179 12.65 31.21 -8.06
CA ASN A 179 11.54 32.16 -8.21
C ASN A 179 11.95 33.59 -7.87
N ASP A 180 13.25 33.88 -7.89
CA ASP A 180 13.76 35.23 -7.67
C ASP A 180 13.36 35.78 -6.30
N LYS A 181 13.46 34.93 -5.27
CA LYS A 181 13.01 35.28 -3.93
C LYS A 181 13.87 34.58 -2.90
N ALA A 182 14.17 35.28 -1.80
CA ALA A 182 14.99 34.73 -0.73
C ALA A 182 14.59 35.37 0.58
N PHE A 183 14.95 34.70 1.67
CA PHE A 183 14.74 35.19 3.03
C PHE A 183 16.10 35.44 3.68
N VAL A 184 16.19 36.50 4.46
CA VAL A 184 17.43 36.87 5.14
C VAL A 184 17.15 37.00 6.62
N VAL A 185 18.04 36.46 7.45
CA VAL A 185 17.94 36.57 8.90
C VAL A 185 19.31 36.93 9.46
N GLY A 186 19.31 37.35 10.72
CA GLY A 186 20.55 37.70 11.40
C GLY A 186 21.19 36.53 12.09
N GLY A 187 22.49 36.67 12.36
CA GLY A 187 23.24 35.62 13.02
C GLY A 187 22.71 35.25 14.40
N THR A 188 22.02 36.19 15.06
CA THR A 188 21.43 35.96 16.36
C THR A 188 19.94 35.63 16.31
N GLY A 189 19.36 35.61 15.11
CA GLY A 189 17.93 35.39 14.97
C GLY A 189 17.55 33.93 14.81
N LEU A 190 17.75 33.13 15.86
CA LEU A 190 17.43 31.70 15.79
C LEU A 190 15.93 31.48 15.70
N ALA A 191 15.18 32.00 16.68
CA ALA A 191 13.72 31.85 16.66
C ALA A 191 13.09 32.60 15.49
N ASP A 192 13.69 33.71 15.07
CA ASP A 192 13.16 34.46 13.93
C ASP A 192 13.19 33.62 12.66
N ALA A 193 14.31 32.94 12.43
CA ALA A 193 14.38 32.03 11.27
C ALA A 193 13.41 30.88 11.43
N MET A 194 13.24 30.39 12.66
CA MET A 194 12.35 29.25 12.87
C MET A 194 10.90 29.62 12.58
N SER A 195 10.51 30.87 12.77
CA SER A 195 9.14 31.30 12.47
C SER A 195 8.89 31.38 10.97
N ILE A 196 9.93 31.52 10.15
CA ILE A 196 9.77 31.64 8.71
C ILE A 196 10.10 30.34 7.98
N ALA A 197 10.68 29.36 8.66
CA ALA A 197 10.92 28.06 8.06
C ALA A 197 9.67 27.40 7.47
N PRO A 198 8.50 27.41 8.12
CA PRO A 198 7.32 26.83 7.48
C PRO A 198 6.87 27.57 6.23
N VAL A 199 7.10 28.89 6.17
CA VAL A 199 6.74 29.64 4.97
C VAL A 199 7.74 29.36 3.85
N ALA A 200 9.04 29.48 4.16
CA ALA A 200 10.08 29.22 3.17
C ALA A 200 9.96 27.84 2.55
N SER A 201 9.57 26.85 3.35
CA SER A 201 9.53 25.47 2.87
C SER A 201 8.35 25.20 1.94
N GLN A 202 7.44 26.14 1.75
CA GLN A 202 6.31 25.92 0.86
C GLN A 202 6.78 25.82 -0.59
N LEU A 203 6.16 24.90 -1.33
CA LEU A 203 6.52 24.63 -2.72
C LEU A 203 5.57 25.38 -3.65
N LYS A 204 6.13 26.26 -4.49
CA LYS A 204 5.35 27.11 -5.37
C LYS A 204 5.94 27.09 -6.78
N ASP A 205 5.05 27.06 -7.77
CA ASP A 205 5.45 27.16 -9.16
C ASP A 205 5.89 28.59 -9.47
N SER A 206 6.28 28.82 -10.73
CA SER A 206 6.80 30.12 -11.13
C SER A 206 5.76 31.23 -11.09
N ASN A 207 4.48 30.90 -10.90
CA ASN A 207 3.41 31.90 -10.79
C ASN A 207 2.91 32.05 -9.35
N GLY A 208 3.65 31.54 -8.38
CA GLY A 208 3.33 31.75 -6.98
C GLY A 208 2.16 30.95 -6.45
N ASN A 209 1.80 29.85 -7.09
CA ASN A 209 0.73 28.99 -6.61
C ASN A 209 1.33 27.74 -5.96
N MET A 210 0.58 27.17 -5.02
CA MET A 210 1.04 25.98 -4.32
C MET A 210 1.14 24.81 -5.29
N ASP A 211 2.25 24.08 -5.22
CA ASP A 211 2.46 22.94 -6.11
C ASP A 211 3.49 22.02 -5.44
N VAL A 212 2.99 20.96 -4.81
CA VAL A 212 3.88 20.05 -4.08
C VAL A 212 4.62 19.09 -4.99
N VAL A 213 4.18 18.94 -6.23
CA VAL A 213 4.84 18.05 -7.18
C VAL A 213 5.99 18.75 -7.89
N ASP A 214 5.74 19.94 -8.43
CA ASP A 214 6.72 20.65 -9.26
C ASP A 214 7.27 21.91 -8.63
N GLY A 215 6.75 22.35 -7.50
CA GLY A 215 7.15 23.63 -6.94
C GLY A 215 8.55 23.62 -6.36
N ASP A 216 9.04 24.82 -6.06
CA ASP A 216 10.37 25.03 -5.50
C ASP A 216 10.24 25.72 -4.15
N ALA A 217 11.27 25.52 -3.32
CA ALA A 217 11.33 26.15 -2.01
C ALA A 217 11.99 27.52 -2.11
N THR A 218 12.01 28.23 -0.99
CA THR A 218 12.59 29.56 -0.91
C THR A 218 13.80 29.53 0.03
N PRO A 219 15.00 29.80 -0.46
CA PRO A 219 16.19 29.66 0.39
C PRO A 219 16.21 30.69 1.51
N ILE A 220 16.92 30.34 2.58
CA ILE A 220 17.15 31.24 3.71
C ILE A 220 18.64 31.46 3.83
N VAL A 221 19.05 32.72 4.02
CA VAL A 221 20.45 33.09 4.10
C VAL A 221 20.69 33.82 5.42
N VAL A 222 21.74 33.43 6.13
CA VAL A 222 22.14 34.06 7.39
C VAL A 222 23.30 35.01 7.12
N VAL A 223 23.15 36.26 7.56
CA VAL A 223 24.18 37.28 7.39
C VAL A 223 24.59 37.80 8.78
N ASP A 224 25.73 38.49 8.81
CA ASP A 224 26.23 39.10 10.05
C ASP A 224 25.70 40.54 10.09
N GLY A 225 24.61 40.74 10.83
CA GLY A 225 23.96 42.03 10.92
C GLY A 225 24.60 43.04 11.84
N LYS A 226 25.78 42.73 12.36
CA LYS A 226 26.55 43.67 13.17
C LYS A 226 27.72 44.27 12.40
N ALA A 227 27.61 44.33 11.08
CA ALA A 227 28.60 44.95 10.21
C ALA A 227 28.00 46.19 9.57
N LYS A 228 28.74 46.79 8.64
CA LYS A 228 28.26 47.93 7.87
C LYS A 228 27.85 47.55 6.46
N ASP A 229 28.16 46.33 6.03
CA ASP A 229 27.94 45.92 4.65
C ASP A 229 27.81 44.40 4.62
N ILE A 230 27.57 43.86 3.44
CA ILE A 230 27.54 42.42 3.22
C ILE A 230 28.75 42.03 2.38
N ASN A 231 29.23 40.81 2.60
CA ASN A 231 30.42 40.34 1.92
C ASN A 231 30.11 39.97 0.47
N ALA A 232 31.17 39.68 -0.30
CA ALA A 232 31.01 39.44 -1.73
C ALA A 232 30.25 38.15 -1.98
N ALA A 233 30.62 37.08 -1.29
CA ALA A 233 29.95 35.79 -1.47
C ALA A 233 28.44 35.92 -1.32
N THR A 234 28.00 36.57 -0.25
CA THR A 234 26.58 36.83 -0.05
C THR A 234 26.01 37.65 -1.22
N GLU A 235 26.68 38.76 -1.56
CA GLU A 235 26.21 39.61 -2.64
C GLU A 235 26.13 38.86 -3.96
N ASP A 236 27.10 37.97 -4.23
CA ASP A 236 27.06 37.17 -5.45
C ASP A 236 25.84 36.26 -5.48
N PHE A 237 25.50 35.66 -4.34
CA PHE A 237 24.35 34.76 -4.28
C PHE A 237 23.05 35.48 -4.61
N LEU A 238 22.75 36.56 -3.87
CA LEU A 238 21.42 37.16 -3.95
C LEU A 238 21.07 37.66 -5.34
N ASP A 239 22.05 38.17 -6.09
CA ASP A 239 21.84 38.62 -7.46
C ASP A 239 20.80 39.72 -7.51
N ASN A 240 19.62 39.45 -8.09
CA ASN A 240 18.55 40.44 -8.20
C ASN A 240 17.22 39.83 -7.75
N ALA A 241 17.20 39.25 -6.56
CA ALA A 241 16.02 38.55 -6.05
C ALA A 241 15.36 39.39 -4.95
N GLN A 242 14.02 39.33 -4.91
CA GLN A 242 13.27 40.01 -3.85
C GLN A 242 13.61 39.42 -2.48
N VAL A 243 14.01 40.29 -1.57
CA VAL A 243 14.51 39.88 -0.25
C VAL A 243 13.48 40.21 0.80
N ASP A 244 13.24 39.25 1.70
CA ASP A 244 12.42 39.45 2.88
C ASP A 244 13.30 39.23 4.11
N ILE A 245 13.42 40.26 4.94
CA ILE A 245 14.21 40.19 6.17
C ILE A 245 13.28 39.84 7.32
N ILE A 246 13.69 38.90 8.15
CA ILE A 246 12.89 38.44 9.29
C ILE A 246 13.67 38.80 10.55
N GLY A 247 13.26 39.84 11.22
CA GLY A 247 13.91 40.29 12.44
C GLY A 247 13.99 41.81 12.52
N GLY A 248 14.27 42.30 13.72
CA GLY A 248 14.31 43.73 13.98
C GLY A 248 15.62 44.36 13.53
N GLU A 249 15.75 45.65 13.87
CA GLU A 249 16.95 46.40 13.51
C GLU A 249 18.16 45.95 14.34
N ASN A 250 17.93 45.46 15.55
CA ASN A 250 19.01 44.95 16.40
C ASN A 250 19.53 43.59 15.94
N SER A 251 18.95 43.01 14.89
CA SER A 251 19.44 41.77 14.28
C SER A 251 19.96 42.01 12.87
N VAL A 252 19.19 42.69 12.03
CA VAL A 252 19.63 43.14 10.71
C VAL A 252 19.43 44.64 10.67
N SER A 253 20.53 45.39 10.66
CA SER A 253 20.49 46.83 10.78
C SER A 253 20.02 47.48 9.47
N LYS A 254 19.86 48.80 9.50
CA LYS A 254 19.38 49.54 8.34
C LYS A 254 20.42 49.64 7.23
N ASP A 255 21.71 49.65 7.59
CA ASP A 255 22.75 49.75 6.56
C ASP A 255 22.92 48.45 5.78
N ILE A 256 22.74 47.30 6.42
CA ILE A 256 22.69 46.04 5.66
C ILE A 256 21.46 46.04 4.77
N GLU A 257 20.33 46.54 5.28
CA GLU A 257 19.13 46.63 4.46
C GLU A 257 19.37 47.49 3.22
N GLU A 258 19.99 48.67 3.41
CA GLU A 258 20.33 49.52 2.28
C GLU A 258 21.30 48.81 1.33
N ALA A 259 22.28 48.09 1.88
CA ALA A 259 23.23 47.35 1.04
C ALA A 259 22.51 46.36 0.14
N ILE A 260 21.52 45.63 0.67
CA ILE A 260 20.75 44.70 -0.14
C ILE A 260 19.91 45.43 -1.18
N ASP A 261 19.42 46.64 -0.85
CA ASP A 261 18.64 47.43 -1.80
C ASP A 261 19.45 47.76 -3.04
N ASP A 262 20.70 48.20 -2.85
CA ASP A 262 21.54 48.63 -3.95
C ASP A 262 22.10 47.45 -4.73
N ALA A 263 22.49 46.38 -4.04
CA ALA A 263 23.04 45.21 -4.71
C ALA A 263 21.98 44.52 -5.56
N THR A 264 20.77 44.41 -5.04
CA THR A 264 19.67 43.76 -5.75
C THR A 264 18.95 44.69 -6.71
N GLY A 265 18.79 45.96 -6.33
CA GLY A 265 17.95 46.85 -7.10
C GLY A 265 16.49 46.70 -6.77
N LYS A 266 16.16 46.23 -5.57
CA LYS A 266 14.78 45.97 -5.18
C LYS A 266 14.66 46.19 -3.69
N GLU A 267 13.74 47.06 -3.29
CA GLU A 267 13.61 47.44 -1.88
C GLU A 267 13.25 46.22 -1.03
N PRO A 268 14.05 45.88 -0.03
CA PRO A 268 13.76 44.69 0.77
C PRO A 268 12.59 44.92 1.72
N ASN A 269 11.74 43.90 1.84
CA ASN A 269 10.68 43.91 2.83
C ASN A 269 11.21 43.42 4.18
N ARG A 270 10.44 43.70 5.24
CA ARG A 270 10.84 43.29 6.57
C ARG A 270 9.63 43.00 7.43
N THR A 271 9.65 41.84 8.08
CA THR A 271 8.68 41.47 9.10
C THR A 271 9.40 41.33 10.43
N SER A 272 8.92 42.03 11.46
CA SER A 272 9.63 42.06 12.72
C SER A 272 8.66 42.43 13.84
N GLY A 273 8.95 41.92 15.02
CA GLY A 273 8.21 42.25 16.23
C GLY A 273 9.11 42.78 17.32
N ASP A 274 8.59 42.90 18.54
CA ASP A 274 9.38 43.41 19.65
C ASP A 274 10.23 42.32 20.31
N ASP A 275 9.78 41.07 20.29
CA ASP A 275 10.54 39.96 20.84
C ASP A 275 10.34 38.74 19.95
N ARG A 276 10.84 37.58 20.40
CA ARG A 276 10.73 36.36 19.61
C ARG A 276 9.26 36.01 19.34
N GLN A 277 8.41 36.10 20.36
CA GLN A 277 7.02 35.70 20.21
C GLN A 277 6.22 36.70 19.38
N ASP A 278 6.55 37.99 19.49
CA ASP A 278 5.88 38.99 18.67
C ASP A 278 6.23 38.81 17.20
N THR A 279 7.50 38.51 16.90
CA THR A 279 7.89 38.27 15.51
C THR A 279 7.19 37.02 14.97
N ASN A 280 7.06 35.99 15.79
CA ASN A 280 6.27 34.82 15.41
C ASN A 280 4.85 35.23 15.04
N ALA A 281 4.22 36.07 15.86
CA ALA A 281 2.86 36.53 15.58
C ALA A 281 2.79 37.34 14.30
N GLU A 282 3.82 38.15 14.02
CA GLU A 282 3.82 39.00 12.83
C GLU A 282 3.82 38.17 11.55
N VAL A 283 4.53 37.03 11.56
CA VAL A 283 4.55 36.15 10.40
C VAL A 283 3.14 35.67 10.07
N MET A 284 2.38 35.31 11.11
CA MET A 284 0.99 34.90 10.92
C MET A 284 0.15 36.03 10.35
N LYS A 285 0.45 37.27 10.75
CA LYS A 285 -0.36 38.41 10.32
C LYS A 285 -0.05 38.86 8.90
N GLU A 286 1.13 38.51 8.36
CA GLU A 286 1.50 38.91 7.02
C GLU A 286 0.68 38.15 5.99
N THR A 287 0.00 38.88 5.10
CA THR A 287 -0.89 38.26 4.12
C THR A 287 -0.13 37.57 3.00
N ASP A 288 1.11 37.97 2.72
CA ASP A 288 1.91 37.29 1.72
C ASP A 288 2.21 35.86 2.14
N TYR A 289 2.25 35.59 3.43
CA TYR A 289 2.59 34.29 3.97
C TYR A 289 1.35 33.44 4.28
N PHE A 290 0.40 34.00 5.04
CA PHE A 290 -0.84 33.32 5.38
C PHE A 290 -1.99 34.30 5.19
N GLU A 291 -2.78 34.08 4.14
CA GLU A 291 -3.88 34.98 3.82
C GLU A 291 -4.91 34.97 4.94
N LYS A 292 -5.62 36.10 5.09
CA LYS A 292 -6.53 36.28 6.21
C LYS A 292 -7.69 35.28 6.14
N ALA A 293 -7.99 34.66 7.28
CA ALA A 293 -9.16 33.78 7.44
C ALA A 293 -9.14 32.62 6.44
N SER A 294 -8.00 31.94 6.37
CA SER A 294 -7.89 30.82 5.42
C SER A 294 -6.97 29.71 5.89
N VAL A 295 -6.56 29.67 7.15
CA VAL A 295 -5.66 28.66 7.69
C VAL A 295 -6.48 27.69 8.53
N GLU A 296 -6.22 26.39 8.34
CA GLU A 296 -6.99 25.33 8.97
C GLU A 296 -6.18 24.45 9.92
N ASN A 297 -4.86 24.34 9.69
CA ASN A 297 -4.01 23.46 10.48
C ASN A 297 -2.94 24.29 11.18
N TYR A 298 -2.57 23.89 12.39
CA TYR A 298 -1.60 24.64 13.19
C TYR A 298 -0.64 23.70 13.90
N PHE A 299 0.62 24.12 14.01
CA PHE A 299 1.64 23.39 14.75
C PHE A 299 2.10 24.22 15.95
N VAL A 300 2.52 23.54 17.01
CA VAL A 300 2.98 24.19 18.22
C VAL A 300 4.30 23.55 18.64
N ALA A 301 5.28 24.38 18.99
CA ALA A 301 6.58 23.91 19.45
C ALA A 301 7.12 24.90 20.47
N LYS A 302 8.23 24.52 21.10
CA LYS A 302 8.84 25.36 22.13
C LYS A 302 9.58 26.52 21.49
N ASP A 303 9.71 27.61 22.25
CA ASP A 303 10.35 28.83 21.77
C ASP A 303 11.83 28.93 22.15
N GLY A 304 12.33 28.04 22.99
CA GLY A 304 13.72 28.10 23.39
C GLY A 304 14.07 29.28 24.27
N SER A 305 13.13 29.70 25.14
CA SER A 305 13.42 30.80 26.05
C SER A 305 14.47 30.40 27.09
N THR A 306 14.43 29.14 27.54
CA THR A 306 15.38 28.66 28.54
C THR A 306 16.68 28.18 27.92
N LYS A 307 16.60 27.45 26.81
CA LYS A 307 17.78 26.98 26.09
C LYS A 307 17.51 27.05 24.60
N GLU A 308 18.41 27.71 23.87
CA GLU A 308 18.18 27.98 22.45
C GLU A 308 18.19 26.70 21.62
N ASP A 309 18.94 25.68 22.04
CA ASP A 309 19.06 24.46 21.26
C ASP A 309 17.75 23.72 21.09
N GLN A 310 16.75 24.00 21.92
CA GLN A 310 15.46 23.33 21.81
C GLN A 310 14.66 23.73 20.58
N LEU A 311 15.13 24.70 19.80
CA LEU A 311 14.45 25.06 18.56
C LEU A 311 14.48 23.95 17.52
N VAL A 312 15.28 22.90 17.73
CA VAL A 312 15.37 21.81 16.76
C VAL A 312 14.03 21.13 16.54
N ASP A 313 13.16 21.13 17.55
CA ASP A 313 11.84 20.52 17.40
C ASP A 313 11.07 21.16 16.25
N ALA A 314 11.04 22.49 16.21
CA ALA A 314 10.41 23.18 15.08
C ALA A 314 11.20 22.96 13.79
N LEU A 315 12.52 22.82 13.89
CA LEU A 315 13.34 22.58 12.71
C LEU A 315 12.89 21.31 11.99
N ALA A 316 12.63 20.24 12.74
CA ALA A 316 12.22 18.98 12.12
C ALA A 316 10.78 19.02 11.64
N ALA A 317 9.93 19.82 12.29
CA ALA A 317 8.51 19.85 11.95
C ALA A 317 8.17 20.81 10.82
N ALA A 318 9.02 21.80 10.55
CA ALA A 318 8.73 22.81 9.53
C ALA A 318 8.45 22.23 8.15
N PRO A 319 9.22 21.27 7.62
CA PRO A 319 8.88 20.71 6.30
C PRO A 319 7.52 20.04 6.27
N VAL A 320 7.09 19.43 7.38
CA VAL A 320 5.77 18.78 7.43
C VAL A 320 4.67 19.83 7.36
N ALA A 321 4.78 20.88 8.18
CA ALA A 321 3.77 21.92 8.21
C ALA A 321 3.60 22.59 6.85
N ALA A 322 4.66 22.67 6.05
CA ALA A 322 4.58 23.35 4.77
C ALA A 322 3.84 22.53 3.71
N ASN A 323 3.60 21.25 3.94
CA ASN A 323 2.98 20.38 2.95
C ASN A 323 1.78 19.65 3.51
N PHE A 324 1.24 20.13 4.62
CA PHE A 324 0.14 19.43 5.29
C PHE A 324 -1.13 19.51 4.44
N GLY A 325 -1.88 18.41 4.40
CA GLY A 325 -3.11 18.32 3.65
C GLY A 325 -3.00 17.49 2.39
N ALA A 326 -1.82 17.42 1.79
CA ALA A 326 -1.57 16.64 0.59
C ALA A 326 -0.66 15.46 0.91
N THR A 327 -0.57 14.53 -0.04
CA THR A 327 0.28 13.36 0.12
C THR A 327 0.98 13.07 -1.21
N TYR A 328 2.29 12.87 -1.15
CA TYR A 328 3.11 12.61 -2.32
C TYR A 328 3.09 11.12 -2.63
N THR A 329 2.70 10.75 -3.84
CA THR A 329 2.56 9.35 -4.21
C THR A 329 2.89 9.17 -5.69
N LYS A 330 2.84 7.92 -6.15
CA LYS A 330 3.07 7.56 -7.54
C LYS A 330 1.86 6.81 -8.09
N ASN A 331 1.83 6.72 -9.43
CA ASN A 331 0.90 5.88 -10.19
C ASN A 331 1.66 5.42 -11.44
N GLY A 332 2.44 4.35 -11.27
CA GLY A 332 3.35 3.92 -12.31
C GLY A 332 4.67 4.66 -12.19
N SER A 333 5.13 5.23 -13.31
CA SER A 333 6.34 6.06 -13.33
C SER A 333 6.01 7.55 -13.28
N THR A 334 4.85 7.90 -12.73
CA THR A 334 4.39 9.29 -12.67
C THR A 334 4.18 9.68 -11.21
N TYR A 335 4.85 10.75 -10.78
CA TYR A 335 4.63 11.30 -9.46
C TYR A 335 3.42 12.23 -9.47
N THR A 336 2.62 12.15 -8.42
CA THR A 336 1.46 13.02 -8.28
C THR A 336 1.16 13.21 -6.79
N LYS A 337 0.14 14.00 -6.51
CA LYS A 337 -0.28 14.27 -5.14
C LYS A 337 -1.67 13.70 -4.90
N SER A 338 -2.07 13.66 -3.63
CA SER A 338 -3.35 13.12 -3.24
C SER A 338 -3.97 14.07 -2.21
N GLY A 339 -5.00 14.80 -2.62
CA GLY A 339 -5.64 15.77 -1.75
C GLY A 339 -5.31 17.21 -2.16
N ASN A 340 -5.38 18.12 -1.20
CA ASN A 340 -5.09 19.53 -1.45
C ASN A 340 -4.28 20.09 -0.30
N VAL A 341 -3.35 21.00 -0.63
CA VAL A 341 -2.40 21.52 0.34
C VAL A 341 -3.02 22.66 1.12
N SER A 342 -2.66 22.75 2.40
CA SER A 342 -3.13 23.83 3.27
C SER A 342 -2.05 24.05 4.32
N PRO A 343 -1.00 24.79 3.98
CA PRO A 343 0.16 24.89 4.87
C PRO A 343 -0.19 25.41 6.25
N ALA A 344 0.65 25.06 7.22
CA ALA A 344 0.43 25.41 8.61
C ALA A 344 1.62 26.21 9.16
N PRO A 345 1.37 27.18 10.03
CA PRO A 345 2.47 27.84 10.74
C PRO A 345 2.87 27.07 11.99
N ILE A 346 4.00 27.47 12.56
CA ILE A 346 4.48 26.93 13.83
C ILE A 346 4.40 28.04 14.86
N VAL A 347 3.60 27.83 15.90
CA VAL A 347 3.51 28.75 17.02
C VAL A 347 4.57 28.38 18.04
N LEU A 348 5.35 29.36 18.48
CA LEU A 348 6.47 29.14 19.39
C LEU A 348 6.06 29.62 20.78
N ALA A 349 5.95 28.69 21.73
CA ALA A 349 5.56 29.00 23.10
C ALA A 349 5.80 27.83 24.03
N THR A 350 6.51 28.07 25.13
CA THR A 350 6.80 27.04 26.11
C THR A 350 5.94 27.15 27.36
N ASP A 351 5.89 28.33 27.99
CA ASP A 351 5.13 28.52 29.22
C ASP A 351 3.84 29.29 29.01
N THR A 352 3.89 30.41 28.28
CA THR A 352 2.70 31.22 28.06
C THR A 352 2.63 31.63 26.58
N LEU A 353 1.47 32.12 26.19
CA LEU A 353 1.20 32.53 24.81
C LEU A 353 0.90 34.02 24.80
N SER A 354 1.71 34.77 24.06
CA SER A 354 1.57 36.22 24.03
C SER A 354 0.28 36.63 23.34
N GLY A 355 -0.24 37.79 23.74
CA GLY A 355 -1.46 38.30 23.15
C GLY A 355 -1.32 38.58 21.67
N ASP A 356 -0.13 39.01 21.24
CA ASP A 356 0.15 39.17 19.82
C ASP A 356 -0.16 37.89 19.06
N GLN A 357 0.27 36.75 19.60
CA GLN A 357 0.03 35.46 18.96
C GLN A 357 -1.46 35.14 18.91
N ASN A 358 -2.21 35.54 19.95
CA ASN A 358 -3.65 35.33 19.94
C ASN A 358 -4.31 36.02 18.77
N VAL A 359 -3.90 37.26 18.47
CA VAL A 359 -4.46 37.97 17.33
C VAL A 359 -4.03 37.29 16.04
N GLY A 360 -2.78 36.86 15.97
CA GLY A 360 -2.29 36.16 14.78
C GLY A 360 -3.12 34.96 14.42
N VAL A 361 -3.42 34.10 15.39
CA VAL A 361 -4.18 32.89 15.10
C VAL A 361 -5.61 33.22 14.74
N SER A 362 -6.22 34.17 15.46
CA SER A 362 -7.61 34.54 15.20
C SER A 362 -7.80 35.12 13.79
N LYS A 363 -6.82 35.89 13.32
CA LYS A 363 -6.90 36.44 11.97
C LYS A 363 -6.73 35.35 10.93
N SER A 364 -5.75 34.46 11.13
CA SER A 364 -5.42 33.48 10.09
C SER A 364 -6.45 32.38 9.99
N VAL A 365 -7.06 31.97 11.12
CA VAL A 365 -7.96 30.83 11.11
C VAL A 365 -9.20 31.14 10.27
N SER A 366 -9.68 30.14 9.55
CA SER A 366 -10.88 30.30 8.75
C SER A 366 -12.11 30.41 9.64
N ASP A 367 -13.20 30.90 9.06
CA ASP A 367 -14.43 31.08 9.81
C ASP A 367 -15.04 29.76 10.27
N ASP A 368 -14.73 28.66 9.60
CA ASP A 368 -15.27 27.36 9.96
C ASP A 368 -14.51 26.70 11.11
N GLY A 369 -13.35 27.23 11.49
CA GLY A 369 -12.58 26.71 12.60
C GLY A 369 -11.37 25.90 12.15
N GLY A 370 -10.63 25.43 13.14
CA GLY A 370 -9.44 24.64 12.87
C GLY A 370 -9.77 23.18 12.59
N LYS A 371 -8.98 22.58 11.68
CA LYS A 371 -9.11 21.17 11.36
C LYS A 371 -8.15 20.30 12.15
N ASN A 372 -6.88 20.71 12.24
CA ASN A 372 -5.86 19.89 12.88
C ASN A 372 -4.96 20.76 13.76
N LEU A 373 -4.61 20.23 14.92
CA LEU A 373 -3.66 20.86 15.82
C LEU A 373 -2.64 19.83 16.27
N VAL A 374 -1.36 20.07 16.00
CA VAL A 374 -0.29 19.12 16.29
C VAL A 374 0.68 19.75 17.28
N GLN A 375 0.96 19.02 18.36
CA GLN A 375 1.92 19.44 19.38
C GLN A 375 3.22 18.66 19.19
N VAL A 376 4.29 19.38 18.83
CA VAL A 376 5.59 18.76 18.57
C VAL A 376 6.42 18.78 19.84
N GLY A 377 6.73 17.60 20.37
CA GLY A 377 7.67 17.46 21.46
C GLY A 377 7.02 17.62 22.83
N LYS A 378 7.81 17.34 23.86
CA LYS A 378 7.39 17.44 25.24
C LYS A 378 7.89 18.75 25.86
N GLY A 379 7.31 19.10 27.01
CA GLY A 379 7.69 20.28 27.75
C GLY A 379 6.70 21.44 27.62
N ILE A 380 5.85 21.42 26.59
CA ILE A 380 4.90 22.50 26.40
C ILE A 380 3.80 22.43 27.45
N ALA A 381 3.46 23.58 28.04
CA ALA A 381 2.44 23.62 29.07
C ALA A 381 1.05 23.44 28.48
N SER A 382 0.19 22.72 29.21
CA SER A 382 -1.16 22.48 28.73
C SER A 382 -2.01 23.74 28.72
N SER A 383 -1.59 24.79 29.45
CA SER A 383 -2.30 26.07 29.40
C SER A 383 -2.34 26.62 27.98
N VAL A 384 -1.20 26.61 27.28
CA VAL A 384 -1.18 27.16 25.93
C VAL A 384 -1.93 26.25 24.97
N ILE A 385 -1.97 24.94 25.24
CA ILE A 385 -2.68 24.02 24.35
C ILE A 385 -4.18 24.23 24.46
N SER A 386 -4.69 24.39 25.68
CA SER A 386 -6.12 24.67 25.84
C SER A 386 -6.48 26.02 25.23
N LYS A 387 -5.62 27.03 25.41
CA LYS A 387 -5.86 28.33 24.80
C LYS A 387 -5.88 28.24 23.27
N MET A 388 -4.99 27.42 22.70
CA MET A 388 -4.98 27.23 21.25
C MET A 388 -6.23 26.47 20.80
N LYS A 389 -6.64 25.47 21.57
CA LYS A 389 -7.85 24.73 21.24
C LYS A 389 -9.08 25.64 21.24
N ASP A 390 -9.16 26.54 22.22
CA ASP A 390 -10.27 27.48 22.27
C ASP A 390 -10.22 28.45 21.09
N LEU A 391 -9.03 28.97 20.77
CA LEU A 391 -8.89 29.88 19.64
C LEU A 391 -9.30 29.23 18.32
N LEU A 392 -9.11 27.91 18.19
CA LEU A 392 -9.41 27.19 16.96
C LEU A 392 -10.81 26.58 16.93
N ASP A 393 -11.60 26.75 18.01
CA ASP A 393 -12.90 26.09 18.16
C ASP A 393 -12.74 24.56 18.08
N MET A 394 -11.94 24.04 19.03
CA MET A 394 -11.58 22.63 19.05
C MET A 394 -11.53 22.14 20.50
N THR B 1 14.91 -2.73 -10.66
CA THR B 1 15.36 -1.36 -10.87
C THR B 1 15.57 -1.09 -12.36
N ASP B 2 15.59 0.19 -12.72
CA ASP B 2 15.79 0.61 -14.09
C ASP B 2 17.27 0.85 -14.37
N ILE B 3 17.64 0.74 -15.66
CA ILE B 3 19.05 0.81 -16.05
C ILE B 3 19.64 2.17 -15.73
N GLU B 4 18.82 3.23 -15.72
CA GLU B 4 19.32 4.56 -15.37
C GLU B 4 19.74 4.67 -13.91
N ASN B 5 19.46 3.65 -13.08
CA ASN B 5 19.74 3.71 -11.67
C ASN B 5 20.68 2.60 -11.18
N VAL B 6 21.13 1.71 -12.06
CA VAL B 6 22.04 0.63 -11.62
C VAL B 6 23.38 1.24 -11.24
N PRO B 7 24.07 0.70 -10.22
CA PRO B 7 25.33 1.33 -9.79
C PRO B 7 26.51 1.01 -10.70
N ALA B 8 26.47 -0.14 -11.39
CA ALA B 8 27.65 -0.59 -12.12
C ALA B 8 27.23 -1.51 -13.24
N LYS B 9 28.18 -1.75 -14.16
CA LYS B 9 28.02 -2.69 -15.26
C LYS B 9 29.20 -3.65 -15.19
N ILE B 10 28.94 -4.89 -14.78
CA ILE B 10 29.99 -5.89 -14.63
C ILE B 10 30.08 -6.73 -15.89
N VAL B 11 31.29 -6.87 -16.41
CA VAL B 11 31.57 -7.68 -17.60
C VAL B 11 32.48 -8.83 -17.19
N LEU B 12 32.02 -10.05 -17.40
CA LEU B 12 32.75 -11.25 -17.00
C LEU B 12 33.37 -11.93 -18.22
N LYS B 13 34.68 -12.15 -18.15
CA LYS B 13 35.42 -12.83 -19.20
C LYS B 13 35.98 -14.16 -18.68
N ALA B 14 35.92 -15.19 -19.50
CA ALA B 14 36.46 -16.49 -19.16
C ALA B 14 36.87 -17.21 -20.43
N ASP B 15 37.85 -18.11 -20.29
CA ASP B 15 38.32 -18.89 -21.43
C ASP B 15 37.39 -20.07 -21.72
N LYS B 16 37.17 -20.93 -20.73
CA LYS B 16 36.42 -22.15 -20.91
C LYS B 16 35.02 -22.04 -20.31
N GLN B 17 34.08 -22.78 -20.92
CA GLN B 17 32.68 -22.71 -20.53
C GLN B 17 32.47 -23.13 -19.08
N LYS B 18 33.24 -24.10 -18.61
CA LYS B 18 33.06 -24.60 -17.25
C LYS B 18 33.38 -23.54 -16.21
N ASP B 19 34.52 -22.87 -16.35
CA ASP B 19 34.94 -21.91 -15.33
C ASP B 19 33.98 -20.72 -15.25
N MET B 20 33.29 -20.40 -16.35
CA MET B 20 32.31 -19.31 -16.33
C MET B 20 31.04 -19.72 -15.59
N LYS B 21 30.53 -20.91 -15.88
CA LYS B 21 29.34 -21.42 -15.22
C LYS B 21 29.57 -21.58 -13.71
N ASP B 22 30.75 -22.06 -13.32
CA ASP B 22 31.04 -22.24 -11.90
C ASP B 22 31.10 -20.92 -11.17
N TYR B 23 31.56 -19.85 -11.84
CA TYR B 23 31.55 -18.51 -11.24
C TYR B 23 30.13 -18.03 -10.99
N ILE B 24 29.25 -18.20 -11.98
CA ILE B 24 27.85 -17.82 -11.82
C ILE B 24 27.22 -18.59 -10.67
N ASP B 25 27.51 -19.89 -10.58
CA ASP B 25 26.92 -20.71 -9.52
C ASP B 25 27.38 -20.23 -8.14
N ASP B 26 28.67 -19.95 -7.97
CA ASP B 26 29.15 -19.44 -6.69
C ASP B 26 28.55 -18.07 -6.40
N LEU B 27 28.45 -17.22 -7.42
CA LEU B 27 27.83 -15.91 -7.22
C LEU B 27 26.40 -16.04 -6.71
N ARG B 28 25.63 -16.96 -7.27
CA ARG B 28 24.27 -17.20 -6.79
C ARG B 28 24.27 -17.57 -5.31
N THR B 29 25.16 -18.49 -4.91
CA THR B 29 25.18 -18.97 -3.53
C THR B 29 25.45 -17.85 -2.54
N TYR B 30 26.50 -17.06 -2.79
CA TYR B 30 26.85 -15.98 -1.86
C TYR B 30 25.85 -14.83 -1.93
N ASN B 31 25.26 -14.58 -3.10
CA ASN B 31 24.22 -13.56 -3.20
C ASN B 31 23.04 -13.89 -2.29
N ASN B 32 22.56 -15.14 -2.36
CA ASN B 32 21.47 -15.57 -1.50
C ASN B 32 21.89 -15.60 -0.03
N SER B 33 23.11 -16.07 0.24
CA SER B 33 23.56 -16.18 1.62
C SER B 33 23.57 -14.83 2.33
N TYR B 34 24.23 -13.83 1.73
CA TYR B 34 24.36 -12.53 2.39
C TYR B 34 23.01 -11.84 2.53
N SER B 35 22.06 -12.15 1.64
CA SER B 35 20.75 -11.53 1.67
C SER B 35 19.83 -12.16 2.72
N ASN B 36 19.77 -13.49 2.76
CA ASN B 36 18.68 -14.19 3.43
C ASN B 36 19.10 -14.97 4.67
N VAL B 37 20.32 -14.77 5.18
CA VAL B 37 20.70 -15.31 6.47
C VAL B 37 20.54 -14.19 7.48
N VAL B 38 19.41 -14.17 8.18
CA VAL B 38 19.03 -13.06 9.05
C VAL B 38 18.95 -13.56 10.49
N THR B 39 18.96 -12.60 11.42
CA THR B 39 18.82 -12.89 12.84
C THR B 39 17.83 -11.88 13.42
N VAL B 40 16.69 -12.37 13.90
CA VAL B 40 15.65 -11.51 14.47
C VAL B 40 15.72 -11.69 15.98
N ALA B 41 16.35 -10.73 16.66
CA ALA B 41 16.61 -10.83 18.08
C ALA B 41 16.42 -9.49 18.74
N GLY B 42 15.93 -9.51 19.98
CA GLY B 42 15.74 -8.31 20.77
C GLY B 42 16.54 -8.41 22.04
N GLU B 43 16.36 -7.46 22.95
CA GLU B 43 17.18 -7.46 24.16
C GLU B 43 16.70 -8.50 25.17
N ASP B 44 15.39 -8.75 25.21
CA ASP B 44 14.83 -9.81 26.05
C ASP B 44 13.77 -10.55 25.24
N ARG B 45 13.20 -11.58 25.84
CA ARG B 45 12.20 -12.41 25.16
C ARG B 45 11.03 -11.55 24.66
N ILE B 46 10.63 -10.54 25.43
CA ILE B 46 9.48 -9.72 25.03
C ILE B 46 9.82 -8.90 23.80
N GLU B 47 11.02 -8.31 23.76
CA GLU B 47 11.44 -7.57 22.57
C GLU B 47 11.55 -8.47 21.34
N THR B 48 11.95 -9.73 21.54
CA THR B 48 12.14 -10.63 20.41
C THR B 48 10.83 -10.92 19.69
N ALA B 49 9.77 -11.19 20.46
CA ALA B 49 8.46 -11.42 19.85
C ALA B 49 7.97 -10.18 19.12
N ILE B 50 8.22 -9.00 19.68
CA ILE B 50 7.84 -7.75 19.01
C ILE B 50 8.60 -7.61 17.69
N GLU B 51 9.90 -7.92 17.70
CA GLU B 51 10.69 -7.84 16.48
C GLU B 51 10.12 -8.73 15.38
N LEU B 52 9.69 -9.94 15.75
CA LEU B 52 9.09 -10.84 14.78
C LEU B 52 7.78 -10.27 14.22
N SER B 53 6.96 -9.68 15.09
CA SER B 53 5.67 -9.15 14.65
C SER B 53 5.85 -7.94 13.74
N TYR B 54 6.78 -7.05 14.06
CA TYR B 54 7.03 -5.88 13.24
C TYR B 54 7.55 -6.26 11.86
N LYS B 55 8.35 -7.33 11.78
CA LYS B 55 8.96 -7.71 10.52
C LYS B 55 7.99 -8.45 9.60
N TYR B 56 7.18 -9.34 10.15
CA TYR B 56 6.43 -10.29 9.33
C TYR B 56 4.93 -10.03 9.26
N TYR B 57 4.39 -9.18 10.14
CA TYR B 57 2.95 -8.92 10.16
C TYR B 57 2.70 -7.44 9.89
N ASN B 58 1.75 -7.17 8.99
CA ASN B 58 1.39 -5.81 8.60
C ASN B 58 2.63 -5.03 8.18
N SER B 59 3.44 -5.64 7.32
CA SER B 59 4.77 -5.14 6.99
C SER B 59 4.99 -5.20 5.49
N ASP B 60 5.89 -4.35 5.01
CA ASP B 60 6.28 -4.32 3.60
C ASP B 60 7.57 -5.09 3.35
N ASP B 61 7.90 -6.05 4.22
CA ASP B 61 9.07 -6.88 4.02
C ASP B 61 8.82 -7.85 2.86
N ASP B 62 9.91 -8.19 2.17
CA ASP B 62 9.78 -9.08 1.02
C ASP B 62 9.27 -10.47 1.40
N ASN B 63 9.47 -10.89 2.64
CA ASN B 63 8.93 -12.16 3.10
C ASN B 63 8.04 -11.97 4.33
N ALA B 64 7.06 -11.08 4.24
CA ALA B 64 6.13 -10.88 5.34
C ALA B 64 5.01 -11.91 5.26
N VAL B 65 4.45 -12.24 6.41
CA VAL B 65 3.33 -13.18 6.45
C VAL B 65 2.03 -12.48 6.04
N THR B 66 1.86 -11.23 6.47
CA THR B 66 0.74 -10.41 6.04
C THR B 66 1.21 -8.98 5.86
N ASP B 67 0.60 -8.30 4.88
CA ASP B 67 0.90 -6.90 4.62
C ASP B 67 -0.34 -6.03 4.79
N ILE B 68 -1.37 -6.56 5.45
CA ILE B 68 -2.60 -5.84 5.74
C ILE B 68 -2.79 -5.81 7.26
N ALA B 69 -3.74 -5.00 7.70
CA ALA B 69 -4.00 -4.86 9.12
C ALA B 69 -4.55 -6.16 9.69
N ALA B 70 -4.01 -6.57 10.84
CA ALA B 70 -4.45 -7.78 11.50
C ALA B 70 -5.71 -7.49 12.32
N ASP B 71 -6.62 -8.45 12.35
CA ASP B 71 -7.84 -8.33 13.14
C ASP B 71 -7.74 -8.99 14.50
N ASN B 72 -6.89 -10.00 14.66
CA ASN B 72 -6.74 -10.73 15.91
C ASN B 72 -5.29 -10.67 16.38
N VAL B 73 -5.11 -10.90 17.68
CA VAL B 73 -3.78 -10.98 18.30
C VAL B 73 -3.84 -11.99 19.43
N VAL B 74 -2.82 -12.83 19.54
CA VAL B 74 -2.72 -13.84 20.59
C VAL B 74 -1.64 -13.40 21.57
N LEU B 75 -1.98 -13.41 22.87
CA LEU B 75 -1.08 -12.99 23.93
C LEU B 75 -0.79 -14.16 24.87
N VAL B 76 0.48 -14.32 25.23
CA VAL B 76 0.95 -15.38 26.11
C VAL B 76 1.88 -14.78 27.14
N GLY B 77 1.83 -15.32 28.36
CA GLY B 77 2.75 -14.87 29.40
C GLY B 77 4.18 -15.28 29.07
N SER B 78 5.11 -14.36 29.33
CA SER B 78 6.50 -14.58 28.94
C SER B 78 7.16 -15.71 29.71
N GLN B 79 6.61 -16.10 30.86
CA GLN B 79 7.17 -17.18 31.66
C GLN B 79 6.19 -18.35 31.79
N ALA B 80 5.20 -18.44 30.91
CA ALA B 80 4.16 -19.46 31.02
C ALA B 80 4.10 -20.33 29.77
N ILE B 81 5.21 -21.00 29.44
CA ILE B 81 5.20 -21.93 28.33
C ILE B 81 4.25 -23.10 28.57
N VAL B 82 3.98 -23.42 29.83
CA VAL B 82 3.09 -24.53 30.15
C VAL B 82 1.65 -24.21 29.75
N ASP B 83 1.22 -22.97 29.94
CA ASP B 83 -0.16 -22.59 29.64
C ASP B 83 -0.38 -22.40 28.14
N GLY B 84 0.43 -21.57 27.50
CA GLY B 84 0.27 -21.25 26.09
C GLY B 84 0.99 -22.22 25.17
N LEU B 85 1.23 -23.44 25.66
CA LEU B 85 2.03 -24.40 24.91
C LEU B 85 1.44 -24.70 23.54
N VAL B 86 0.12 -24.62 23.39
CA VAL B 86 -0.53 -25.01 22.15
C VAL B 86 -1.15 -23.79 21.46
N ALA B 87 -0.60 -22.61 21.73
CA ALA B 87 -1.18 -21.38 21.21
C ALA B 87 -0.78 -21.08 19.76
N SER B 88 0.28 -21.71 19.26
CA SER B 88 0.74 -21.43 17.90
C SER B 88 -0.29 -21.75 16.83
N PRO B 89 -0.96 -22.91 16.82
CA PRO B 89 -1.94 -23.16 15.74
C PRO B 89 -3.11 -22.19 15.73
N LEU B 90 -3.46 -21.61 16.88
CA LEU B 90 -4.53 -20.62 16.93
C LEU B 90 -4.13 -19.34 16.22
N ALA B 91 -2.97 -18.79 16.56
CA ALA B 91 -2.47 -17.58 15.91
C ALA B 91 -2.42 -17.74 14.39
N SER B 92 -1.99 -18.92 13.92
CA SER B 92 -1.83 -19.13 12.49
C SER B 92 -3.18 -19.18 11.77
N GLU B 93 -4.17 -19.86 12.36
CA GLU B 93 -5.48 -19.95 11.72
C GLU B 93 -6.22 -18.62 11.75
N LYS B 94 -6.00 -17.81 12.79
CA LYS B 94 -6.66 -16.53 12.91
C LYS B 94 -5.93 -15.42 12.16
N HIS B 95 -4.84 -15.75 11.45
CA HIS B 95 -4.05 -14.76 10.71
C HIS B 95 -3.55 -13.66 11.64
N ALA B 96 -2.90 -14.06 12.73
CA ALA B 96 -2.55 -13.17 13.81
C ALA B 96 -1.13 -13.47 14.28
N PRO B 97 -0.45 -12.48 14.85
CA PRO B 97 0.84 -12.72 15.50
C PRO B 97 0.65 -13.23 16.93
N LEU B 98 1.70 -13.87 17.43
CA LEU B 98 1.74 -14.32 18.82
C LEU B 98 2.77 -13.46 19.56
N LEU B 99 2.31 -12.73 20.57
CA LEU B 99 3.16 -11.82 21.31
C LEU B 99 3.23 -12.23 22.76
N LEU B 100 4.24 -11.72 23.46
CA LEU B 100 4.51 -12.05 24.84
C LEU B 100 4.42 -10.81 25.71
N THR B 101 3.85 -10.96 26.90
CA THR B 101 3.74 -9.90 27.87
C THR B 101 4.19 -10.41 29.23
N SER B 102 4.45 -9.46 30.13
CA SER B 102 4.73 -9.78 31.51
C SER B 102 3.44 -10.11 32.25
N LYS B 103 3.54 -10.93 33.29
CA LYS B 103 2.34 -11.41 33.98
C LYS B 103 1.56 -10.25 34.62
N ASP B 104 2.27 -9.29 35.21
CA ASP B 104 1.63 -8.26 36.01
C ASP B 104 1.16 -7.06 35.20
N LYS B 105 2.07 -6.44 34.44
CA LYS B 105 1.77 -5.22 33.71
C LYS B 105 1.83 -5.46 32.21
N LEU B 106 0.97 -4.76 31.48
CA LEU B 106 1.00 -4.78 30.02
C LEU B 106 2.13 -3.87 29.56
N ASP B 107 3.19 -4.45 29.04
CA ASP B 107 4.38 -3.68 28.68
C ASP B 107 4.03 -2.63 27.62
N SER B 108 4.68 -1.46 27.75
CA SER B 108 4.39 -0.35 26.84
C SER B 108 4.77 -0.70 25.40
N SER B 109 5.84 -1.48 25.22
CA SER B 109 6.24 -1.87 23.86
C SER B 109 5.19 -2.76 23.21
N VAL B 110 4.60 -3.67 24.00
CA VAL B 110 3.56 -4.55 23.46
C VAL B 110 2.31 -3.75 23.15
N LYS B 111 1.92 -2.84 24.05
CA LYS B 111 0.79 -1.95 23.81
C LYS B 111 0.93 -1.24 22.47
N SER B 112 2.12 -0.70 22.19
CA SER B 112 2.34 0.02 20.95
C SER B 112 2.30 -0.93 19.75
N GLU B 113 2.91 -2.11 19.87
CA GLU B 113 2.93 -3.04 18.75
C GLU B 113 1.54 -3.51 18.38
N ILE B 114 0.68 -3.74 19.39
CA ILE B 114 -0.70 -4.10 19.11
C ILE B 114 -1.39 -2.99 18.30
N LYS B 115 -1.13 -1.74 18.65
CA LYS B 115 -1.70 -0.62 17.90
C LYS B 115 -1.24 -0.64 16.44
N ARG B 116 0.05 -0.88 16.21
CA ARG B 116 0.60 -0.86 14.85
C ARG B 116 0.05 -2.01 14.01
N VAL B 117 0.13 -3.24 14.52
CA VAL B 117 -0.26 -4.39 13.72
C VAL B 117 -1.75 -4.41 13.45
N MET B 118 -2.56 -3.93 14.39
CA MET B 118 -4.01 -3.90 14.24
C MET B 118 -4.51 -2.66 13.50
N ASP B 119 -3.63 -1.66 13.30
CA ASP B 119 -3.98 -0.41 12.61
C ASP B 119 -4.94 0.44 13.43
N LEU B 120 -4.71 0.50 14.75
CA LEU B 120 -5.49 1.35 15.63
C LEU B 120 -4.99 2.78 15.51
N LYS B 121 -5.88 3.71 15.15
CA LYS B 121 -5.50 5.08 14.83
C LYS B 121 -6.55 6.03 15.37
N THR B 122 -6.10 7.13 16.00
CA THR B 122 -7.03 8.07 16.65
C THR B 122 -8.01 8.68 15.67
N THR B 123 -7.65 8.78 14.40
CA THR B 123 -8.54 9.40 13.41
C THR B 123 -9.71 8.50 13.04
N SER B 124 -9.61 7.20 13.28
CA SER B 124 -10.69 6.26 12.99
C SER B 124 -11.04 5.48 14.25
N GLY B 125 -12.08 4.65 14.15
CA GLY B 125 -12.58 3.90 15.28
C GLY B 125 -12.16 2.43 15.26
N ILE B 126 -12.34 1.79 16.40
CA ILE B 126 -12.17 0.34 16.54
C ILE B 126 -13.48 -0.33 16.20
N ASN B 127 -13.50 -1.14 15.15
CA ASN B 127 -14.73 -1.83 14.78
C ASN B 127 -14.85 -3.15 15.55
N THR B 128 -15.90 -3.91 15.26
CA THR B 128 -16.26 -5.07 16.06
C THR B 128 -15.46 -6.32 15.71
N SER B 129 -14.52 -6.24 14.77
CA SER B 129 -13.73 -7.38 14.36
C SER B 129 -12.36 -7.43 15.03
N LYS B 130 -12.13 -6.60 16.06
CA LYS B 130 -10.81 -6.44 16.67
C LYS B 130 -10.78 -7.19 18.01
N LYS B 131 -10.23 -8.41 18.01
CA LYS B 131 -10.18 -9.25 19.20
C LYS B 131 -8.75 -9.55 19.62
N VAL B 132 -8.56 -9.74 20.92
CA VAL B 132 -7.29 -10.16 21.50
C VAL B 132 -7.55 -11.40 22.36
N TYR B 133 -6.87 -12.49 22.05
CA TYR B 133 -7.00 -13.72 22.81
C TYR B 133 -5.92 -13.78 23.89
N LEU B 134 -6.30 -14.31 25.06
CA LEU B 134 -5.36 -14.55 26.15
C LEU B 134 -5.26 -16.05 26.40
N ALA B 135 -4.03 -16.57 26.35
CA ALA B 135 -3.77 -18.00 26.58
C ALA B 135 -3.15 -18.16 27.96
N GLY B 136 -3.95 -18.54 28.92
CA GLY B 136 -3.48 -18.79 30.27
C GLY B 136 -4.42 -18.23 31.31
N GLY B 137 -4.32 -18.75 32.53
CA GLY B 137 -5.12 -18.29 33.64
C GLY B 137 -4.59 -17.02 34.26
N VAL B 138 -5.18 -16.65 35.39
CA VAL B 138 -4.82 -15.42 36.08
C VAL B 138 -3.47 -15.54 36.79
N ASN B 139 -2.92 -16.74 36.89
CA ASN B 139 -1.56 -16.90 37.36
C ASN B 139 -0.54 -16.86 36.22
N SER B 140 -1.01 -16.82 34.98
CA SER B 140 -0.19 -16.63 33.79
C SER B 140 -0.24 -15.20 33.28
N ILE B 141 -1.45 -14.65 33.13
CA ILE B 141 -1.67 -13.27 32.71
C ILE B 141 -2.67 -12.65 33.66
N SER B 142 -2.24 -11.64 34.41
CA SER B 142 -3.06 -11.09 35.49
C SER B 142 -4.31 -10.39 34.94
N LYS B 143 -5.19 -10.01 35.85
CA LYS B 143 -6.39 -9.26 35.49
C LYS B 143 -6.04 -7.85 35.03
N ASP B 144 -4.92 -7.31 35.50
CA ASP B 144 -4.51 -5.96 35.11
C ASP B 144 -4.27 -5.89 33.61
N VAL B 145 -3.55 -6.87 33.05
CA VAL B 145 -3.35 -6.93 31.61
C VAL B 145 -4.69 -7.05 30.89
N GLU B 146 -5.60 -7.85 31.43
CA GLU B 146 -6.89 -8.06 30.79
C GLU B 146 -7.71 -6.76 30.75
N ASN B 147 -7.75 -6.03 31.86
CA ASN B 147 -8.58 -4.83 31.92
C ASN B 147 -7.97 -3.64 31.19
N GLU B 148 -6.64 -3.56 31.13
CA GLU B 148 -6.01 -2.49 30.36
C GLU B 148 -6.25 -2.67 28.87
N LEU B 149 -6.31 -3.91 28.40
CA LEU B 149 -6.72 -4.17 27.02
C LEU B 149 -8.16 -3.78 26.78
N LYS B 150 -9.03 -4.00 27.77
CA LYS B 150 -10.42 -3.62 27.65
C LYS B 150 -10.57 -2.10 27.62
N ASP B 151 -9.74 -1.39 28.40
CA ASP B 151 -9.77 0.07 28.37
C ASP B 151 -9.35 0.61 27.01
N MET B 152 -8.47 -0.10 26.30
CA MET B 152 -8.12 0.29 24.95
C MET B 152 -9.33 0.29 24.03
N GLY B 153 -10.26 -0.64 24.24
CA GLY B 153 -11.49 -0.67 23.48
C GLY B 153 -11.56 -1.79 22.47
N VAL B 154 -10.94 -2.92 22.78
CA VAL B 154 -11.00 -4.10 21.94
C VAL B 154 -11.61 -5.24 22.75
N LYS B 155 -12.01 -6.29 22.03
CA LYS B 155 -12.55 -7.48 22.67
C LYS B 155 -11.43 -8.34 23.21
N VAL B 156 -11.66 -8.96 24.37
CA VAL B 156 -10.68 -9.83 25.01
C VAL B 156 -11.34 -11.16 25.34
N VAL B 157 -10.69 -12.27 24.98
CA VAL B 157 -11.21 -13.61 25.20
C VAL B 157 -10.11 -14.44 25.86
N ARG B 158 -10.30 -14.76 27.14
CA ARG B 158 -9.36 -15.60 27.89
C ARG B 158 -9.69 -17.07 27.66
N LEU B 159 -8.72 -17.83 27.17
CA LEU B 159 -8.81 -19.28 27.04
C LEU B 159 -7.95 -19.90 28.14
N ALA B 160 -8.59 -20.45 29.17
CA ALA B 160 -7.86 -20.97 30.32
C ALA B 160 -8.71 -21.99 31.06
N GLY B 161 -8.03 -22.81 31.85
CA GLY B 161 -8.71 -23.79 32.68
C GLY B 161 -8.07 -23.93 34.05
N ASP B 162 -8.38 -25.03 34.74
CA ASP B 162 -7.84 -25.26 36.07
C ASP B 162 -6.42 -25.77 36.04
N ASP B 163 -5.95 -26.31 34.91
CA ASP B 163 -4.60 -26.82 34.80
C ASP B 163 -4.19 -26.81 33.33
N ARG B 164 -2.95 -27.25 33.07
CA ARG B 164 -2.41 -27.27 31.73
C ARG B 164 -3.26 -28.11 30.78
N TYR B 165 -3.88 -29.17 31.29
CA TYR B 165 -4.66 -30.05 30.43
C TYR B 165 -5.97 -29.40 30.01
N GLU B 166 -6.67 -28.77 30.96
CA GLU B 166 -7.87 -28.01 30.63
C GLU B 166 -7.56 -26.86 29.69
N THR B 167 -6.48 -26.12 29.96
CA THR B 167 -6.12 -24.97 29.14
C THR B 167 -5.87 -25.37 27.69
N SER B 168 -5.11 -26.44 27.47
CA SER B 168 -4.86 -26.92 26.11
C SER B 168 -6.16 -27.29 25.41
N LEU B 169 -7.10 -27.89 26.13
CA LEU B 169 -8.40 -28.24 25.55
C LEU B 169 -9.17 -26.98 25.15
N ALA B 170 -9.14 -25.96 26.01
CA ALA B 170 -9.81 -24.70 25.69
C ALA B 170 -9.24 -24.08 24.41
N ILE B 171 -7.92 -24.08 24.29
CA ILE B 171 -7.29 -23.51 23.10
C ILE B 171 -7.59 -24.37 21.87
N ALA B 172 -7.50 -25.69 22.00
CA ALA B 172 -7.73 -26.57 20.86
C ALA B 172 -9.19 -26.51 20.40
N ASP B 173 -10.13 -26.42 21.34
CA ASP B 173 -11.53 -26.25 20.98
C ASP B 173 -11.73 -24.99 20.15
N GLU B 174 -10.96 -23.93 20.44
CA GLU B 174 -11.07 -22.70 19.67
C GLU B 174 -10.51 -22.87 18.27
N VAL B 175 -9.44 -23.66 18.13
CA VAL B 175 -8.85 -23.88 16.81
C VAL B 175 -9.82 -24.66 15.92
N GLY B 176 -10.37 -25.74 16.43
CA GLY B 176 -11.34 -26.52 15.69
C GLY B 176 -10.77 -27.77 15.03
N LEU B 177 -11.48 -28.87 15.15
CA LEU B 177 -11.07 -30.16 14.56
C LEU B 177 -11.74 -30.33 13.21
N ASP B 178 -11.30 -29.52 12.25
CA ASP B 178 -11.99 -29.41 10.97
C ASP B 178 -11.55 -30.46 9.95
N ASN B 179 -10.33 -30.98 10.06
CA ASN B 179 -9.82 -31.95 9.09
C ASN B 179 -9.63 -33.34 9.69
N ASP B 180 -10.28 -33.63 10.80
CA ASP B 180 -10.25 -34.96 11.42
C ASP B 180 -8.82 -35.38 11.76
N LYS B 181 -8.05 -34.45 12.32
CA LYS B 181 -6.65 -34.67 12.60
C LYS B 181 -6.27 -33.88 13.83
N ALA B 182 -5.43 -34.47 14.69
CA ALA B 182 -5.00 -33.81 15.91
C ALA B 182 -3.62 -34.33 16.30
N PHE B 183 -2.93 -33.54 17.13
CA PHE B 183 -1.63 -33.89 17.67
C PHE B 183 -1.74 -34.02 19.19
N VAL B 184 -1.04 -35.00 19.76
CA VAL B 184 -1.06 -35.25 21.19
C VAL B 184 0.37 -35.26 21.71
N VAL B 185 0.58 -34.60 22.84
CA VAL B 185 1.87 -34.56 23.52
C VAL B 185 1.63 -34.81 25.00
N GLY B 186 2.71 -35.12 25.72
CA GLY B 186 2.62 -35.35 27.14
C GLY B 186 2.80 -34.08 27.95
N GLY B 187 2.32 -34.11 29.19
CA GLY B 187 2.43 -32.96 30.07
C GLY B 187 3.84 -32.48 30.31
N THR B 188 4.82 -33.36 30.16
CA THR B 188 6.23 -33.02 30.32
C THR B 188 6.92 -32.77 28.99
N GLY B 189 6.20 -32.89 27.87
CA GLY B 189 6.79 -32.75 26.55
C GLY B 189 6.74 -31.34 26.00
N LEU B 190 7.47 -30.42 26.63
CA LEU B 190 7.48 -29.03 26.20
C LEU B 190 8.19 -28.87 24.86
N ALA B 191 9.46 -29.32 24.79
CA ALA B 191 10.20 -29.24 23.54
C ALA B 191 9.59 -30.12 22.46
N ASP B 192 8.96 -31.24 22.84
CA ASP B 192 8.30 -32.09 21.86
C ASP B 192 7.17 -31.34 21.16
N ALA B 193 6.36 -30.61 21.94
CA ALA B 193 5.30 -29.79 21.35
C ALA B 193 5.88 -28.67 20.49
N MET B 194 7.00 -28.09 20.92
CA MET B 194 7.60 -26.99 20.18
C MET B 194 8.12 -27.45 18.82
N SER B 195 8.55 -28.72 18.71
CA SER B 195 9.01 -29.24 17.43
C SER B 195 7.88 -29.47 16.45
N ILE B 196 6.65 -29.66 16.93
CA ILE B 196 5.51 -29.93 16.05
C ILE B 196 4.63 -28.70 15.86
N ALA B 197 4.84 -27.63 16.63
CA ALA B 197 4.10 -26.40 16.41
C ALA B 197 4.19 -25.86 14.98
N PRO B 198 5.35 -25.85 14.31
CA PRO B 198 5.36 -25.39 12.91
C PRO B 198 4.55 -26.29 11.97
N VAL B 199 4.48 -27.60 12.24
CA VAL B 199 3.68 -28.49 11.39
C VAL B 199 2.21 -28.27 11.67
N ALA B 200 1.82 -28.31 12.94
CA ALA B 200 0.42 -28.09 13.31
C ALA B 200 -0.10 -26.77 12.79
N SER B 201 0.74 -25.73 12.77
CA SER B 201 0.29 -24.41 12.38
C SER B 201 0.05 -24.27 10.89
N GLN B 202 0.38 -25.28 10.09
CA GLN B 202 0.14 -25.22 8.66
C GLN B 202 -1.34 -25.23 8.36
N LEU B 203 -1.74 -24.42 7.38
CA LEU B 203 -3.13 -24.29 6.97
C LEU B 203 -3.37 -25.17 5.75
N LYS B 204 -4.33 -26.09 5.86
CA LYS B 204 -4.60 -27.05 4.81
C LYS B 204 -6.09 -27.16 4.55
N ASP B 205 -6.46 -27.28 3.27
CA ASP B 205 -7.84 -27.53 2.90
C ASP B 205 -8.23 -28.97 3.24
N SER B 206 -9.48 -29.32 2.95
CA SER B 206 -9.98 -30.64 3.30
C SER B 206 -9.30 -31.77 2.51
N ASN B 207 -8.50 -31.45 1.49
CA ASN B 207 -7.78 -32.45 0.73
C ASN B 207 -6.29 -32.48 1.02
N GLY B 208 -5.85 -31.87 2.12
CA GLY B 208 -4.47 -31.97 2.54
C GLY B 208 -3.48 -31.16 1.73
N ASN B 209 -3.94 -30.13 1.02
CA ASN B 209 -3.05 -29.23 0.29
C ASN B 209 -2.92 -27.90 1.03
N MET B 210 -1.78 -27.24 0.85
CA MET B 210 -1.52 -25.97 1.52
C MET B 210 -2.47 -24.89 0.99
N ASP B 211 -3.05 -24.12 1.91
CA ASP B 211 -4.00 -23.06 1.54
C ASP B 211 -4.01 -22.04 2.69
N VAL B 212 -3.29 -20.93 2.51
CA VAL B 212 -3.19 -19.93 3.55
C VAL B 212 -4.43 -19.05 3.62
N VAL B 213 -5.27 -19.05 2.59
CA VAL B 213 -6.47 -18.24 2.58
C VAL B 213 -7.64 -18.96 3.25
N ASP B 214 -7.88 -20.21 2.86
CA ASP B 214 -9.05 -20.95 3.31
C ASP B 214 -8.74 -22.14 4.21
N GLY B 215 -7.47 -22.49 4.39
CA GLY B 215 -7.12 -23.69 5.13
C GLY B 215 -7.35 -23.55 6.62
N ASP B 216 -7.26 -24.70 7.30
CA ASP B 216 -7.43 -24.79 8.74
C ASP B 216 -6.15 -25.31 9.38
N ALA B 217 -5.97 -24.98 10.66
CA ALA B 217 -4.84 -25.48 11.42
C ALA B 217 -5.19 -26.83 12.05
N THR B 218 -4.18 -27.44 12.69
CA THR B 218 -4.33 -28.74 13.32
C THR B 218 -4.13 -28.60 14.82
N PRO B 219 -5.14 -28.89 15.64
CA PRO B 219 -5.03 -28.64 17.08
C PRO B 219 -4.00 -29.54 17.75
N ILE B 220 -3.49 -29.06 18.88
CA ILE B 220 -2.59 -29.83 19.75
C ILE B 220 -3.25 -29.98 21.11
N VAL B 221 -3.20 -31.19 21.66
CA VAL B 221 -3.83 -31.53 22.94
C VAL B 221 -2.77 -32.09 23.87
N VAL B 222 -2.75 -31.61 25.11
CA VAL B 222 -1.83 -32.09 26.13
C VAL B 222 -2.58 -33.06 27.04
N VAL B 223 -2.03 -34.25 27.23
CA VAL B 223 -2.63 -35.27 28.07
C VAL B 223 -1.65 -35.65 29.17
N ASP B 224 -2.18 -36.32 30.19
CA ASP B 224 -1.39 -36.81 31.31
C ASP B 224 -0.97 -38.24 30.95
N GLY B 225 0.25 -38.38 30.42
CA GLY B 225 0.72 -39.67 29.96
C GLY B 225 1.21 -40.60 31.06
N LYS B 226 1.01 -40.23 32.32
CA LYS B 226 1.36 -41.08 33.45
C LYS B 226 0.13 -41.73 34.08
N ALA B 227 -0.95 -41.87 33.31
CA ALA B 227 -2.17 -42.53 33.75
C ALA B 227 -2.35 -43.83 32.99
N LYS B 228 -3.51 -44.48 33.18
CA LYS B 228 -3.86 -45.69 32.46
C LYS B 228 -4.90 -45.45 31.37
N ASP B 229 -5.49 -44.27 31.32
CA ASP B 229 -6.59 -43.98 30.40
C ASP B 229 -6.62 -42.48 30.14
N ILE B 230 -7.53 -42.07 29.27
CA ILE B 230 -7.78 -40.65 29.00
C ILE B 230 -9.16 -40.31 29.53
N ASN B 231 -9.32 -39.06 29.95
CA ASN B 231 -10.58 -38.62 30.54
C ASN B 231 -11.64 -38.41 29.48
N ALA B 232 -12.87 -38.13 29.95
CA ALA B 232 -14.00 -37.98 29.04
C ALA B 232 -13.86 -36.71 28.20
N ALA B 233 -13.49 -35.60 28.82
CA ALA B 233 -13.34 -34.33 28.11
C ALA B 233 -12.44 -34.48 26.89
N THR B 234 -11.26 -35.07 27.09
CA THR B 234 -10.37 -35.34 25.96
C THR B 234 -11.04 -36.26 24.94
N GLU B 235 -11.64 -37.35 25.42
CA GLU B 235 -12.32 -38.29 24.53
C GLU B 235 -13.43 -37.60 23.74
N ASP B 236 -14.17 -36.70 24.38
CA ASP B 236 -15.22 -35.98 23.69
C ASP B 236 -14.66 -35.11 22.56
N PHE B 237 -13.54 -34.43 22.82
CA PHE B 237 -12.92 -33.59 21.81
C PHE B 237 -12.44 -34.40 20.62
N LEU B 238 -11.62 -35.42 20.88
CA LEU B 238 -10.93 -36.14 19.81
C LEU B 238 -11.91 -36.77 18.83
N ASP B 239 -13.04 -37.26 19.33
CA ASP B 239 -14.08 -37.85 18.50
C ASP B 239 -13.53 -39.04 17.72
N ASN B 240 -13.42 -38.91 16.39
CA ASN B 240 -12.92 -39.97 15.52
C ASN B 240 -11.86 -39.42 14.57
N ALA B 241 -10.87 -38.73 15.12
CA ALA B 241 -9.84 -38.07 14.33
C ALA B 241 -8.52 -38.84 14.40
N GLN B 242 -7.81 -38.86 13.27
CA GLN B 242 -6.48 -39.45 13.25
C GLN B 242 -5.54 -38.69 14.18
N VAL B 243 -4.91 -39.43 15.10
CA VAL B 243 -4.09 -38.85 16.16
C VAL B 243 -2.62 -39.15 15.85
N ASP B 244 -1.78 -38.14 16.01
CA ASP B 244 -0.33 -38.27 15.93
C ASP B 244 0.28 -37.90 17.27
N ILE B 245 0.99 -38.84 17.88
CA ILE B 245 1.64 -38.63 19.17
C ILE B 245 3.09 -38.22 18.94
N ILE B 246 3.54 -37.19 19.64
CA ILE B 246 4.88 -36.65 19.49
C ILE B 246 5.61 -36.86 20.81
N GLY B 247 6.47 -37.85 20.87
CA GLY B 247 7.24 -38.14 22.07
C GLY B 247 7.34 -39.64 22.31
N GLY B 248 8.28 -40.02 23.18
CA GLY B 248 8.55 -41.41 23.48
C GLY B 248 7.57 -41.99 24.48
N GLU B 249 7.85 -43.23 24.88
CA GLU B 249 6.98 -43.91 25.82
C GLU B 249 7.07 -43.31 27.22
N ASN B 250 8.20 -42.70 27.56
CA ASN B 250 8.35 -42.06 28.87
C ASN B 250 7.58 -40.76 28.99
N SER B 251 6.93 -40.30 27.92
CA SER B 251 6.06 -39.12 27.92
C SER B 251 4.60 -39.46 27.65
N VAL B 252 4.34 -40.27 26.63
CA VAL B 252 3.01 -40.80 26.34
C VAL B 252 3.14 -42.32 26.34
N SER B 253 2.53 -42.98 27.32
CA SER B 253 2.70 -44.40 27.50
C SER B 253 1.94 -45.19 26.44
N LYS B 254 2.13 -46.52 26.47
CA LYS B 254 1.44 -47.39 25.53
C LYS B 254 -0.04 -47.53 25.88
N ASP B 255 -0.38 -47.35 27.15
CA ASP B 255 -1.78 -47.47 27.57
C ASP B 255 -2.62 -46.30 27.06
N ILE B 256 -2.03 -45.09 27.07
CA ILE B 256 -2.72 -43.93 26.48
C ILE B 256 -2.88 -44.12 24.98
N GLU B 257 -1.84 -44.65 24.32
CA GLU B 257 -1.94 -44.94 22.89
C GLU B 257 -3.09 -45.89 22.59
N GLU B 258 -3.18 -46.99 23.35
CA GLU B 258 -4.29 -47.91 23.20
C GLU B 258 -5.63 -47.22 23.50
N ALA B 259 -5.66 -46.39 24.55
CA ALA B 259 -6.88 -45.69 24.91
C ALA B 259 -7.40 -44.85 23.74
N ILE B 260 -6.51 -44.13 23.06
CA ILE B 260 -6.91 -43.36 21.88
C ILE B 260 -7.35 -44.29 20.76
N ASP B 261 -6.72 -45.46 20.64
CA ASP B 261 -7.09 -46.41 19.60
C ASP B 261 -8.55 -46.84 19.75
N ASP B 262 -8.96 -47.18 20.97
CA ASP B 262 -10.33 -47.66 21.17
C ASP B 262 -11.33 -46.51 21.12
N ALA B 263 -10.98 -45.35 21.70
CA ALA B 263 -11.90 -44.21 21.71
C ALA B 263 -12.13 -43.65 20.31
N THR B 264 -11.06 -43.57 19.51
CA THR B 264 -11.16 -43.02 18.16
C THR B 264 -11.57 -44.06 17.14
N GLY B 265 -11.08 -45.28 17.28
CA GLY B 265 -11.25 -46.27 16.23
C GLY B 265 -10.26 -46.14 15.11
N LYS B 266 -9.08 -45.58 15.39
CA LYS B 266 -8.05 -45.36 14.39
C LYS B 266 -6.70 -45.45 15.06
N GLU B 267 -5.84 -46.34 14.56
CA GLU B 267 -4.56 -46.62 15.20
C GLU B 267 -3.71 -45.35 15.23
N PRO B 268 -3.26 -44.90 16.41
CA PRO B 268 -2.50 -43.66 16.48
C PRO B 268 -1.08 -43.83 15.95
N ASN B 269 -0.63 -42.85 15.19
CA ASN B 269 0.76 -42.79 14.76
C ASN B 269 1.62 -42.16 15.85
N ARG B 270 2.93 -42.35 15.73
CA ARG B 270 3.84 -41.79 16.71
C ARG B 270 5.19 -41.47 16.07
N THR B 271 5.67 -40.25 16.30
CA THR B 271 7.03 -39.84 15.96
C THR B 271 7.77 -39.54 17.25
N SER B 272 8.94 -40.16 17.43
CA SER B 272 9.64 -40.06 18.70
C SER B 272 11.11 -40.35 18.51
N GLY B 273 11.94 -39.74 19.35
CA GLY B 273 13.36 -40.00 19.41
C GLY B 273 13.79 -40.42 20.80
N ASP B 274 15.10 -40.47 21.05
CA ASP B 274 15.58 -40.86 22.37
C ASP B 274 15.62 -39.69 23.34
N ASP B 275 15.80 -38.47 22.86
CA ASP B 275 15.82 -37.29 23.70
C ASP B 275 15.12 -36.15 22.95
N ARG B 276 15.18 -34.94 23.53
CA ARG B 276 14.52 -33.78 22.93
C ARG B 276 15.03 -33.51 21.52
N GLN B 277 16.36 -33.52 21.34
CA GLN B 277 16.92 -33.16 20.04
C GLN B 277 16.71 -34.26 19.01
N ASP B 278 16.72 -35.53 19.43
CA ASP B 278 16.43 -36.61 18.51
C ASP B 278 15.00 -36.54 18.02
N THR B 279 14.05 -36.24 18.91
CA THR B 279 12.66 -36.09 18.49
C THR B 279 12.48 -34.94 17.52
N ASN B 280 13.19 -33.83 17.75
CA ASN B 280 13.19 -32.72 16.80
C ASN B 280 13.64 -33.19 15.42
N ALA B 281 14.73 -33.95 15.37
CA ALA B 281 15.22 -34.46 14.09
C ALA B 281 14.22 -35.40 13.44
N GLU B 282 13.52 -36.21 14.24
CA GLU B 282 12.57 -37.17 13.68
C GLU B 282 11.42 -36.46 12.99
N VAL B 283 10.99 -35.31 13.52
CA VAL B 283 9.94 -34.54 12.87
C VAL B 283 10.38 -34.12 11.47
N MET B 284 11.63 -33.68 11.33
CA MET B 284 12.16 -33.31 10.01
C MET B 284 12.19 -34.52 9.08
N LYS B 285 12.47 -35.71 9.62
CA LYS B 285 12.60 -36.90 8.80
C LYS B 285 11.25 -37.48 8.37
N GLU B 286 10.17 -37.15 9.08
CA GLU B 286 8.86 -37.69 8.72
C GLU B 286 8.37 -37.04 7.43
N THR B 287 8.03 -37.87 6.44
CA THR B 287 7.62 -37.37 5.14
C THR B 287 6.20 -36.80 5.15
N ASP B 288 5.36 -37.23 6.09
CA ASP B 288 4.02 -36.65 6.20
C ASP B 288 4.08 -35.18 6.61
N TYR B 289 5.15 -34.78 7.29
CA TYR B 289 5.34 -33.41 7.75
C TYR B 289 6.17 -32.57 6.80
N PHE B 290 7.35 -33.07 6.42
CA PHE B 290 8.24 -32.38 5.49
C PHE B 290 8.74 -33.39 4.47
N GLU B 291 8.26 -33.29 3.24
CA GLU B 291 8.61 -34.26 2.21
C GLU B 291 10.11 -34.23 1.93
N LYS B 292 10.64 -35.37 1.52
CA LYS B 292 12.08 -35.53 1.36
C LYS B 292 12.63 -34.64 0.26
N ALA B 293 13.74 -33.95 0.57
CA ALA B 293 14.48 -33.13 -0.40
C ALA B 293 13.60 -32.09 -1.05
N SER B 294 12.86 -31.35 -0.22
CA SER B 294 11.95 -30.33 -0.75
C SER B 294 11.77 -29.14 0.19
N VAL B 295 12.62 -28.98 1.21
CA VAL B 295 12.50 -27.89 2.16
C VAL B 295 13.55 -26.85 1.84
N GLU B 296 13.15 -25.59 1.81
CA GLU B 296 14.01 -24.49 1.38
C GLU B 296 14.31 -23.47 2.45
N ASN B 297 13.44 -23.33 3.46
CA ASN B 297 13.60 -22.33 4.51
C ASN B 297 13.69 -23.03 5.86
N TYR B 298 14.50 -22.48 6.76
CA TYR B 298 14.73 -23.09 8.07
C TYR B 298 14.77 -22.02 9.15
N PHE B 299 14.26 -22.37 10.33
CA PHE B 299 14.33 -21.53 11.52
C PHE B 299 15.18 -22.22 12.57
N VAL B 300 15.82 -21.42 13.41
CA VAL B 300 16.66 -21.92 14.50
C VAL B 300 16.28 -21.19 15.78
N ALA B 301 16.09 -21.93 16.86
CA ALA B 301 15.76 -21.35 18.16
C ALA B 301 16.38 -22.19 19.25
N LYS B 302 16.30 -21.69 20.48
CA LYS B 302 16.90 -22.38 21.63
C LYS B 302 16.04 -23.56 22.06
N ASP B 303 16.69 -24.57 22.64
CA ASP B 303 16.01 -25.78 23.06
C ASP B 303 15.62 -25.78 24.54
N GLY B 304 16.08 -24.80 25.31
CA GLY B 304 15.77 -24.75 26.72
C GLY B 304 16.43 -25.81 27.56
N SER B 305 17.66 -26.21 27.21
CA SER B 305 18.38 -27.21 28.01
C SER B 305 18.76 -26.63 29.37
N THR B 306 19.14 -25.36 29.41
CA THR B 306 19.53 -24.72 30.66
C THR B 306 18.33 -24.15 31.42
N LYS B 307 17.41 -23.51 30.70
CA LYS B 307 16.19 -22.99 31.29
C LYS B 307 15.04 -23.24 30.32
N GLU B 308 13.99 -23.90 30.82
CA GLU B 308 12.91 -24.35 29.95
C GLU B 308 12.09 -23.19 29.41
N ASP B 309 12.01 -22.08 30.15
CA ASP B 309 11.18 -20.96 29.72
C ASP B 309 11.67 -20.34 28.41
N GLN B 310 12.91 -20.61 28.02
CA GLN B 310 13.44 -20.07 26.76
C GLN B 310 12.79 -20.68 25.53
N LEU B 311 11.93 -21.68 25.69
CA LEU B 311 11.20 -22.23 24.55
C LEU B 311 10.20 -21.26 23.95
N VAL B 312 9.90 -20.15 24.64
CA VAL B 312 8.94 -19.18 24.13
C VAL B 312 9.35 -18.62 22.78
N ASP B 313 10.67 -18.55 22.50
CA ASP B 313 11.15 -18.08 21.21
C ASP B 313 10.58 -18.91 20.07
N ALA B 314 10.63 -20.24 20.21
CA ALA B 314 10.04 -21.11 19.19
C ALA B 314 8.52 -20.97 19.17
N LEU B 315 7.91 -20.72 20.33
CA LEU B 315 6.46 -20.56 20.39
C LEU B 315 5.99 -19.40 19.54
N ALA B 316 6.70 -18.27 19.61
CA ALA B 316 6.28 -17.08 18.85
C ALA B 316 6.62 -17.21 17.37
N ALA B 317 7.67 -17.94 17.02
CA ALA B 317 8.14 -18.02 15.65
C ALA B 317 7.42 -19.09 14.84
N ALA B 318 6.81 -20.08 15.50
CA ALA B 318 6.18 -21.18 14.78
C ALA B 318 5.12 -20.73 13.78
N PRO B 319 4.20 -19.80 14.10
CA PRO B 319 3.21 -19.39 13.09
C PRO B 319 3.82 -18.77 11.85
N VAL B 320 4.95 -18.06 11.98
CA VAL B 320 5.62 -17.47 10.83
C VAL B 320 6.22 -18.56 9.95
N ALA B 321 6.92 -19.51 10.55
CA ALA B 321 7.53 -20.60 9.79
C ALA B 321 6.48 -21.39 9.02
N ALA B 322 5.27 -21.51 9.55
CA ALA B 322 4.22 -22.30 8.90
C ALA B 322 3.65 -21.62 7.67
N ASN B 323 3.92 -20.33 7.47
CA ASN B 323 3.37 -19.58 6.35
C ASN B 323 4.45 -18.87 5.55
N PHE B 324 5.70 -19.30 5.69
CA PHE B 324 6.80 -18.61 5.02
C PHE B 324 6.71 -18.81 3.52
N GLY B 325 6.98 -17.74 2.77
CA GLY B 325 6.94 -17.76 1.33
C GLY B 325 5.74 -17.06 0.73
N ALA B 326 4.62 -17.00 1.45
CA ALA B 326 3.40 -16.36 0.99
C ALA B 326 3.13 -15.11 1.81
N THR B 327 2.20 -14.30 1.31
CA THR B 327 1.80 -13.07 2.00
C THR B 327 0.29 -12.88 1.90
N TYR B 328 -0.34 -12.60 3.03
CA TYR B 328 -1.78 -12.41 3.12
C TYR B 328 -2.12 -10.96 2.82
N THR B 329 -2.98 -10.73 1.83
CA THR B 329 -3.31 -9.38 1.39
C THR B 329 -4.75 -9.35 0.91
N LYS B 330 -5.19 -8.15 0.51
CA LYS B 330 -6.53 -7.92 -0.02
C LYS B 330 -6.46 -7.30 -1.41
N ASN B 331 -7.60 -7.33 -2.11
CA ASN B 331 -7.86 -6.63 -3.37
C ASN B 331 -9.35 -6.24 -3.37
N GLY B 332 -9.63 -5.12 -2.72
CA GLY B 332 -11.00 -4.71 -2.48
C GLY B 332 -11.52 -5.35 -1.21
N SER B 333 -12.69 -5.99 -1.31
CA SER B 333 -13.26 -6.76 -0.21
C SER B 333 -12.97 -8.24 -0.34
N THR B 334 -11.90 -8.60 -1.03
CA THR B 334 -11.54 -9.99 -1.27
C THR B 334 -10.14 -10.25 -0.72
N TYR B 335 -10.03 -11.26 0.13
CA TYR B 335 -8.73 -11.71 0.62
C TYR B 335 -8.08 -12.63 -0.40
N THR B 336 -6.77 -12.50 -0.56
CA THR B 336 -5.98 -13.33 -1.46
C THR B 336 -4.57 -13.47 -0.90
N LYS B 337 -3.74 -14.23 -1.62
CA LYS B 337 -2.36 -14.48 -1.25
C LYS B 337 -1.43 -13.90 -2.31
N SER B 338 -0.15 -13.83 -1.95
CA SER B 338 0.89 -13.31 -2.84
C SER B 338 2.12 -14.21 -2.74
N GLY B 339 2.39 -14.97 -3.80
CA GLY B 339 3.52 -15.88 -3.80
C GLY B 339 3.15 -17.35 -3.68
N ASN B 340 4.06 -18.15 -3.13
CA ASN B 340 3.84 -19.58 -2.94
C ASN B 340 4.38 -19.98 -1.57
N VAL B 341 3.67 -20.91 -0.93
CA VAL B 341 4.00 -21.28 0.45
C VAL B 341 5.08 -22.35 0.44
N SER B 342 5.97 -22.30 1.42
CA SER B 342 7.04 -23.28 1.57
C SER B 342 7.37 -23.38 3.05
N PRO B 343 6.57 -24.14 3.81
CA PRO B 343 6.73 -24.12 5.27
C PRO B 343 8.11 -24.56 5.72
N ALA B 344 8.50 -24.09 6.90
CA ALA B 344 9.81 -24.33 7.48
C ALA B 344 9.69 -25.01 8.84
N PRO B 345 10.62 -25.90 9.18
CA PRO B 345 10.69 -26.43 10.54
C PRO B 345 11.53 -25.53 11.44
N ILE B 346 11.47 -25.82 12.74
CA ILE B 346 12.28 -25.13 13.74
C ILE B 346 13.28 -26.13 14.30
N VAL B 347 14.56 -25.82 14.13
CA VAL B 347 15.64 -26.60 14.72
C VAL B 347 15.91 -26.08 16.12
N LEU B 348 15.94 -26.99 17.09
CA LEU B 348 16.12 -26.62 18.50
C LEU B 348 17.54 -26.97 18.93
N ALA B 349 18.33 -25.94 19.23
CA ALA B 349 19.72 -26.10 19.63
C ALA B 349 20.26 -24.80 20.22
N THR B 350 20.85 -24.88 21.42
CA THR B 350 21.43 -23.71 22.08
C THR B 350 22.94 -23.68 21.98
N ASP B 351 23.61 -24.76 22.37
CA ASP B 351 25.06 -24.84 22.36
C ASP B 351 25.61 -25.70 21.22
N THR B 352 25.05 -26.89 21.01
CA THR B 352 25.52 -27.80 19.98
C THR B 352 24.33 -28.39 19.24
N LEU B 353 24.63 -29.00 18.08
CA LEU B 353 23.62 -29.59 17.22
C LEU B 353 23.91 -31.08 17.10
N SER B 354 22.96 -31.91 17.52
CA SER B 354 23.17 -33.35 17.54
C SER B 354 23.27 -33.92 16.13
N GLY B 355 23.98 -35.04 16.01
CA GLY B 355 24.15 -35.69 14.71
C GLY B 355 22.84 -36.13 14.08
N ASP B 356 21.87 -36.52 14.89
CA ASP B 356 20.53 -36.83 14.39
C ASP B 356 19.97 -35.66 13.60
N GLN B 357 20.10 -34.45 14.14
CA GLN B 357 19.59 -33.25 13.47
C GLN B 357 20.32 -32.99 12.16
N ASN B 358 21.62 -33.28 12.10
CA ASN B 358 22.37 -33.13 10.85
C ASN B 358 21.76 -33.98 9.74
N VAL B 359 21.40 -35.22 10.06
CA VAL B 359 20.75 -36.08 9.07
C VAL B 359 19.36 -35.54 8.73
N GLY B 360 18.63 -35.06 9.74
CA GLY B 360 17.31 -34.49 9.49
C GLY B 360 17.33 -33.37 8.47
N VAL B 361 18.23 -32.41 8.63
CA VAL B 361 18.25 -31.29 7.70
C VAL B 361 18.75 -31.74 6.33
N SER B 362 19.77 -32.60 6.28
CA SER B 362 20.33 -33.04 5.00
C SER B 362 19.31 -33.79 4.16
N LYS B 363 18.45 -34.57 4.82
CA LYS B 363 17.40 -35.27 4.11
C LYS B 363 16.33 -34.30 3.61
N SER B 364 15.93 -33.35 4.45
CA SER B 364 14.81 -32.47 4.11
C SER B 364 15.18 -31.41 3.08
N VAL B 365 16.42 -30.91 3.10
CA VAL B 365 16.79 -29.81 2.20
C VAL B 365 16.73 -30.27 0.76
N SER B 366 16.28 -29.37 -0.12
CA SER B 366 16.24 -29.68 -1.54
C SER B 366 17.66 -29.70 -2.11
N ASP B 367 17.80 -30.32 -3.28
CA ASP B 367 19.12 -30.44 -3.90
C ASP B 367 19.69 -29.09 -4.31
N ASP B 368 18.85 -28.08 -4.50
CA ASP B 368 19.32 -26.77 -4.91
C ASP B 368 19.86 -25.94 -3.77
N GLY B 369 19.66 -26.36 -2.52
CA GLY B 369 20.17 -25.66 -1.36
C GLY B 369 19.09 -24.86 -0.64
N GLY B 370 19.51 -24.23 0.46
CA GLY B 370 18.59 -23.45 1.27
C GLY B 370 18.37 -22.06 0.70
N LYS B 371 17.14 -21.57 0.86
CA LYS B 371 16.77 -20.21 0.47
C LYS B 371 16.84 -19.23 1.63
N ASN B 372 16.31 -19.61 2.80
CA ASN B 372 16.24 -18.69 3.92
C ASN B 372 16.65 -19.40 5.21
N LEU B 373 17.43 -18.70 6.03
CA LEU B 373 17.81 -19.16 7.36
C LEU B 373 17.57 -18.04 8.35
N VAL B 374 16.72 -18.29 9.35
CA VAL B 374 16.33 -17.28 10.33
C VAL B 374 16.76 -17.74 11.71
N GLN B 375 17.48 -16.88 12.43
CA GLN B 375 17.89 -17.13 13.80
C GLN B 375 17.02 -16.30 14.74
N VAL B 376 16.20 -16.99 15.52
CA VAL B 376 15.25 -16.34 16.43
C VAL B 376 15.90 -16.19 17.80
N GLY B 377 16.09 -14.95 18.23
CA GLY B 377 16.52 -14.66 19.58
C GLY B 377 18.03 -14.68 19.76
N LYS B 378 18.44 -14.30 20.97
CA LYS B 378 19.84 -14.23 21.36
C LYS B 378 20.21 -15.47 22.19
N GLY B 379 21.52 -15.69 22.33
CA GLY B 379 22.05 -16.77 23.13
C GLY B 379 22.54 -17.96 22.33
N ILE B 380 22.13 -18.09 21.07
CA ILE B 380 22.55 -19.22 20.26
C ILE B 380 24.02 -19.08 19.89
N ALA B 381 24.77 -20.17 20.05
CA ALA B 381 26.19 -20.15 19.74
C ALA B 381 26.41 -20.14 18.23
N SER B 382 27.44 -19.41 17.78
CA SER B 382 27.72 -19.33 16.35
C SER B 382 28.22 -20.66 15.79
N SER B 383 28.66 -21.58 16.65
CA SER B 383 28.99 -22.93 16.20
C SER B 383 27.80 -23.56 15.50
N VAL B 384 26.61 -23.45 16.10
CA VAL B 384 25.41 -24.03 15.52
C VAL B 384 24.99 -23.28 14.26
N ILE B 385 25.26 -21.97 14.20
CA ILE B 385 24.88 -21.19 13.02
C ILE B 385 25.78 -21.53 11.84
N SER B 386 27.09 -21.65 12.07
CA SER B 386 28.00 -22.02 10.99
C SER B 386 27.71 -23.44 10.49
N LYS B 387 27.43 -24.36 11.40
CA LYS B 387 27.09 -25.73 11.00
C LYS B 387 25.81 -25.76 10.19
N MET B 388 24.81 -24.95 10.56
CA MET B 388 23.58 -24.87 9.77
C MET B 388 23.82 -24.22 8.42
N LYS B 389 24.66 -23.18 8.38
CA LYS B 389 24.98 -22.54 7.11
C LYS B 389 25.66 -23.52 6.15
N ASP B 390 26.56 -24.35 6.66
CA ASP B 390 27.21 -25.35 5.82
C ASP B 390 26.23 -26.40 5.31
N LEU B 391 25.37 -26.89 6.21
CA LEU B 391 24.38 -27.90 5.83
C LEU B 391 23.45 -27.39 4.74
N LEU B 392 23.19 -26.10 4.71
CA LEU B 392 22.28 -25.48 3.75
C LEU B 392 22.99 -24.95 2.50
N ASP B 393 24.32 -25.07 2.43
CA ASP B 393 25.12 -24.49 1.35
C ASP B 393 24.89 -22.98 1.26
N MET B 394 25.21 -22.29 2.35
CA MET B 394 24.92 -20.87 2.46
C MET B 394 26.05 -20.14 3.19
N PRO C 7 17.21 -5.72 -42.91
CA PRO C 7 17.26 -4.57 -42.00
C PRO C 7 17.30 -5.02 -40.55
N VAL C 8 18.33 -4.63 -39.82
CA VAL C 8 18.59 -5.11 -38.47
C VAL C 8 18.28 -4.01 -37.47
N THR C 9 17.71 -4.39 -36.32
CA THR C 9 17.47 -3.49 -35.20
C THR C 9 18.12 -4.07 -33.95
N GLU C 10 19.11 -3.36 -33.41
CA GLU C 10 19.85 -3.83 -32.25
C GLU C 10 19.98 -2.69 -31.24
N ASN C 11 20.18 -3.09 -29.98
CA ASN C 11 20.27 -2.18 -28.86
C ASN C 11 21.66 -2.25 -28.24
N TYR C 12 22.10 -1.12 -27.68
CA TYR C 12 23.41 -1.01 -27.06
C TYR C 12 23.32 -0.12 -25.84
N VAL C 13 24.01 -0.51 -24.77
CA VAL C 13 24.06 0.27 -23.53
C VAL C 13 25.51 0.61 -23.22
N THR C 14 25.81 1.90 -23.09
CA THR C 14 27.15 2.38 -22.83
C THR C 14 27.17 3.24 -21.57
N VAL C 15 28.38 3.47 -21.05
CA VAL C 15 28.54 4.21 -19.80
C VAL C 15 29.05 5.61 -20.10
N GLN C 16 29.18 6.44 -19.06
CA GLN C 16 29.46 7.86 -19.24
C GLN C 16 30.93 8.12 -19.56
N LYS C 17 31.84 7.36 -18.95
CA LYS C 17 33.26 7.63 -19.14
C LYS C 17 33.79 7.18 -20.49
N ASP C 18 32.95 6.65 -21.36
CA ASP C 18 33.34 6.27 -22.71
C ASP C 18 32.43 6.95 -23.75
N TRP C 19 31.87 8.11 -23.41
CA TRP C 19 30.92 8.75 -24.31
C TRP C 19 31.61 9.41 -25.49
N LYS C 20 32.83 9.94 -25.29
CA LYS C 20 33.55 10.54 -26.40
C LYS C 20 33.86 9.52 -27.48
N ASN C 21 34.17 8.28 -27.09
CA ASN C 21 34.41 7.22 -28.07
C ASN C 21 33.13 6.84 -28.80
N THR C 22 32.00 6.82 -28.09
CA THR C 22 30.72 6.43 -28.69
C THR C 22 30.29 7.43 -29.77
N VAL C 23 30.41 8.73 -29.49
CA VAL C 23 30.06 9.73 -30.49
C VAL C 23 31.04 9.67 -31.66
N LYS C 24 32.33 9.51 -31.35
CA LYS C 24 33.35 9.36 -32.40
C LYS C 24 32.96 8.29 -33.42
N LYS C 25 32.42 7.16 -32.94
CA LYS C 25 31.99 6.11 -33.85
C LYS C 25 30.83 6.57 -34.73
N ILE C 26 29.89 7.31 -34.16
CA ILE C 26 28.78 7.82 -34.97
C ILE C 26 29.29 8.82 -36.00
N GLN C 27 30.24 9.67 -35.60
CA GLN C 27 30.83 10.61 -36.55
C GLN C 27 31.53 9.89 -37.70
N GLU C 28 32.23 8.80 -37.39
CA GLU C 28 32.95 8.04 -38.43
C GLU C 28 31.99 7.41 -39.42
N ALA C 29 30.84 6.93 -38.96
CA ALA C 29 29.86 6.36 -39.88
C ALA C 29 29.16 7.45 -40.70
N ILE C 30 29.05 8.66 -40.14
CA ILE C 30 28.48 9.76 -40.90
C ILE C 30 29.40 10.16 -42.04
N LYS C 31 30.70 10.26 -41.78
CA LYS C 31 31.67 10.63 -42.81
C LYS C 31 31.81 9.57 -43.90
N LEU C 32 31.29 8.37 -43.69
CA LEU C 32 31.26 7.33 -44.72
C LEU C 32 29.95 7.31 -45.50
N LYS C 33 29.05 8.27 -45.25
CA LYS C 33 27.79 8.44 -45.98
C LYS C 33 26.78 7.34 -45.67
N SER C 34 26.96 6.61 -44.58
CA SER C 34 26.04 5.52 -44.23
C SER C 34 24.85 5.99 -43.40
N VAL C 35 25.07 6.94 -42.49
CA VAL C 35 24.04 7.35 -41.56
C VAL C 35 23.06 8.28 -42.26
N THR C 36 21.78 7.91 -42.23
CA THR C 36 20.73 8.75 -42.81
C THR C 36 20.18 9.76 -41.79
N SER C 37 19.98 9.35 -40.54
CA SER C 37 19.44 10.23 -39.53
C SER C 37 19.96 9.83 -38.16
N VAL C 38 19.99 10.80 -37.25
CA VAL C 38 20.34 10.58 -35.84
C VAL C 38 19.34 11.35 -34.98
N GLU C 39 18.59 10.62 -34.16
CA GLU C 39 17.63 11.21 -33.25
C GLU C 39 18.18 11.14 -31.83
N VAL C 40 18.32 12.30 -31.19
CA VAL C 40 18.90 12.41 -29.86
C VAL C 40 17.77 12.62 -28.86
N SER C 41 17.80 11.86 -27.76
CA SER C 41 16.76 11.91 -26.75
C SER C 41 17.39 12.08 -25.39
N TYR C 42 16.87 13.03 -24.62
CA TYR C 42 17.30 13.26 -23.24
C TYR C 42 16.25 12.68 -22.30
N ASN C 43 16.69 11.75 -21.44
CA ASN C 43 15.82 11.09 -20.47
C ASN C 43 14.54 10.58 -21.12
N ASP C 44 14.71 9.86 -22.23
CA ASP C 44 13.61 9.29 -23.00
C ASP C 44 12.65 10.36 -23.52
N LYS C 45 13.19 11.55 -23.83
CA LYS C 45 12.42 12.64 -24.42
C LYS C 45 13.17 13.14 -25.65
N SER C 46 12.58 12.95 -26.83
CA SER C 46 13.20 13.38 -28.07
C SER C 46 13.31 14.90 -28.11
N VAL C 47 14.54 15.40 -28.33
CA VAL C 47 14.83 16.82 -28.32
C VAL C 47 15.28 17.33 -29.67
N SER C 48 16.03 16.53 -30.44
CA SER C 48 16.58 17.02 -31.69
C SER C 48 16.73 15.86 -32.68
N THR C 49 16.74 16.22 -33.96
CA THR C 49 16.91 15.26 -35.04
C THR C 49 17.84 15.85 -36.10
N ILE C 50 18.74 15.02 -36.61
CA ILE C 50 19.70 15.41 -37.64
C ILE C 50 19.51 14.50 -38.85
N ASP C 51 19.05 15.07 -39.96
CA ASP C 51 18.84 14.33 -41.19
C ASP C 51 19.90 14.72 -42.21
N LEU C 52 20.64 13.73 -42.69
CA LEU C 52 21.74 13.93 -43.63
C LEU C 52 21.38 13.44 -45.02
N SER C 53 20.15 13.73 -45.46
CA SER C 53 19.68 13.23 -46.75
C SER C 53 20.31 13.97 -47.92
N GLY C 54 20.28 15.31 -47.87
CA GLY C 54 20.80 16.09 -48.98
C GLY C 54 22.30 16.01 -49.13
N LYS C 55 23.01 15.72 -48.04
CA LYS C 55 24.46 15.74 -48.07
C LYS C 55 25.01 14.57 -48.88
N THR C 56 25.94 14.86 -49.79
CA THR C 56 26.59 13.85 -50.61
C THR C 56 28.07 14.14 -50.76
N LYS C 57 28.67 14.86 -49.80
CA LYS C 57 30.07 15.22 -49.84
C LYS C 57 30.66 15.12 -48.46
N VAL C 58 31.93 14.72 -48.39
CA VAL C 58 32.60 14.56 -47.10
C VAL C 58 32.64 15.88 -46.35
N SER C 59 32.90 16.98 -47.08
CA SER C 59 32.92 18.30 -46.45
C SER C 59 31.60 18.61 -45.79
N GLU C 60 30.49 18.28 -46.45
CA GLU C 60 29.17 18.52 -45.87
C GLU C 60 28.91 17.61 -44.67
N LEU C 61 29.32 16.34 -44.77
CA LEU C 61 29.08 15.39 -43.69
C LEU C 61 29.94 15.69 -42.47
N GLU C 62 31.13 16.26 -42.67
CA GLU C 62 32.00 16.60 -41.56
C GLU C 62 31.36 17.64 -40.64
N ALA C 63 30.69 18.63 -41.22
CA ALA C 63 30.08 19.68 -40.40
C ALA C 63 28.95 19.11 -39.55
N GLU C 64 28.09 18.28 -40.13
CA GLU C 64 27.03 17.66 -39.37
C GLU C 64 27.58 16.68 -38.34
N ALA C 65 28.75 16.09 -38.59
CA ALA C 65 29.40 15.31 -37.55
C ALA C 65 29.80 16.17 -36.37
N GLU C 66 30.30 17.39 -36.64
CA GLU C 66 30.74 18.26 -35.56
C GLU C 66 29.57 18.79 -34.73
N ASN C 67 28.46 19.15 -35.39
CA ASN C 67 27.33 19.71 -34.64
C ASN C 67 26.74 18.71 -33.67
N LEU C 68 26.80 17.41 -34.01
CA LEU C 68 26.34 16.38 -33.09
C LEU C 68 27.16 16.37 -31.80
N TYR C 69 28.49 16.49 -31.93
CA TYR C 69 29.33 16.59 -30.75
C TYR C 69 29.03 17.86 -29.97
N ASN C 70 28.88 18.98 -30.67
CA ASN C 70 28.59 20.25 -30.00
C ASN C 70 27.22 20.24 -29.33
N LEU C 71 26.29 19.40 -29.81
CA LEU C 71 24.95 19.39 -29.24
C LEU C 71 24.94 18.76 -27.85
N VAL C 72 25.60 17.61 -27.69
CA VAL C 72 25.50 16.81 -26.47
C VAL C 72 26.77 16.93 -25.63
N ASP C 73 27.57 17.97 -25.85
CA ASP C 73 28.85 18.09 -25.16
C ASP C 73 28.65 18.33 -23.66
N SER C 74 27.91 19.38 -23.31
CA SER C 74 27.75 19.73 -21.90
C SER C 74 26.85 18.75 -21.18
N LYS C 75 25.86 18.17 -21.88
CA LYS C 75 24.94 17.20 -21.26
C LYS C 75 25.66 15.96 -20.78
N LEU C 76 26.40 15.30 -21.68
CA LEU C 76 27.10 14.07 -21.33
C LEU C 76 28.24 14.34 -20.36
N SER C 77 28.89 15.50 -20.47
CA SER C 77 30.00 15.83 -19.57
C SER C 77 29.53 16.02 -18.14
N ASN C 78 28.29 16.47 -17.94
CA ASN C 78 27.76 16.77 -16.62
C ASN C 78 26.57 15.89 -16.28
N LEU C 79 26.55 14.66 -16.80
CA LEU C 79 25.43 13.76 -16.57
C LEU C 79 25.37 13.34 -15.11
N ASP C 80 24.17 13.33 -14.56
CA ASP C 80 23.93 13.02 -13.16
C ASP C 80 23.38 11.60 -13.02
N ASP C 81 23.58 11.04 -11.83
CA ASP C 81 23.02 9.73 -11.49
C ASP C 81 21.51 9.74 -11.67
N GLY C 82 21.01 8.93 -12.60
CA GLY C 82 19.60 8.83 -12.89
C GLY C 82 19.22 9.32 -14.27
N ASP C 83 20.11 10.07 -14.93
CA ASP C 83 19.84 10.62 -16.24
C ASP C 83 20.46 9.73 -17.32
N SER C 84 19.96 9.89 -18.55
CA SER C 84 20.40 9.05 -19.67
C SER C 84 20.26 9.82 -20.97
N VAL C 85 21.06 9.43 -21.96
CA VAL C 85 21.01 10.00 -23.30
C VAL C 85 20.94 8.86 -24.31
N THR C 86 20.09 9.02 -25.33
CA THR C 86 19.85 7.97 -26.30
C THR C 86 20.04 8.49 -27.71
N PHE C 87 20.82 7.77 -28.52
CA PHE C 87 20.99 8.06 -29.93
C PHE C 87 20.30 6.96 -30.74
N LYS C 88 19.36 7.36 -31.60
CA LYS C 88 18.71 6.45 -32.54
C LYS C 88 19.29 6.70 -33.93
N VAL C 89 20.10 5.77 -34.41
CA VAL C 89 20.85 5.94 -35.66
C VAL C 89 20.28 5.02 -36.73
N THR C 90 19.96 5.58 -37.89
CA THR C 90 19.53 4.83 -39.06
C THR C 90 20.63 4.87 -40.13
N TYR C 91 21.06 3.69 -40.59
CA TYR C 91 22.20 3.59 -41.49
C TYR C 91 21.98 2.52 -42.54
N ASN C 92 22.76 2.63 -43.61
CA ASN C 92 22.78 1.69 -44.74
C ASN C 92 24.06 0.86 -44.69
N THR C 93 24.07 -0.23 -45.48
CA THR C 93 25.15 -1.21 -45.37
C THR C 93 25.91 -1.46 -46.66
N GLY C 94 25.26 -1.44 -47.82
CA GLY C 94 25.94 -1.78 -49.06
C GLY C 94 26.94 -0.74 -49.51
N PHE C 95 27.96 -1.20 -50.26
CA PHE C 95 28.98 -0.31 -50.81
C PHE C 95 28.49 0.48 -52.01
N ASN C 96 27.31 0.15 -52.53
CA ASN C 96 26.62 1.03 -53.46
C ASN C 96 25.77 2.07 -52.73
N LYS C 97 25.92 2.16 -51.40
CA LYS C 97 25.23 3.16 -50.59
C LYS C 97 26.12 3.88 -49.60
N ARG C 98 27.38 3.48 -49.45
CA ARG C 98 28.30 4.13 -48.51
C ARG C 98 29.70 4.14 -49.10
N PHE C 99 30.60 4.85 -48.43
CA PHE C 99 31.99 4.98 -48.87
C PHE C 99 32.85 3.86 -48.29
N TYR C 100 34.01 3.64 -48.93
CA TYR C 100 35.05 2.82 -48.34
C TYR C 100 35.86 3.63 -47.33
N SER C 101 36.15 3.02 -46.19
CA SER C 101 37.08 3.67 -45.26
C SER C 101 38.51 3.38 -45.70
N LYS C 102 39.45 4.17 -45.15
CA LYS C 102 40.84 4.00 -45.54
C LYS C 102 41.38 2.66 -45.07
N SER C 103 40.98 2.21 -43.88
CA SER C 103 41.38 0.89 -43.41
C SER C 103 40.96 -0.20 -44.39
N GLU C 104 39.70 -0.15 -44.85
CA GLU C 104 39.21 -1.14 -45.79
C GLU C 104 39.99 -1.10 -47.10
N LEU C 105 40.38 0.10 -47.54
CA LEU C 105 41.17 0.20 -48.76
C LEU C 105 42.59 -0.30 -48.54
N GLU C 106 43.12 -0.17 -47.32
CA GLU C 106 44.46 -0.65 -47.05
C GLU C 106 44.53 -2.17 -47.05
N LYS C 107 43.48 -2.83 -46.55
CA LYS C 107 43.45 -4.29 -46.60
C LYS C 107 43.30 -4.80 -48.03
N ILE C 108 42.37 -4.23 -48.80
CA ILE C 108 42.21 -4.62 -50.19
C ILE C 108 43.50 -4.40 -50.96
N LYS C 109 44.19 -3.29 -50.67
CA LYS C 109 45.44 -3.00 -51.35
C LYS C 109 46.47 -4.10 -51.10
N THR C 110 46.66 -4.47 -49.83
CA THR C 110 47.59 -5.56 -49.50
C THR C 110 47.18 -6.85 -50.20
N GLN C 111 45.88 -7.16 -50.21
CA GLN C 111 45.41 -8.37 -50.87
C GLN C 111 45.72 -8.34 -52.37
N LEU C 112 45.49 -7.19 -53.02
CA LEU C 112 45.78 -7.05 -54.44
C LEU C 112 47.28 -7.13 -54.71
N GLU C 113 48.09 -6.53 -53.84
CA GLU C 113 49.54 -6.55 -54.04
C GLU C 113 50.09 -7.97 -54.02
N LYS C 114 49.53 -8.86 -53.19
CA LYS C 114 50.06 -10.20 -53.03
C LYS C 114 49.36 -11.24 -53.90
N LYS C 115 48.34 -10.86 -54.66
CA LYS C 115 47.63 -11.82 -55.48
C LYS C 115 48.52 -12.36 -56.59
N VAL C 116 48.40 -13.65 -56.87
CA VAL C 116 49.23 -14.31 -57.86
C VAL C 116 48.64 -14.09 -59.25
N VAL C 117 49.48 -13.71 -60.20
CA VAL C 117 49.04 -13.42 -61.56
C VAL C 117 49.48 -14.50 -62.55
N VAL C 118 50.70 -15.02 -62.41
CA VAL C 118 51.19 -16.13 -63.23
C VAL C 118 51.88 -17.13 -62.33
N ALA C 119 51.36 -18.36 -62.29
CA ALA C 119 51.93 -19.43 -61.48
C ALA C 119 53.00 -20.19 -62.25
N LYS C 120 53.98 -20.71 -61.53
CA LYS C 120 55.08 -21.45 -62.14
C LYS C 120 54.61 -22.81 -62.63
N LYS C 124 58.45 -26.83 -67.83
CA LYS C 124 57.26 -27.66 -67.95
C LYS C 124 56.14 -26.94 -68.73
N ALA C 125 56.09 -27.21 -70.04
CA ALA C 125 55.05 -26.67 -70.92
C ALA C 125 55.02 -25.15 -70.93
N ALA C 126 53.95 -24.57 -71.46
CA ALA C 126 53.83 -23.12 -71.49
C ALA C 126 53.56 -22.59 -70.09
N GLY C 127 54.34 -21.59 -69.67
CA GLY C 127 54.16 -21.01 -68.36
C GLY C 127 55.31 -20.10 -68.01
N LEU C 128 55.50 -19.90 -66.70
CA LEU C 128 56.54 -19.00 -66.22
C LEU C 128 57.91 -19.66 -66.38
N ALA C 129 58.85 -18.93 -66.99
CA ALA C 129 60.21 -19.40 -67.17
C ALA C 129 61.17 -18.38 -66.61
N MET C 130 62.29 -18.87 -66.08
CA MET C 130 63.29 -18.02 -65.45
C MET C 130 64.62 -18.14 -66.15
N ASN C 131 65.35 -17.03 -66.20
CA ASN C 131 66.65 -16.97 -66.85
C ASN C 131 67.71 -17.68 -66.01
N GLU C 132 68.41 -18.64 -66.60
CA GLU C 132 69.62 -19.21 -66.01
C GLU C 132 70.77 -19.02 -67.00
N ASN C 133 71.53 -17.94 -66.80
CA ASN C 133 72.72 -17.63 -67.58
C ASN C 133 72.52 -17.88 -69.07
N GLY C 134 71.36 -17.48 -69.60
CA GLY C 134 71.05 -17.61 -71.00
C GLY C 134 70.06 -18.69 -71.34
N LYS C 135 69.74 -19.60 -70.42
CA LYS C 135 68.78 -20.65 -70.68
C LYS C 135 67.55 -20.49 -69.79
N ALA C 136 66.44 -21.06 -70.25
CA ALA C 136 65.14 -20.93 -69.59
C ALA C 136 64.82 -22.19 -68.80
N VAL C 137 64.72 -22.06 -67.48
CA VAL C 137 64.37 -23.17 -66.60
C VAL C 137 63.12 -22.79 -65.80
N VAL C 138 62.59 -23.78 -65.07
CA VAL C 138 61.38 -23.58 -64.29
C VAL C 138 61.63 -22.51 -63.24
N ALA C 139 60.66 -21.61 -63.08
CA ALA C 139 60.83 -20.45 -62.23
C ALA C 139 60.89 -20.86 -60.75
N ASP C 140 61.49 -20.00 -59.94
CA ASP C 140 61.67 -20.27 -58.52
C ASP C 140 60.47 -19.85 -57.67
N ARG C 141 59.63 -18.96 -58.19
CA ARG C 141 58.45 -18.51 -57.47
C ARG C 141 57.38 -18.12 -58.48
N ASP C 142 56.17 -17.87 -57.96
CA ASP C 142 55.12 -17.27 -58.75
C ASP C 142 55.26 -15.75 -58.74
N LEU C 143 54.71 -15.10 -59.77
CA LEU C 143 54.71 -13.66 -59.82
C LEU C 143 53.40 -13.11 -59.29
N VAL C 144 53.49 -11.93 -58.67
CA VAL C 144 52.36 -11.30 -58.01
C VAL C 144 52.12 -9.94 -58.67
N ALA C 145 50.94 -9.37 -58.38
CA ALA C 145 50.53 -8.12 -59.02
C ALA C 145 51.50 -6.99 -58.70
N SER C 146 52.06 -6.97 -57.48
CA SER C 146 52.98 -5.91 -57.08
C SER C 146 54.32 -5.98 -57.81
N ASP C 147 54.57 -7.04 -58.58
CA ASP C 147 55.74 -7.07 -59.45
C ASP C 147 55.54 -6.23 -60.70
N PHE C 148 54.30 -6.02 -61.11
CA PHE C 148 53.98 -5.25 -62.31
C PHE C 148 53.35 -3.90 -62.01
N TYR C 149 52.47 -3.82 -61.02
CA TYR C 149 51.69 -2.62 -60.73
C TYR C 149 52.08 -2.04 -59.38
N ASN C 150 51.76 -0.76 -59.21
CA ASN C 150 51.82 -0.07 -57.93
C ASN C 150 50.46 0.51 -57.64
N PHE C 151 50.08 0.53 -56.36
CA PHE C 151 48.75 0.92 -55.94
C PHE C 151 48.81 2.18 -55.09
N ILE C 152 47.79 3.04 -55.26
CA ILE C 152 47.78 4.37 -54.65
C ILE C 152 46.40 4.62 -54.05
N ILE C 153 46.36 5.15 -52.83
CA ILE C 153 45.13 5.58 -52.17
C ILE C 153 45.11 7.10 -52.15
N SER C 154 44.12 7.69 -52.80
CA SER C 154 43.90 9.13 -52.74
C SER C 154 42.41 9.38 -52.54
N THR C 155 41.96 10.60 -52.82
CA THR C 155 40.56 10.97 -52.63
C THR C 155 39.97 11.48 -53.92
N ASP C 156 38.64 11.42 -54.00
CA ASP C 156 37.93 11.94 -55.15
C ASP C 156 37.85 13.46 -55.07
N THR C 157 38.01 14.12 -56.22
CA THR C 157 37.95 15.57 -56.27
C THR C 157 36.51 16.09 -56.38
N SER C 158 35.54 15.20 -56.55
CA SER C 158 34.13 15.59 -56.62
C SER C 158 33.43 15.41 -55.28
N THR C 159 33.60 14.25 -54.63
CA THR C 159 32.93 13.95 -53.37
C THR C 159 33.85 14.00 -52.16
N GLY C 160 35.12 13.68 -52.31
CA GLY C 160 36.04 13.64 -51.19
C GLY C 160 36.20 12.27 -50.56
N GLU C 161 35.55 11.25 -51.11
CA GLU C 161 35.68 9.89 -50.59
C GLU C 161 37.05 9.31 -50.94
N TYR C 162 37.53 8.42 -50.09
CA TYR C 162 38.75 7.69 -50.39
C TYR C 162 38.53 6.77 -51.59
N ILE C 163 39.57 6.61 -52.40
CA ILE C 163 39.53 5.76 -53.59
C ILE C 163 40.85 5.01 -53.72
N LEU C 164 40.84 3.98 -54.56
CA LEU C 164 42.02 3.16 -54.83
C LEU C 164 42.25 3.09 -56.33
N LYS C 165 43.47 3.38 -56.76
CA LYS C 165 43.84 3.34 -58.17
C LYS C 165 45.20 2.69 -58.31
N SER C 166 45.50 2.24 -59.53
CA SER C 166 46.73 1.52 -59.82
C SER C 166 47.48 2.17 -60.98
N GLU C 167 48.77 1.86 -61.06
CA GLU C 167 49.66 2.46 -62.05
C GLU C 167 50.75 1.47 -62.44
N LYS C 168 51.25 1.60 -63.66
CA LYS C 168 52.37 0.79 -64.10
C LYS C 168 53.64 1.16 -63.34
N LYS C 169 54.42 0.14 -62.99
CA LYS C 169 55.69 0.35 -62.33
C LYS C 169 56.68 1.03 -63.29
N GLY C 170 57.79 1.51 -62.73
CA GLY C 170 58.76 2.22 -63.54
C GLY C 170 59.48 1.33 -64.51
N ALA C 171 59.97 1.95 -65.60
CA ALA C 171 60.71 1.20 -66.61
C ALA C 171 61.96 0.54 -66.04
N ALA C 172 62.58 1.17 -65.03
CA ALA C 172 63.70 0.56 -64.34
C ALA C 172 63.28 -0.74 -63.66
N SER C 173 62.22 -0.68 -62.85
CA SER C 173 61.75 -1.87 -62.14
C SER C 173 61.28 -2.95 -63.12
N LEU C 174 60.59 -2.55 -64.19
CA LEU C 174 60.07 -3.52 -65.15
C LEU C 174 61.18 -4.16 -65.97
N ASP C 175 62.23 -3.40 -66.30
CA ASP C 175 63.37 -3.97 -67.02
C ASP C 175 64.11 -4.99 -66.16
N ALA C 176 64.37 -4.64 -64.89
CA ALA C 176 64.98 -5.59 -63.97
C ALA C 176 64.23 -6.92 -63.92
N LEU C 177 62.92 -6.89 -64.14
CA LEU C 177 62.12 -8.11 -64.16
C LEU C 177 62.19 -8.80 -65.52
N ASN C 178 62.20 -8.02 -66.60
CA ASN C 178 62.17 -8.58 -67.95
C ASN C 178 63.42 -9.41 -68.26
N GLU C 179 64.53 -9.16 -67.55
CA GLU C 179 65.76 -9.91 -67.72
C GLU C 179 65.81 -11.14 -66.83
N LYS C 180 64.71 -11.52 -66.21
CA LYS C 180 64.68 -12.69 -65.33
C LYS C 180 63.50 -13.61 -65.60
N TYR C 181 62.34 -13.07 -65.95
CA TYR C 181 61.15 -13.88 -66.15
C TYR C 181 60.51 -13.57 -67.50
N GLY C 182 59.89 -14.58 -68.10
CA GLY C 182 59.24 -14.41 -69.38
C GLY C 182 58.29 -15.54 -69.67
N TYR C 183 57.54 -15.38 -70.76
CA TYR C 183 56.54 -16.33 -71.21
C TYR C 183 57.12 -17.24 -72.28
N ALA C 184 57.11 -18.55 -72.03
CA ALA C 184 57.54 -19.55 -72.98
C ALA C 184 56.31 -20.27 -73.53
N ALA C 185 56.08 -20.15 -74.83
CA ALA C 185 54.92 -20.79 -75.44
C ALA C 185 55.19 -22.24 -75.82
N LEU C 186 56.41 -22.72 -75.60
CA LEU C 186 56.79 -24.10 -75.86
C LEU C 186 58.16 -24.31 -75.20
N ALA C 187 58.23 -24.97 -74.04
CA ALA C 187 59.49 -25.04 -73.32
C ALA C 187 59.47 -26.09 -72.22
N ILE C 188 60.57 -26.85 -72.12
CA ILE C 188 60.74 -27.84 -71.06
C ILE C 188 62.11 -27.76 -70.37
N ASP C 189 63.20 -27.84 -71.14
CA ASP C 189 64.55 -27.98 -70.61
C ASP C 189 65.30 -26.67 -70.46
N GLY C 190 66.50 -26.80 -69.89
CA GLY C 190 67.47 -25.76 -69.65
C GLY C 190 68.49 -25.73 -70.76
N THR C 191 68.12 -26.20 -71.95
CA THR C 191 68.99 -26.20 -73.12
C THR C 191 68.45 -25.31 -74.23
N GLY C 192 67.34 -24.61 -73.98
CA GLY C 192 66.78 -23.66 -74.93
C GLY C 192 67.16 -22.25 -74.54
N ASP C 193 67.55 -21.45 -75.53
CA ASP C 193 67.93 -20.07 -75.31
C ASP C 193 66.78 -19.27 -74.68
N PHE C 194 67.13 -18.24 -73.91
CA PHE C 194 66.11 -17.47 -73.20
C PHE C 194 65.38 -16.48 -74.11
N GLY C 195 66.14 -15.57 -74.72
CA GLY C 195 65.54 -14.52 -75.54
C GLY C 195 64.70 -15.00 -76.70
N THR C 196 64.88 -16.26 -77.11
CA THR C 196 64.16 -16.81 -78.25
C THR C 196 62.98 -17.68 -77.83
N VAL C 197 63.14 -18.44 -76.75
CA VAL C 197 62.10 -19.36 -76.28
C VAL C 197 61.27 -18.75 -75.16
N THR C 198 61.54 -17.51 -74.78
CA THR C 198 60.71 -16.83 -73.79
C THR C 198 60.49 -15.40 -74.28
N GLU C 199 59.24 -14.97 -74.30
CA GLU C 199 58.90 -13.58 -74.50
C GLU C 199 58.49 -13.01 -73.14
N SER C 200 58.58 -11.70 -73.01
CA SER C 200 58.30 -11.11 -71.70
C SER C 200 56.84 -10.66 -71.61
N TYR C 201 56.31 -10.74 -70.40
CA TYR C 201 54.89 -10.50 -70.20
C TYR C 201 54.57 -9.01 -70.36
N VAL C 202 53.40 -8.74 -70.90
CA VAL C 202 52.96 -7.40 -71.25
C VAL C 202 51.78 -7.03 -70.34
N PRO C 203 51.97 -6.12 -69.39
CA PRO C 203 50.84 -5.67 -68.55
C PRO C 203 50.02 -4.54 -69.17
N ALA C 204 48.71 -4.61 -68.94
CA ALA C 204 47.78 -3.66 -69.52
C ALA C 204 47.75 -2.35 -68.74
N ALA C 205 47.20 -1.33 -69.39
CA ALA C 205 47.08 0.01 -68.79
C ALA C 205 45.84 0.09 -67.91
N PRO C 206 45.98 0.41 -66.63
CA PRO C 206 44.81 0.49 -65.75
C PRO C 206 43.86 1.62 -66.15
N THR C 207 42.55 1.33 -66.07
CA THR C 207 41.52 2.32 -66.35
C THR C 207 40.46 2.43 -65.27
N ASP C 208 40.39 1.50 -64.34
CA ASP C 208 39.33 1.47 -63.34
C ASP C 208 39.81 2.00 -62.00
N ILE C 209 38.86 2.49 -61.21
CA ILE C 209 39.11 2.97 -59.86
C ILE C 209 38.10 2.31 -58.94
N LEU C 210 38.56 1.90 -57.75
CA LEU C 210 37.70 1.30 -56.75
C LEU C 210 37.13 2.41 -55.87
N LYS C 211 35.81 2.50 -55.81
CA LYS C 211 35.12 3.55 -55.06
C LYS C 211 33.69 3.08 -54.78
N SER C 212 32.81 4.02 -54.41
CA SER C 212 31.42 3.68 -54.17
C SER C 212 30.79 3.07 -55.42
N THR C 213 29.82 2.17 -55.19
CA THR C 213 29.07 1.41 -56.19
C THR C 213 29.93 0.37 -56.90
N LYS C 214 31.20 0.21 -56.53
CA LYS C 214 32.10 -0.71 -57.19
C LYS C 214 32.63 -1.75 -56.21
N GLN C 215 33.10 -2.87 -56.76
CA GLN C 215 33.81 -3.89 -56.01
C GLN C 215 34.82 -4.56 -56.92
N ILE C 216 35.88 -5.09 -56.32
CA ILE C 216 36.94 -5.71 -57.11
C ILE C 216 36.41 -6.97 -57.76
N ASP C 217 36.63 -7.09 -59.06
CA ASP C 217 36.20 -8.27 -59.83
C ASP C 217 37.39 -9.22 -59.84
N GLU C 218 37.35 -10.22 -58.96
CA GLU C 218 38.47 -11.14 -58.83
C GLU C 218 38.64 -12.07 -60.03
N THR C 219 37.62 -12.19 -60.87
CA THR C 219 37.72 -12.98 -62.09
C THR C 219 38.45 -12.23 -63.20
N ALA C 220 38.02 -11.00 -63.48
CA ALA C 220 38.64 -10.22 -64.54
C ALA C 220 40.02 -9.71 -64.15
N SER C 221 40.18 -9.25 -62.91
CA SER C 221 41.43 -8.64 -62.46
C SER C 221 42.61 -9.58 -62.67
N PHE C 222 43.63 -9.08 -63.38
CA PHE C 222 44.90 -9.80 -63.59
C PHE C 222 44.70 -11.09 -64.39
N GLU C 223 43.73 -11.09 -65.31
CA GLU C 223 43.51 -12.25 -66.15
C GLU C 223 44.72 -12.48 -67.06
N ASN C 224 45.20 -13.72 -67.09
CA ASN C 224 46.32 -14.11 -67.92
C ASN C 224 45.78 -14.74 -69.20
N THR C 225 46.17 -14.19 -70.35
CA THR C 225 45.91 -14.79 -71.66
C THR C 225 47.25 -14.77 -72.41
N GLY C 226 47.99 -15.86 -72.31
CA GLY C 226 49.33 -15.91 -72.87
C GLY C 226 50.30 -14.97 -72.18
N LYS C 227 50.91 -14.07 -72.94
CA LYS C 227 51.82 -13.09 -72.37
C LYS C 227 51.11 -11.83 -71.89
N ASP C 228 49.81 -11.69 -72.18
CA ASP C 228 49.06 -10.53 -71.73
C ASP C 228 48.61 -10.70 -70.28
N ILE C 229 48.65 -9.60 -69.53
CA ILE C 229 48.12 -9.55 -68.17
C ILE C 229 47.17 -8.36 -68.07
N ALA C 230 45.94 -8.62 -67.62
CA ALA C 230 44.96 -7.57 -67.45
C ALA C 230 45.25 -6.77 -66.18
N ALA C 231 44.73 -5.55 -66.14
CA ALA C 231 44.88 -4.68 -64.99
C ALA C 231 43.76 -4.94 -63.98
N MET C 232 43.80 -4.20 -62.87
CA MET C 232 42.76 -4.28 -61.86
C MET C 232 41.41 -3.82 -62.41
N THR C 233 40.42 -4.69 -62.33
CA THR C 233 39.09 -4.42 -62.88
C THR C 233 38.06 -4.47 -61.77
N VAL C 234 37.07 -3.57 -61.86
CA VAL C 234 36.03 -3.46 -60.86
C VAL C 234 34.67 -3.67 -61.52
N LYS C 235 33.70 -4.09 -60.70
CA LYS C 235 32.34 -4.31 -61.17
C LYS C 235 31.37 -3.73 -60.15
N ALA C 236 30.08 -3.81 -60.45
CA ALA C 236 29.05 -3.29 -59.56
C ALA C 236 29.04 -4.04 -58.24
N ALA C 237 28.91 -3.29 -57.15
CA ALA C 237 28.92 -3.89 -55.82
C ALA C 237 27.61 -4.61 -55.53
N ASP C 238 27.68 -5.55 -54.59
CA ASP C 238 26.49 -6.26 -54.17
C ASP C 238 25.59 -5.34 -53.34
N PRO C 239 24.29 -5.56 -53.35
CA PRO C 239 23.38 -4.72 -52.56
C PRO C 239 23.43 -5.09 -51.08
N GLY C 240 23.13 -4.09 -50.25
CA GLY C 240 23.05 -4.26 -48.82
C GLY C 240 21.69 -3.85 -48.30
N GLU C 241 21.51 -4.01 -46.98
CA GLU C 241 20.23 -3.69 -46.38
C GLU C 241 20.11 -2.20 -46.13
N ASP C 242 18.89 -1.69 -46.23
CA ASP C 242 18.62 -0.27 -46.10
C ASP C 242 17.77 -0.02 -44.86
N GLY C 243 18.18 0.96 -44.06
CA GLY C 243 17.41 1.36 -42.89
C GLY C 243 17.59 0.46 -41.69
N ASN C 244 18.84 0.24 -41.28
CA ASN C 244 19.12 -0.44 -40.03
C ASN C 244 19.05 0.57 -38.88
N ILE C 245 18.65 0.08 -37.71
CA ILE C 245 18.48 0.93 -36.53
C ILE C 245 19.43 0.46 -35.45
N ALA C 246 20.17 1.41 -34.87
CA ALA C 246 21.05 1.14 -33.73
C ALA C 246 20.68 2.11 -32.61
N ASN C 247 20.24 1.56 -31.48
CA ASN C 247 19.84 2.36 -30.32
C ASN C 247 20.94 2.30 -29.26
N ILE C 248 21.65 3.41 -29.09
CA ILE C 248 22.77 3.49 -28.16
C ILE C 248 22.34 4.35 -26.97
N LYS C 249 22.33 3.76 -25.78
CA LYS C 249 22.01 4.48 -24.55
C LYS C 249 23.28 4.73 -23.75
N VAL C 250 23.30 5.87 -23.07
CA VAL C 250 24.43 6.27 -22.24
C VAL C 250 23.90 6.51 -20.83
N ILE C 251 24.44 5.79 -19.86
CA ILE C 251 24.05 5.91 -18.46
C ILE C 251 25.28 6.30 -17.66
N ASN C 252 25.06 6.67 -16.40
CA ASN C 252 26.14 7.12 -15.52
C ASN C 252 26.52 6.04 -14.53
N ALA C 253 26.84 4.85 -15.04
CA ALA C 253 27.25 3.72 -14.22
C ALA C 253 28.72 3.41 -14.45
N LYS C 254 29.40 2.99 -13.39
CA LYS C 254 30.78 2.55 -13.48
C LYS C 254 30.86 1.18 -14.13
N GLU C 255 31.71 1.03 -15.14
CA GLU C 255 31.90 -0.25 -15.80
C GLU C 255 33.15 -0.92 -15.23
N THR C 256 32.98 -2.17 -14.79
CA THR C 256 34.05 -2.95 -14.18
C THR C 256 34.14 -4.29 -14.89
N THR C 257 35.36 -4.70 -15.25
CA THR C 257 35.61 -5.95 -15.93
C THR C 257 36.36 -6.90 -15.00
N ILE C 258 35.95 -8.17 -14.99
CA ILE C 258 36.53 -9.17 -14.11
C ILE C 258 37.06 -10.32 -14.96
N ASP C 259 38.31 -10.70 -14.72
CA ASP C 259 38.94 -11.84 -15.37
C ASP C 259 38.79 -13.05 -14.46
N VAL C 260 37.91 -13.98 -14.85
CA VAL C 260 37.62 -15.13 -13.99
C VAL C 260 38.87 -16.01 -13.84
N ASP C 261 39.77 -15.99 -14.82
CA ASP C 261 40.92 -16.88 -14.83
C ASP C 261 42.11 -16.32 -14.05
N SER C 262 41.92 -15.25 -13.28
CA SER C 262 43.00 -14.67 -12.49
C SER C 262 42.73 -14.85 -11.00
N LYS C 263 43.82 -14.86 -10.22
CA LYS C 263 43.70 -14.97 -8.77
C LYS C 263 43.56 -13.63 -8.08
N SER C 264 44.12 -12.57 -8.67
CA SER C 264 44.01 -11.24 -8.07
C SER C 264 42.69 -10.57 -8.41
N SER C 265 42.05 -10.97 -9.51
CA SER C 265 40.77 -10.42 -9.93
C SER C 265 39.70 -10.71 -8.87
N THR C 266 38.56 -10.04 -9.00
CA THR C 266 37.50 -10.15 -8.02
C THR C 266 36.91 -11.56 -7.98
N SER C 267 36.79 -12.11 -6.77
CA SER C 267 36.14 -13.39 -6.53
C SER C 267 34.62 -13.21 -6.43
N ALA C 268 33.90 -14.31 -6.67
CA ALA C 268 32.44 -14.27 -6.53
C ALA C 268 32.02 -14.01 -5.09
N GLU C 269 32.87 -14.34 -4.12
CA GLU C 269 32.55 -14.08 -2.73
C GLU C 269 32.63 -12.59 -2.42
N ASP C 270 33.66 -11.92 -2.93
CA ASP C 270 33.81 -10.49 -2.73
C ASP C 270 32.93 -9.68 -3.67
N LEU C 271 32.57 -10.23 -4.83
CA LEU C 271 31.65 -9.52 -5.71
C LEU C 271 30.23 -9.51 -5.14
N ALA C 272 29.86 -10.52 -4.36
CA ALA C 272 28.53 -10.52 -3.77
C ALA C 272 28.46 -9.67 -2.51
N LYS C 273 29.61 -9.24 -1.98
CA LYS C 273 29.63 -8.33 -0.86
C LYS C 273 29.34 -6.90 -1.28
N LYS C 274 29.76 -6.51 -2.48
CA LYS C 274 29.56 -5.13 -2.94
C LYS C 274 28.15 -4.92 -3.47
N TYR C 275 27.70 -5.77 -4.39
CA TYR C 275 26.46 -5.55 -5.10
C TYR C 275 25.44 -6.63 -4.75
N VAL C 276 24.20 -6.36 -5.13
CA VAL C 276 23.09 -7.31 -5.00
C VAL C 276 22.58 -7.59 -6.39
N PHE C 277 22.30 -8.86 -6.68
CA PHE C 277 21.89 -9.28 -8.01
C PHE C 277 20.51 -9.89 -7.94
N ASP C 278 19.83 -9.91 -9.09
CA ASP C 278 18.56 -10.60 -9.22
C ASP C 278 18.84 -12.04 -9.65
N ASP C 279 18.26 -12.99 -8.92
CA ASP C 279 18.58 -14.39 -9.19
C ASP C 279 17.89 -14.92 -10.44
N LYS C 280 16.80 -14.28 -10.87
CA LYS C 280 16.16 -14.68 -12.13
C LYS C 280 17.10 -14.52 -13.30
N ASP C 281 18.01 -13.54 -13.24
CA ASP C 281 18.99 -13.37 -14.30
C ASP C 281 20.18 -14.29 -14.11
N LEU C 282 20.68 -14.38 -12.88
CA LEU C 282 21.75 -15.34 -12.57
C LEU C 282 21.34 -16.75 -12.98
N LYS C 283 20.08 -17.11 -12.74
CA LYS C 283 19.59 -18.41 -13.16
C LYS C 283 19.47 -18.51 -14.68
N ALA C 284 19.08 -17.41 -15.33
CA ALA C 284 18.99 -17.39 -16.78
C ALA C 284 20.35 -17.66 -17.42
N VAL C 285 21.41 -17.11 -16.85
CA VAL C 285 22.75 -17.37 -17.36
C VAL C 285 23.15 -18.82 -17.09
N TYR C 286 23.04 -19.25 -15.83
CA TYR C 286 23.39 -20.62 -15.44
C TYR C 286 22.71 -21.64 -16.34
N ASP C 287 21.44 -21.43 -16.66
CA ASP C 287 20.70 -22.40 -17.46
C ASP C 287 21.23 -22.45 -18.90
N GLN C 288 21.69 -21.33 -19.44
CA GLN C 288 22.20 -21.33 -20.81
C GLN C 288 23.52 -22.10 -20.91
N LEU C 289 24.38 -21.99 -19.90
CA LEU C 289 25.65 -22.70 -19.93
C LEU C 289 25.51 -24.20 -19.69
N ASN C 290 24.29 -24.69 -19.48
CA ASN C 290 24.01 -26.12 -19.44
C ASN C 290 23.39 -26.62 -20.73
N GLU C 291 23.57 -25.89 -21.84
CA GLU C 291 22.99 -26.25 -23.14
C GLU C 291 24.04 -26.02 -24.21
N GLY C 292 24.53 -27.10 -24.80
CA GLY C 292 25.53 -27.00 -25.84
C GLY C 292 26.72 -26.17 -25.44
N ASP C 293 27.24 -25.40 -26.38
CA ASP C 293 28.36 -24.48 -26.11
C ASP C 293 27.95 -23.30 -25.25
N GLY C 294 26.65 -23.06 -25.07
CA GLY C 294 26.18 -21.96 -24.27
C GLY C 294 26.12 -20.63 -24.97
N THR C 295 26.34 -20.59 -26.28
CA THR C 295 26.35 -19.35 -27.04
C THR C 295 25.00 -19.02 -27.68
N THR C 296 24.23 -20.04 -28.06
CA THR C 296 22.89 -19.80 -28.60
C THR C 296 22.03 -19.20 -27.51
N GLY C 297 21.72 -17.92 -27.64
CA GLY C 297 20.98 -17.18 -26.62
C GLY C 297 21.62 -15.85 -26.31
N LYS C 298 20.82 -15.02 -25.65
CA LYS C 298 21.14 -13.60 -25.47
C LYS C 298 21.94 -13.31 -24.22
N TYR C 299 22.18 -14.31 -23.37
CA TYR C 299 22.88 -14.05 -22.11
C TYR C 299 24.38 -14.27 -22.19
N VAL C 300 24.86 -15.02 -23.18
CA VAL C 300 26.28 -15.32 -23.33
C VAL C 300 26.69 -15.15 -24.78
N GLU C 301 27.91 -14.65 -25.00
CA GLU C 301 28.50 -14.54 -26.32
C GLU C 301 30.00 -14.82 -26.23
N LYS C 302 30.60 -15.08 -27.39
CA LYS C 302 32.06 -15.23 -27.50
C LYS C 302 32.64 -14.02 -28.21
N VAL C 303 33.57 -13.34 -27.56
CA VAL C 303 34.27 -12.19 -28.14
C VAL C 303 35.76 -12.37 -27.92
N ASP C 304 36.54 -12.12 -28.98
CA ASP C 304 37.99 -12.30 -29.00
C ASP C 304 38.41 -13.61 -28.33
N GLY C 305 37.71 -14.69 -28.69
CA GLY C 305 38.08 -16.02 -28.24
C GLY C 305 37.79 -16.33 -26.79
N ARG C 306 36.88 -15.60 -26.16
CA ARG C 306 36.56 -15.80 -24.74
C ARG C 306 35.06 -15.73 -24.54
N TYR C 307 34.58 -16.41 -23.51
CA TYR C 307 33.18 -16.32 -23.11
C TYR C 307 32.96 -15.04 -22.30
N GLN C 308 31.96 -14.26 -22.70
CA GLN C 308 31.63 -13.00 -22.04
C GLN C 308 30.17 -12.97 -21.61
N VAL C 309 29.92 -12.47 -20.39
CA VAL C 309 28.58 -12.28 -19.88
C VAL C 309 28.51 -10.92 -19.20
N VAL C 310 27.44 -10.19 -19.44
CA VAL C 310 27.26 -8.84 -18.91
C VAL C 310 26.11 -8.84 -17.91
N LEU C 311 26.38 -8.35 -16.70
CA LEU C 311 25.43 -8.35 -15.59
C LEU C 311 25.23 -6.94 -15.06
N TYR C 312 23.97 -6.60 -14.75
CA TYR C 312 23.63 -5.31 -14.15
C TYR C 312 23.09 -5.53 -12.74
N PRO C 313 23.86 -5.24 -11.70
CA PRO C 313 23.35 -5.42 -10.34
C PRO C 313 22.22 -4.46 -10.03
N GLU C 314 21.30 -4.93 -9.18
CA GLU C 314 20.13 -4.11 -8.81
C GLU C 314 20.54 -2.95 -7.91
N GLY C 315 21.51 -3.17 -7.03
CA GLY C 315 21.98 -2.09 -6.19
C GLY C 315 23.24 -2.48 -5.45
N LYS C 316 23.57 -1.68 -4.44
CA LYS C 316 24.71 -1.95 -3.58
C LYS C 316 24.23 -2.59 -2.28
N ARG C 317 25.01 -3.54 -1.78
CA ARG C 317 24.57 -4.32 -0.63
C ARG C 317 24.82 -3.57 0.67
N LEU C 318 23.94 -3.78 1.64
CA LEU C 318 24.04 -3.19 2.96
C LEU C 318 25.34 -3.56 3.66
N PRO D 7 -46.07 2.44 -5.31
CA PRO D 7 -45.22 1.39 -4.75
C PRO D 7 -43.90 1.94 -4.21
N VAL D 8 -43.63 1.73 -2.94
CA VAL D 8 -42.50 2.32 -2.25
C VAL D 8 -41.42 1.26 -2.03
N THR D 9 -40.17 1.70 -2.08
CA THR D 9 -39.01 0.87 -1.75
C THR D 9 -38.25 1.58 -0.63
N GLU D 10 -38.20 0.94 0.54
CA GLU D 10 -37.60 1.54 1.71
C GLU D 10 -36.67 0.55 2.39
N ASN D 11 -35.70 1.08 3.13
CA ASN D 11 -34.70 0.28 3.81
C ASN D 11 -34.81 0.45 5.32
N TYR D 12 -34.47 -0.61 6.05
CA TYR D 12 -34.53 -0.60 7.50
C TYR D 12 -33.37 -1.41 8.07
N VAL D 13 -32.77 -0.90 9.14
CA VAL D 13 -31.66 -1.54 9.84
C VAL D 13 -32.07 -1.78 11.28
N THR D 14 -32.05 -3.04 11.72
CA THR D 14 -32.42 -3.41 13.07
C THR D 14 -31.27 -4.18 13.72
N VAL D 15 -31.32 -4.30 15.05
CA VAL D 15 -30.26 -4.91 15.82
C VAL D 15 -30.69 -6.30 16.28
N GLN D 16 -29.74 -7.01 16.91
CA GLN D 16 -29.94 -8.43 17.20
C GLN D 16 -30.83 -8.65 18.42
N LYS D 17 -30.75 -7.78 19.43
CA LYS D 17 -31.53 -8.00 20.65
C LYS D 17 -32.99 -7.65 20.49
N ASP D 18 -33.41 -7.23 19.30
CA ASP D 18 -34.82 -6.96 19.00
C ASP D 18 -35.29 -7.77 17.80
N TRP D 19 -34.69 -8.93 17.56
CA TRP D 19 -35.00 -9.69 16.36
C TRP D 19 -36.33 -10.42 16.48
N LYS D 20 -36.68 -10.88 17.69
CA LYS D 20 -37.96 -11.56 17.86
C LYS D 20 -39.13 -10.63 17.55
N ASN D 21 -39.00 -9.36 17.90
CA ASN D 21 -40.06 -8.40 17.58
C ASN D 21 -40.14 -8.15 16.07
N THR D 22 -38.99 -8.08 15.39
CA THR D 22 -39.00 -7.81 13.96
C THR D 22 -39.65 -8.94 13.17
N VAL D 23 -39.36 -10.19 13.53
CA VAL D 23 -40.01 -11.32 12.86
C VAL D 23 -41.49 -11.36 13.23
N LYS D 24 -41.82 -11.10 14.50
CA LYS D 24 -43.21 -11.01 14.91
C LYS D 24 -44.01 -10.07 14.00
N LYS D 25 -43.43 -8.92 13.66
CA LYS D 25 -44.13 -7.97 12.80
C LYS D 25 -44.37 -8.56 11.41
N ILE D 26 -43.38 -9.26 10.86
CA ILE D 26 -43.54 -9.86 9.54
C ILE D 26 -44.61 -10.95 9.58
N GLN D 27 -44.64 -11.74 10.65
CA GLN D 27 -45.70 -12.74 10.81
C GLN D 27 -47.06 -12.07 10.87
N GLU D 28 -47.16 -10.93 11.56
CA GLU D 28 -48.45 -10.24 11.67
C GLU D 28 -48.93 -9.75 10.31
N ALA D 29 -48.01 -9.29 9.47
CA ALA D 29 -48.40 -8.86 8.13
C ALA D 29 -48.76 -10.04 7.24
N ILE D 30 -48.17 -11.20 7.49
CA ILE D 30 -48.50 -12.40 6.73
C ILE D 30 -49.92 -12.86 7.05
N LYS D 31 -50.28 -12.88 8.33
CA LYS D 31 -51.62 -13.29 8.75
C LYS D 31 -52.70 -12.31 8.30
N LEU D 32 -52.33 -11.11 7.85
CA LEU D 32 -53.29 -10.18 7.28
C LEU D 32 -53.38 -10.27 5.76
N LYS D 33 -52.69 -11.22 5.15
CA LYS D 33 -52.76 -11.50 3.71
C LYS D 33 -52.10 -10.41 2.87
N SER D 34 -51.23 -9.59 3.46
CA SER D 34 -50.58 -8.51 2.71
C SER D 34 -49.29 -8.96 2.05
N VAL D 35 -48.53 -9.84 2.69
CA VAL D 35 -47.20 -10.22 2.22
C VAL D 35 -47.34 -11.22 1.08
N THR D 36 -46.71 -10.90 -0.05
CA THR D 36 -46.67 -11.80 -1.20
C THR D 36 -45.47 -12.76 -1.14
N SER D 37 -44.30 -12.25 -0.74
CA SER D 37 -43.11 -13.08 -0.71
C SER D 37 -42.16 -12.56 0.38
N VAL D 38 -41.33 -13.46 0.89
CA VAL D 38 -40.26 -13.13 1.84
C VAL D 38 -39.00 -13.87 1.41
N GLU D 39 -37.96 -13.11 1.08
CA GLU D 39 -36.67 -13.67 0.69
C GLU D 39 -35.68 -13.46 1.82
N VAL D 40 -35.11 -14.56 2.33
CA VAL D 40 -34.18 -14.53 3.46
C VAL D 40 -32.76 -14.73 2.93
N SER D 41 -31.84 -13.88 3.38
CA SER D 41 -30.45 -13.92 2.93
C SER D 41 -29.53 -13.93 4.15
N TYR D 42 -28.56 -14.84 4.14
CA TYR D 42 -27.55 -14.91 5.19
C TYR D 42 -26.25 -14.31 4.66
N ASN D 43 -25.78 -13.26 5.32
CA ASN D 43 -24.55 -12.56 4.94
C ASN D 43 -24.54 -12.23 3.45
N ASP D 44 -25.65 -11.63 2.99
CA ASP D 44 -25.83 -11.24 1.59
C ASP D 44 -25.80 -12.44 0.65
N LYS D 45 -26.28 -13.60 1.11
CA LYS D 45 -26.38 -14.80 0.28
C LYS D 45 -27.80 -15.33 0.41
N SER D 46 -28.56 -15.29 -0.68
CA SER D 46 -29.94 -15.76 -0.68
C SER D 46 -29.99 -17.26 -0.41
N VAL D 47 -30.74 -17.66 0.62
CA VAL D 47 -30.81 -19.05 1.05
C VAL D 47 -32.21 -19.64 0.89
N SER D 48 -33.26 -18.84 1.08
CA SER D 48 -34.61 -19.38 1.08
C SER D 48 -35.60 -18.32 0.61
N THR D 49 -36.73 -18.80 0.08
CA THR D 49 -37.80 -17.94 -0.39
C THR D 49 -39.14 -18.51 0.05
N ILE D 50 -40.04 -17.64 0.50
CA ILE D 50 -41.39 -18.02 0.93
C ILE D 50 -42.38 -17.23 0.09
N ASP D 51 -43.15 -17.94 -0.74
CA ASP D 51 -44.16 -17.33 -1.59
C ASP D 51 -45.54 -17.73 -1.08
N LEU D 52 -46.36 -16.74 -0.77
CA LEU D 52 -47.70 -16.96 -0.22
C LEU D 52 -48.80 -16.57 -1.20
N SER D 53 -48.62 -16.94 -2.48
CA SER D 53 -49.57 -16.51 -3.50
C SER D 53 -50.89 -17.28 -3.43
N GLY D 54 -50.81 -18.61 -3.38
CA GLY D 54 -52.02 -19.41 -3.38
C GLY D 54 -52.84 -19.31 -2.11
N LYS D 55 -52.20 -18.97 -0.98
CA LYS D 55 -52.87 -18.99 0.30
C LYS D 55 -53.88 -17.84 0.40
N THR D 56 -55.11 -18.17 0.83
CA THR D 56 -56.17 -17.18 0.98
C THR D 56 -56.98 -17.40 2.26
N LYS D 57 -56.38 -18.02 3.27
CA LYS D 57 -57.07 -18.28 4.53
C LYS D 57 -56.10 -18.08 5.68
N VAL D 58 -56.64 -17.61 6.81
CA VAL D 58 -55.78 -17.31 7.96
C VAL D 58 -55.06 -18.56 8.45
N SER D 59 -55.77 -19.69 8.48
CA SER D 59 -55.15 -20.94 8.91
C SER D 59 -53.94 -21.29 8.05
N GLU D 60 -54.06 -21.10 6.73
CA GLU D 60 -52.93 -21.38 5.84
C GLU D 60 -51.78 -20.40 6.07
N LEU D 61 -52.11 -19.12 6.29
CA LEU D 61 -51.08 -18.11 6.49
C LEU D 61 -50.37 -18.28 7.84
N GLU D 62 -51.08 -18.80 8.85
CA GLU D 62 -50.45 -18.99 10.16
C GLU D 62 -49.29 -19.97 10.06
N ALA D 63 -49.43 -21.04 9.29
CA ALA D 63 -48.37 -22.03 9.20
C ALA D 63 -47.14 -21.47 8.51
N GLU D 64 -47.32 -20.75 7.40
CA GLU D 64 -46.17 -20.15 6.73
C GLU D 64 -45.53 -19.07 7.59
N ALA D 65 -46.31 -18.42 8.46
CA ALA D 65 -45.72 -17.51 9.44
C ALA D 65 -44.81 -18.26 10.40
N GLU D 66 -45.23 -19.46 10.83
CA GLU D 66 -44.43 -20.24 11.76
C GLU D 66 -43.15 -20.74 11.10
N ASN D 67 -43.23 -21.11 9.83
CA ASN D 67 -42.04 -21.62 9.14
C ASN D 67 -40.94 -20.58 9.08
N LEU D 68 -41.31 -19.30 8.95
CA LEU D 68 -40.29 -18.25 8.92
C LEU D 68 -39.53 -18.16 10.24
N TYR D 69 -40.25 -18.23 11.37
CA TYR D 69 -39.57 -18.19 12.66
C TYR D 69 -38.67 -19.41 12.85
N ASN D 70 -39.18 -20.59 12.51
CA ASN D 70 -38.39 -21.81 12.67
C ASN D 70 -37.17 -21.82 11.75
N LEU D 71 -37.23 -21.09 10.63
CA LEU D 71 -36.12 -21.08 9.68
C LEU D 71 -34.93 -20.31 10.22
N VAL D 72 -35.16 -19.13 10.79
CA VAL D 72 -34.09 -18.22 11.18
C VAL D 72 -33.89 -18.20 12.70
N ASP D 73 -34.38 -19.22 13.40
CA ASP D 73 -34.33 -19.23 14.86
C ASP D 73 -32.89 -19.34 15.38
N SER D 74 -32.18 -20.39 14.95
CA SER D 74 -30.83 -20.62 15.48
C SER D 74 -29.82 -19.63 14.91
N LYS D 75 -30.02 -19.18 13.68
CA LYS D 75 -29.10 -18.22 13.07
C LYS D 75 -29.11 -16.89 13.82
N LEU D 76 -30.30 -16.31 13.98
CA LEU D 76 -30.40 -15.01 14.64
C LEU D 76 -30.05 -15.10 16.12
N SER D 77 -30.36 -16.23 16.76
CA SER D 77 -30.05 -16.40 18.17
C SER D 77 -28.56 -16.45 18.44
N ASN D 78 -27.77 -16.92 17.49
CA ASN D 78 -26.33 -17.08 17.68
C ASN D 78 -25.55 -16.20 16.70
N LEU D 79 -26.09 -15.04 16.34
CA LEU D 79 -25.43 -14.16 15.38
C LEU D 79 -24.12 -13.63 15.97
N ASP D 80 -23.08 -13.62 15.14
CA ASP D 80 -21.75 -13.21 15.54
C ASP D 80 -21.43 -11.81 14.99
N ASP D 81 -20.48 -11.15 15.66
CA ASP D 81 -20.00 -9.86 15.20
C ASP D 81 -19.46 -9.97 13.77
N GLY D 82 -20.12 -9.29 12.84
CA GLY D 82 -19.74 -9.29 11.45
C GLY D 82 -20.76 -9.93 10.53
N ASP D 83 -21.70 -10.71 11.08
CA ASP D 83 -22.70 -11.38 10.27
C ASP D 83 -24.00 -10.58 10.27
N SER D 84 -24.84 -10.89 9.28
CA SER D 84 -26.07 -10.15 9.07
C SER D 84 -27.12 -11.07 8.44
N VAL D 85 -28.38 -10.71 8.66
CA VAL D 85 -29.52 -11.41 8.06
C VAL D 85 -30.43 -10.35 7.45
N THR D 86 -30.95 -10.64 6.26
CA THR D 86 -31.76 -9.69 5.51
C THR D 86 -33.06 -10.33 5.06
N PHE D 87 -34.17 -9.65 5.32
CA PHE D 87 -35.49 -10.05 4.83
C PHE D 87 -35.93 -9.07 3.75
N LYS D 88 -36.21 -9.59 2.56
CA LYS D 88 -36.78 -8.80 1.48
C LYS D 88 -38.27 -9.13 1.39
N VAL D 89 -39.10 -8.19 1.82
CA VAL D 89 -40.54 -8.43 1.96
C VAL D 89 -41.26 -7.64 0.88
N THR D 90 -42.11 -8.33 0.12
CA THR D 90 -42.97 -7.71 -0.87
C THR D 90 -44.40 -7.81 -0.38
N TYR D 91 -45.08 -6.66 -0.27
CA TYR D 91 -46.40 -6.62 0.33
C TYR D 91 -47.29 -5.65 -0.44
N ASN D 92 -48.60 -5.82 -0.28
CA ASN D 92 -49.57 -4.93 -0.88
C ASN D 92 -50.24 -4.08 0.19
N THR D 93 -50.84 -2.99 -0.25
CA THR D 93 -51.48 -2.02 0.63
C THR D 93 -52.91 -1.81 0.17
N GLY D 94 -53.74 -1.40 1.11
CA GLY D 94 -55.14 -1.19 0.82
C GLY D 94 -56.02 -2.31 1.34
N PHE D 95 -57.24 -1.96 1.74
CA PHE D 95 -58.18 -2.92 2.29
C PHE D 95 -58.91 -3.73 1.21
N ASN D 96 -58.73 -3.40 -0.07
CA ASN D 96 -59.16 -4.29 -1.13
C ASN D 96 -58.13 -5.36 -1.44
N LYS D 97 -57.06 -5.43 -0.65
CA LYS D 97 -56.03 -6.43 -0.85
C LYS D 97 -55.53 -7.06 0.44
N ARG D 98 -55.98 -6.60 1.61
CA ARG D 98 -55.53 -7.18 2.86
C ARG D 98 -56.69 -7.20 3.86
N PHE D 99 -56.45 -7.86 4.98
CA PHE D 99 -57.45 -8.00 6.03
C PHE D 99 -57.38 -6.84 7.01
N TYR D 100 -58.47 -6.64 7.74
CA TYR D 100 -58.45 -5.77 8.90
C TYR D 100 -57.86 -6.52 10.08
N SER D 101 -56.99 -5.87 10.84
CA SER D 101 -56.53 -6.45 12.07
C SER D 101 -57.53 -6.18 13.19
N LYS D 102 -57.40 -6.92 14.28
CA LYS D 102 -58.31 -6.72 15.41
C LYS D 102 -58.11 -5.35 16.05
N SER D 103 -56.86 -4.89 16.10
CA SER D 103 -56.57 -3.54 16.61
C SER D 103 -57.31 -2.47 15.80
N GLU D 104 -57.22 -2.56 14.46
CA GLU D 104 -57.89 -1.58 13.62
C GLU D 104 -59.41 -1.63 13.79
N LEU D 105 -59.97 -2.83 13.94
CA LEU D 105 -61.41 -2.95 14.11
C LEU D 105 -61.87 -2.45 15.47
N GLU D 106 -61.02 -2.58 16.50
CA GLU D 106 -61.38 -2.09 17.82
C GLU D 106 -61.37 -0.56 17.88
N LYS D 107 -60.47 0.08 17.13
CA LYS D 107 -60.46 1.54 17.06
C LYS D 107 -61.69 2.04 16.32
N ILE D 108 -62.02 1.43 15.17
CA ILE D 108 -63.21 1.82 14.43
C ILE D 108 -64.46 1.62 15.27
N LYS D 109 -64.50 0.54 16.06
CA LYS D 109 -65.65 0.26 16.92
C LYS D 109 -65.86 1.39 17.93
N THR D 110 -64.80 1.79 18.63
CA THR D 110 -64.90 2.90 19.57
C THR D 110 -65.38 4.17 18.89
N GLN D 111 -64.83 4.48 17.72
CA GLN D 111 -65.23 5.66 16.97
C GLN D 111 -66.70 5.61 16.57
N LEU D 112 -67.16 4.46 16.08
CA LEU D 112 -68.56 4.33 15.68
C LEU D 112 -69.48 4.44 16.89
N GLU D 113 -69.09 3.84 18.01
CA GLU D 113 -69.93 3.88 19.20
C GLU D 113 -70.17 5.30 19.68
N LYS D 114 -69.18 6.17 19.54
CA LYS D 114 -69.29 7.54 20.04
C LYS D 114 -69.75 8.54 18.98
N LYS D 115 -69.95 8.10 17.74
CA LYS D 115 -70.37 9.02 16.69
C LYS D 115 -71.78 9.53 16.95
N VAL D 116 -72.00 10.81 16.64
CA VAL D 116 -73.28 11.46 16.91
C VAL D 116 -74.25 11.13 15.79
N VAL D 117 -75.46 10.70 16.17
CA VAL D 117 -76.49 10.31 15.22
C VAL D 117 -77.63 11.32 15.17
N VAL D 118 -78.02 11.88 16.31
CA VAL D 118 -79.04 12.93 16.38
C VAL D 118 -78.48 14.04 17.26
N ALA D 119 -78.30 15.22 16.67
CA ALA D 119 -77.79 16.36 17.41
C ALA D 119 -78.92 17.16 18.04
N LYS D 120 -78.64 17.75 19.20
CA LYS D 120 -79.64 18.53 19.91
C LYS D 120 -79.88 19.86 19.20
N GLY D 121 -81.16 20.24 19.10
CA GLY D 121 -81.55 21.45 18.41
C GLY D 121 -82.10 22.50 19.36
N ASP D 122 -82.39 23.67 18.76
CA ASP D 122 -82.93 24.79 19.53
C ASP D 122 -84.42 24.67 19.81
N GLY D 123 -85.13 23.84 19.07
CA GLY D 123 -86.56 23.70 19.25
C GLY D 123 -87.40 24.58 18.36
N LYS D 124 -86.79 25.33 17.45
CA LYS D 124 -87.51 26.20 16.53
C LYS D 124 -87.96 25.50 15.26
N ALA D 125 -87.67 24.21 15.12
CA ALA D 125 -88.11 23.42 13.99
C ALA D 125 -88.19 21.96 14.44
N ALA D 126 -88.33 21.06 13.47
CA ALA D 126 -88.38 19.64 13.77
C ALA D 126 -87.02 19.13 14.22
N GLY D 127 -87.00 18.35 15.29
CA GLY D 127 -85.74 17.82 15.79
C GLY D 127 -85.91 17.07 17.10
N LEU D 128 -84.80 16.95 17.82
CA LEU D 128 -84.75 16.16 19.05
C LEU D 128 -85.43 16.87 20.23
N ALA D 129 -86.29 16.15 20.93
CA ALA D 129 -86.98 16.64 22.12
C ALA D 129 -86.77 15.67 23.27
N MET D 130 -86.71 16.20 24.49
CA MET D 130 -86.47 15.42 25.70
C MET D 130 -87.65 15.57 26.66
N ASN D 131 -87.93 14.50 27.40
CA ASN D 131 -89.03 14.49 28.36
C ASN D 131 -88.70 15.35 29.57
N GLU D 132 -89.53 16.36 29.85
CA GLU D 132 -89.48 17.12 31.10
C GLU D 132 -90.84 17.08 31.79
N ASN D 133 -90.94 16.21 32.80
CA ASN D 133 -92.14 16.09 33.64
C ASN D 133 -93.43 16.04 32.82
N GLY D 134 -93.41 15.31 31.72
CA GLY D 134 -94.58 15.12 30.89
C GLY D 134 -94.62 15.95 29.62
N LYS D 135 -93.75 16.96 29.51
CA LYS D 135 -93.72 17.85 28.36
C LYS D 135 -92.40 17.68 27.60
N ALA D 136 -92.42 18.08 26.33
CA ALA D 136 -91.28 17.91 25.44
C ALA D 136 -90.52 19.24 25.37
N VAL D 137 -89.29 19.23 25.87
CA VAL D 137 -88.45 20.42 25.91
C VAL D 137 -87.13 20.13 25.19
N VAL D 138 -86.32 21.18 25.03
CA VAL D 138 -85.05 21.05 24.32
C VAL D 138 -84.15 20.05 25.03
N ALA D 139 -83.54 19.17 24.25
CA ALA D 139 -82.77 18.07 24.81
C ALA D 139 -81.48 18.56 25.45
N ASP D 140 -80.96 17.76 26.40
CA ASP D 140 -79.77 18.11 27.14
C ASP D 140 -78.48 17.62 26.48
N ARG D 141 -78.55 16.64 25.58
CA ARG D 141 -77.35 16.12 24.92
C ARG D 141 -77.70 15.61 23.53
N ASP D 142 -76.66 15.28 22.77
CA ASP D 142 -76.81 14.59 21.50
C ASP D 142 -76.87 13.08 21.73
N LEU D 143 -77.50 12.39 20.79
CA LEU D 143 -77.57 10.94 20.83
C LEU D 143 -76.47 10.31 19.98
N VAL D 144 -75.97 9.17 20.41
CA VAL D 144 -74.84 8.51 19.77
C VAL D 144 -75.28 7.13 19.30
N ALA D 145 -74.45 6.54 18.42
CA ALA D 145 -74.79 5.25 17.83
C ALA D 145 -74.93 4.16 18.89
N SER D 146 -74.12 4.22 19.95
CA SER D 146 -74.17 3.20 20.99
C SER D 146 -75.44 3.27 21.82
N ASP D 147 -76.27 4.30 21.65
CA ASP D 147 -77.57 4.34 22.30
C ASP D 147 -78.57 3.44 21.60
N PHE D 148 -78.37 3.17 20.31
CA PHE D 148 -79.27 2.35 19.52
C PHE D 148 -78.69 0.99 19.15
N TYR D 149 -77.40 0.94 18.82
CA TYR D 149 -76.78 -0.27 18.33
C TYR D 149 -75.70 -0.77 19.29
N ASN D 150 -75.38 -2.05 19.17
CA ASN D 150 -74.21 -2.64 19.80
C ASN D 150 -73.37 -3.31 18.72
N PHE D 151 -72.04 -3.26 18.90
CA PHE D 151 -71.10 -3.69 17.89
C PHE D 151 -70.32 -4.92 18.36
N ILE D 152 -70.03 -5.82 17.42
CA ILE D 152 -69.48 -7.14 17.72
C ILE D 152 -68.34 -7.44 16.76
N ILE D 153 -67.22 -7.94 17.29
CA ILE D 153 -66.09 -8.42 16.49
C ILE D 153 -66.10 -9.94 16.52
N SER D 154 -66.22 -10.56 15.35
CA SER D 154 -66.08 -12.01 15.23
C SER D 154 -65.22 -12.28 14.00
N THR D 155 -65.24 -13.51 13.51
CA THR D 155 -64.44 -13.93 12.37
C THR D 155 -65.31 -14.52 11.28
N ASP D 156 -64.78 -14.50 10.06
CA ASP D 156 -65.48 -15.10 8.93
C ASP D 156 -65.29 -16.62 8.96
N THR D 157 -66.37 -17.34 8.63
CA THR D 157 -66.33 -18.79 8.63
C THR D 157 -65.78 -19.37 7.33
N SER D 158 -65.51 -18.53 6.34
CA SER D 158 -64.91 -18.96 5.08
C SER D 158 -63.40 -18.72 5.04
N THR D 159 -62.95 -17.52 5.42
CA THR D 159 -61.55 -17.17 5.40
C THR D 159 -60.89 -17.11 6.77
N GLY D 160 -61.63 -16.74 7.80
CA GLY D 160 -61.05 -16.61 9.13
C GLY D 160 -60.59 -15.22 9.49
N GLU D 161 -60.79 -14.23 8.62
CA GLU D 161 -60.42 -12.86 8.90
C GLU D 161 -61.35 -12.25 9.95
N TYR D 162 -60.81 -11.33 10.74
CA TYR D 162 -61.65 -10.59 11.68
C TYR D 162 -62.63 -9.71 10.93
N ILE D 163 -63.83 -9.55 11.48
CA ILE D 163 -64.88 -8.75 10.88
C ILE D 163 -65.60 -7.97 11.96
N LEU D 164 -66.36 -6.96 11.53
CA LEU D 164 -67.14 -6.12 12.43
C LEU D 164 -68.58 -6.06 11.94
N LYS D 165 -69.52 -6.31 12.86
CA LYS D 165 -70.94 -6.27 12.54
C LYS D 165 -71.67 -5.54 13.67
N SER D 166 -72.90 -5.12 13.39
CA SER D 166 -73.70 -4.36 14.34
C SER D 166 -75.05 -5.04 14.53
N GLU D 167 -75.70 -4.70 15.65
CA GLU D 167 -76.95 -5.34 16.02
C GLU D 167 -77.83 -4.33 16.74
N LYS D 168 -79.15 -4.47 16.57
CA LYS D 168 -80.08 -3.64 17.29
C LYS D 168 -80.07 -4.00 18.77
N LYS D 169 -80.11 -2.98 19.62
CA LYS D 169 -80.16 -3.23 21.06
C LYS D 169 -81.47 -3.88 21.46
N GLY D 170 -81.50 -4.39 22.69
CA GLY D 170 -82.68 -5.07 23.19
C GLY D 170 -83.83 -4.11 23.45
N ALA D 171 -85.04 -4.69 23.47
CA ALA D 171 -86.23 -3.89 23.72
C ALA D 171 -86.19 -3.22 25.09
N ALA D 172 -85.55 -3.86 26.07
CA ALA D 172 -85.39 -3.25 27.39
C ALA D 172 -84.55 -1.96 27.30
N SER D 173 -83.37 -2.05 26.70
CA SER D 173 -82.52 -0.87 26.58
C SER D 173 -83.17 0.20 25.72
N LEU D 174 -83.83 -0.22 24.62
CA LEU D 174 -84.46 0.74 23.72
C LEU D 174 -85.68 1.41 24.36
N ASP D 175 -86.45 0.67 25.17
CA ASP D 175 -87.58 1.29 25.84
C ASP D 175 -87.13 2.34 26.85
N ALA D 176 -86.12 2.00 27.66
CA ALA D 176 -85.55 2.96 28.60
C ALA D 176 -85.20 4.28 27.93
N LEU D 177 -84.85 4.23 26.63
CA LEU D 177 -84.56 5.44 25.89
C LEU D 177 -85.82 6.10 25.36
N ASN D 178 -86.82 5.30 24.94
CA ASN D 178 -88.04 5.84 24.35
C ASN D 178 -88.83 6.72 25.32
N GLU D 179 -88.66 6.52 26.63
CA GLU D 179 -89.35 7.34 27.62
C GLU D 179 -88.59 8.61 28.00
N LYS D 180 -87.53 8.96 27.27
CA LYS D 180 -86.76 10.15 27.61
C LYS D 180 -86.46 11.04 26.41
N TYR D 181 -86.23 10.45 25.24
CA TYR D 181 -85.89 11.20 24.03
C TYR D 181 -86.80 10.75 22.91
N GLY D 182 -87.10 11.69 22.00
CA GLY D 182 -87.99 11.38 20.90
C GLY D 182 -87.89 12.43 19.81
N TYR D 183 -88.58 12.14 18.70
CA TYR D 183 -88.58 13.00 17.53
C TYR D 183 -89.80 13.91 17.55
N ALA D 184 -89.56 15.22 17.47
CA ALA D 184 -90.62 16.21 17.36
C ALA D 184 -90.69 16.68 15.93
N ALA D 185 -91.83 16.44 15.28
CA ALA D 185 -92.07 16.75 13.88
C ALA D 185 -92.47 18.19 13.65
N LEU D 186 -92.43 19.02 14.69
CA LEU D 186 -92.82 20.42 14.62
C LEU D 186 -92.16 21.13 15.78
N ALA D 187 -92.08 22.45 15.68
CA ALA D 187 -91.40 23.22 16.71
C ALA D 187 -92.06 22.94 18.04
N ILE D 188 -91.26 22.72 19.08
CA ILE D 188 -91.79 22.40 20.39
C ILE D 188 -91.94 23.67 21.22
N ASP D 189 -93.07 23.78 21.90
CA ASP D 189 -93.38 24.94 22.72
C ASP D 189 -92.96 24.71 24.17
N GLY D 190 -92.44 23.52 24.47
CA GLY D 190 -92.02 23.10 25.79
C GLY D 190 -93.13 22.91 26.79
N THR D 191 -94.39 22.95 26.33
CA THR D 191 -95.55 22.69 27.18
C THR D 191 -96.47 21.61 26.60
N GLY D 192 -96.04 20.93 25.53
CA GLY D 192 -96.84 19.89 24.90
C GLY D 192 -96.45 18.51 25.42
N ASP D 193 -97.46 17.67 25.62
CA ASP D 193 -97.24 16.33 26.16
C ASP D 193 -96.24 15.56 25.31
N PHE D 194 -95.55 14.63 25.94
CA PHE D 194 -94.45 13.94 25.27
C PHE D 194 -95.01 12.95 24.25
N GLY D 195 -95.87 12.03 24.69
CA GLY D 195 -96.44 11.03 23.80
C GLY D 195 -97.20 11.61 22.61
N THR D 196 -97.60 12.88 22.69
CA THR D 196 -98.37 13.52 21.64
C THR D 196 -97.53 14.40 20.72
N VAL D 197 -96.54 15.11 21.26
CA VAL D 197 -95.71 16.00 20.47
C VAL D 197 -94.39 15.35 20.07
N THR D 198 -94.18 14.09 20.46
CA THR D 198 -92.97 13.37 20.12
C THR D 198 -93.26 11.92 19.74
N GLU D 199 -92.60 11.47 18.68
CA GLU D 199 -92.51 10.06 18.33
C GLU D 199 -91.13 9.56 18.78
N SER D 200 -90.97 8.24 18.84
CA SER D 200 -89.68 7.63 19.17
C SER D 200 -88.95 7.28 17.88
N TYR D 201 -87.62 7.37 17.92
CA TYR D 201 -86.80 7.12 16.74
C TYR D 201 -86.73 5.63 16.43
N VAL D 202 -86.71 5.30 15.14
CA VAL D 202 -86.76 3.92 14.68
C VAL D 202 -85.43 3.58 14.03
N PRO D 203 -84.59 2.76 14.65
CA PRO D 203 -83.34 2.35 14.00
C PRO D 203 -83.57 1.19 13.05
N ALA D 204 -82.85 1.20 11.93
CA ALA D 204 -83.01 0.18 10.92
C ALA D 204 -82.27 -1.09 11.30
N ALA D 205 -82.61 -2.18 10.60
CA ALA D 205 -81.99 -3.46 10.86
C ALA D 205 -80.67 -3.55 10.10
N PRO D 206 -79.54 -3.76 10.78
CA PRO D 206 -78.25 -3.82 10.09
C PRO D 206 -78.17 -5.01 9.13
N THR D 207 -77.58 -4.76 7.96
CA THR D 207 -77.35 -5.81 6.97
C THR D 207 -75.91 -5.89 6.49
N ASP D 208 -75.06 -4.91 6.76
CA ASP D 208 -73.70 -4.87 6.24
C ASP D 208 -72.69 -5.30 7.30
N ILE D 209 -71.56 -5.80 6.83
CA ILE D 209 -70.44 -6.22 7.68
C ILE D 209 -69.16 -5.60 7.14
N LEU D 210 -68.32 -5.11 8.04
CA LEU D 210 -67.04 -4.51 7.68
C LEU D 210 -65.96 -5.60 7.62
N LYS D 211 -65.34 -5.74 6.46
CA LYS D 211 -64.32 -6.75 6.22
C LYS D 211 -63.51 -6.32 5.00
N SER D 212 -62.76 -7.26 4.43
CA SER D 212 -62.00 -6.96 3.22
C SER D 212 -62.91 -6.45 2.11
N THR D 213 -62.37 -5.59 1.26
CA THR D 213 -63.01 -4.90 0.14
C THR D 213 -64.03 -3.86 0.59
N LYS D 214 -64.20 -3.61 1.89
CA LYS D 214 -65.19 -2.67 2.38
C LYS D 214 -64.52 -1.58 3.22
N GLN D 215 -65.24 -0.46 3.33
CA GLN D 215 -64.87 0.62 4.25
C GLN D 215 -66.14 1.30 4.72
N ILE D 216 -66.07 1.92 5.90
CA ILE D 216 -67.24 2.57 6.47
C ILE D 216 -67.63 3.76 5.61
N ASP D 217 -68.91 3.82 5.24
CA ASP D 217 -69.45 4.94 4.46
C ASP D 217 -70.01 5.95 5.46
N GLU D 218 -69.23 6.99 5.76
CA GLU D 218 -69.62 7.95 6.78
C GLU D 218 -70.78 8.84 6.36
N THR D 219 -71.13 8.86 5.07
CA THR D 219 -72.30 9.63 4.63
C THR D 219 -73.59 8.86 4.88
N ALA D 220 -73.64 7.59 4.43
CA ALA D 220 -74.85 6.80 4.57
C ALA D 220 -75.09 6.36 6.00
N SER D 221 -74.03 5.96 6.71
CA SER D 221 -74.15 5.42 8.06
C SER D 221 -74.86 6.41 8.98
N PHE D 222 -75.92 5.92 9.63
CA PHE D 222 -76.68 6.67 10.64
C PHE D 222 -77.37 7.90 10.04
N GLU D 223 -77.78 7.80 8.78
CA GLU D 223 -78.53 8.88 8.13
C GLU D 223 -79.87 9.09 8.80
N ASN D 224 -80.18 10.34 9.11
CA ASN D 224 -81.45 10.71 9.72
C ASN D 224 -82.42 11.17 8.63
N THR D 225 -83.58 10.52 8.55
CA THR D 225 -84.68 10.97 7.70
C THR D 225 -85.92 10.96 8.59
N GLY D 226 -86.21 12.10 9.21
CA GLY D 226 -87.27 12.18 10.19
C GLY D 226 -86.99 11.35 11.43
N LYS D 227 -87.88 10.43 11.76
CA LYS D 227 -87.66 9.55 12.91
C LYS D 227 -86.84 8.31 12.54
N ASP D 228 -86.59 8.07 11.26
CA ASP D 228 -85.82 6.92 10.84
C ASP D 228 -84.33 7.19 11.00
N ILE D 229 -83.60 6.16 11.43
CA ILE D 229 -82.15 6.20 11.52
C ILE D 229 -81.58 5.01 10.77
N ALA D 230 -80.65 5.27 9.87
CA ALA D 230 -80.00 4.20 9.13
C ALA D 230 -78.97 3.48 10.00
N ALA D 231 -78.68 2.24 9.63
CA ALA D 231 -77.70 1.44 10.34
C ALA D 231 -76.32 1.68 9.74
N MET D 232 -75.30 1.02 10.31
CA MET D 232 -73.95 1.12 9.79
C MET D 232 -73.88 0.58 8.36
N THR D 233 -73.42 1.41 7.43
CA THR D 233 -73.37 1.06 6.02
C THR D 233 -71.94 1.11 5.53
N VAL D 234 -71.57 0.17 4.66
CA VAL D 234 -70.22 0.07 4.14
C VAL D 234 -70.24 0.20 2.62
N LYS D 235 -69.10 0.64 2.08
CA LYS D 235 -68.90 0.83 0.66
C LYS D 235 -67.54 0.28 0.26
N ALA D 236 -67.21 0.38 -1.02
CA ALA D 236 -65.93 -0.12 -1.53
C ALA D 236 -64.76 0.60 -0.89
N ALA D 237 -63.72 -0.17 -0.55
CA ALA D 237 -62.54 0.39 0.09
C ALA D 237 -61.69 1.17 -0.93
N ASP D 238 -60.86 2.07 -0.39
CA ASP D 238 -59.96 2.83 -1.23
C ASP D 238 -58.85 1.95 -1.81
N PRO D 239 -58.32 2.29 -2.97
CA PRO D 239 -57.26 1.48 -3.59
C PRO D 239 -55.90 1.70 -2.97
N GLY D 240 -55.07 0.65 -3.03
CA GLY D 240 -53.69 0.73 -2.60
C GLY D 240 -52.75 0.28 -3.71
N GLU D 241 -51.45 0.44 -3.42
CA GLU D 241 -50.40 0.09 -4.36
C GLU D 241 -49.98 -1.36 -4.19
N ASP D 242 -49.49 -1.96 -5.28
CA ASP D 242 -49.13 -3.37 -5.31
C ASP D 242 -47.62 -3.51 -5.46
N GLY D 243 -47.03 -4.38 -4.65
CA GLY D 243 -45.62 -4.69 -4.75
C GLY D 243 -44.70 -3.68 -4.10
N ASN D 244 -44.94 -3.36 -2.83
CA ASN D 244 -44.00 -2.55 -2.07
C ASN D 244 -42.92 -3.45 -1.49
N ILE D 245 -41.71 -2.91 -1.36
CA ILE D 245 -40.55 -3.65 -0.89
C ILE D 245 -40.05 -3.02 0.40
N ALA D 246 -39.81 -3.86 1.41
CA ALA D 246 -39.18 -3.44 2.66
C ALA D 246 -37.97 -4.33 2.91
N ASN D 247 -36.78 -3.74 2.93
CA ASN D 247 -35.54 -4.46 3.15
C ASN D 247 -35.12 -4.28 4.60
N ILE D 248 -35.26 -5.33 5.40
CA ILE D 248 -34.97 -5.28 6.83
C ILE D 248 -33.70 -6.07 7.08
N LYS D 249 -32.67 -5.39 7.56
CA LYS D 249 -31.40 -6.00 7.92
C LYS D 249 -31.29 -6.12 9.44
N VAL D 250 -30.64 -7.19 9.89
CA VAL D 250 -30.40 -7.44 11.31
C VAL D 250 -28.91 -7.57 11.51
N ILE D 251 -28.36 -6.70 12.37
CA ILE D 251 -26.94 -6.68 12.68
C ILE D 251 -26.77 -6.88 14.19
N ASN D 252 -25.53 -7.12 14.59
CA ASN D 252 -25.21 -7.42 16.00
C ASN D 252 -24.57 -6.21 16.69
N ALA D 253 -25.29 -5.09 16.63
CA ALA D 253 -24.83 -3.84 17.23
C ALA D 253 -25.70 -3.47 18.44
N LYS D 254 -25.08 -2.81 19.41
CA LYS D 254 -25.81 -2.29 20.56
C LYS D 254 -26.58 -1.06 20.14
N GLU D 255 -27.87 -1.02 20.47
CA GLU D 255 -28.71 0.14 20.18
C GLU D 255 -28.83 1.03 21.40
N THR D 256 -28.54 2.32 21.23
CA THR D 256 -28.59 3.30 22.31
C THR D 256 -29.44 4.48 21.85
N THR D 257 -30.39 4.88 22.69
CA THR D 257 -31.28 6.01 22.40
C THR D 257 -31.01 7.14 23.39
N ILE D 258 -30.96 8.37 22.88
CA ILE D 258 -30.67 9.55 23.69
C ILE D 258 -31.79 10.57 23.51
N ASP D 259 -32.36 11.02 24.63
CA ASP D 259 -33.37 12.07 24.65
C ASP D 259 -32.68 13.40 24.90
N VAL D 260 -32.58 14.22 23.85
CA VAL D 260 -31.84 15.48 23.97
C VAL D 260 -32.49 16.40 24.99
N ASP D 261 -33.81 16.27 25.19
CA ASP D 261 -34.57 17.16 26.06
C ASP D 261 -34.52 16.74 27.53
N SER D 262 -33.64 15.82 27.90
CA SER D 262 -33.53 15.34 29.27
C SER D 262 -32.23 15.84 29.90
N LYS D 263 -32.21 15.84 31.24
CA LYS D 263 -31.04 16.30 31.98
C LYS D 263 -30.01 15.19 32.13
N SER D 264 -30.45 13.95 32.17
CA SER D 264 -29.57 12.80 32.33
C SER D 264 -28.95 12.32 31.02
N SER D 265 -29.47 12.76 29.87
CA SER D 265 -29.02 12.24 28.60
C SER D 265 -27.52 12.38 28.39
N THR D 266 -26.97 11.58 27.46
CA THR D 266 -25.54 11.61 27.22
C THR D 266 -25.19 12.94 26.58
N SER D 267 -24.11 13.56 27.05
CA SER D 267 -23.71 14.81 26.43
C SER D 267 -23.00 14.52 25.12
N ALA D 268 -23.03 15.50 24.22
CA ALA D 268 -22.34 15.34 22.95
C ALA D 268 -20.85 15.15 23.16
N GLU D 269 -20.32 15.64 24.28
CA GLU D 269 -18.92 15.43 24.58
C GLU D 269 -18.65 13.98 24.98
N ASP D 270 -19.49 13.41 25.85
CA ASP D 270 -19.26 12.06 26.33
C ASP D 270 -19.62 11.02 25.29
N LEU D 271 -20.54 11.35 24.37
CA LEU D 271 -20.82 10.48 23.26
C LEU D 271 -19.67 10.46 22.27
N ALA D 272 -18.90 11.56 22.20
CA ALA D 272 -17.77 11.65 21.28
C ALA D 272 -16.49 11.02 21.85
N LYS D 273 -16.41 10.79 23.17
CA LYS D 273 -15.25 10.06 23.69
C LYS D 273 -15.40 8.57 23.46
N LYS D 274 -16.64 8.07 23.45
CA LYS D 274 -16.90 6.65 23.33
C LYS D 274 -16.72 6.18 21.90
N TYR D 275 -17.35 6.87 20.95
CA TYR D 275 -17.41 6.46 19.56
C TYR D 275 -16.68 7.47 18.68
N VAL D 276 -16.43 7.08 17.43
CA VAL D 276 -15.85 7.94 16.41
C VAL D 276 -16.86 8.11 15.30
N PHE D 277 -17.04 9.34 14.84
CA PHE D 277 -18.06 9.66 13.85
C PHE D 277 -17.43 10.27 12.61
N ASP D 278 -18.15 10.14 11.49
CA ASP D 278 -17.77 10.79 10.24
C ASP D 278 -18.43 12.15 10.13
N ASP D 279 -17.63 13.19 9.84
CA ASP D 279 -18.19 14.54 9.75
C ASP D 279 -18.92 14.78 8.45
N LYS D 280 -18.64 13.99 7.41
CA LYS D 280 -19.40 14.13 6.17
C LYS D 280 -20.88 13.85 6.39
N ASP D 281 -21.20 12.98 7.35
CA ASP D 281 -22.57 12.68 7.73
C ASP D 281 -23.09 13.67 8.78
N LEU D 282 -22.28 13.97 9.81
CA LEU D 282 -22.66 15.00 10.77
C LEU D 282 -22.97 16.33 10.09
N LYS D 283 -22.16 16.70 9.09
CA LYS D 283 -22.42 17.93 8.35
C LYS D 283 -23.67 17.81 7.50
N ALA D 284 -23.93 16.63 6.94
CA ALA D 284 -25.14 16.41 6.17
C ALA D 284 -26.39 16.61 7.03
N VAL D 285 -26.34 16.16 8.29
CA VAL D 285 -27.47 16.37 9.20
C VAL D 285 -27.61 17.85 9.55
N TYR D 286 -26.52 18.47 10.02
CA TYR D 286 -26.53 19.89 10.37
C TYR D 286 -27.06 20.75 9.23
N ASP D 287 -26.63 20.47 8.01
CA ASP D 287 -27.03 21.31 6.88
C ASP D 287 -28.52 21.20 6.59
N GLN D 288 -29.09 19.99 6.77
CA GLN D 288 -30.51 19.81 6.52
C GLN D 288 -31.35 20.56 7.55
N LEU D 289 -30.90 20.59 8.80
CA LEU D 289 -31.61 21.29 9.87
C LEU D 289 -31.52 22.80 9.78
N ASN D 290 -30.80 23.34 8.79
CA ASN D 290 -30.80 24.77 8.50
C ASN D 290 -31.64 25.11 7.29
N GLU D 291 -32.59 24.24 6.91
CA GLU D 291 -33.42 24.42 5.73
C GLU D 291 -34.85 24.05 6.09
N GLY D 292 -35.73 25.04 6.09
CA GLY D 292 -37.14 24.81 6.43
C GLY D 292 -37.27 24.13 7.78
N ASP D 293 -38.25 23.24 7.89
CA ASP D 293 -38.45 22.48 9.11
C ASP D 293 -37.36 21.43 9.33
N GLY D 294 -36.56 21.14 8.31
CA GLY D 294 -35.50 20.15 8.43
C GLY D 294 -35.92 18.72 8.21
N THR D 295 -37.16 18.49 7.77
CA THR D 295 -37.66 17.13 7.57
C THR D 295 -37.50 16.64 6.14
N THR D 296 -37.57 17.54 5.17
CA THR D 296 -37.34 17.19 3.77
C THR D 296 -35.89 16.77 3.56
N GLY D 297 -35.68 15.48 3.34
CA GLY D 297 -34.35 14.91 3.24
C GLY D 297 -34.24 13.64 4.07
N LYS D 298 -33.21 12.84 3.81
CA LYS D 298 -33.12 11.48 4.34
C LYS D 298 -32.40 11.40 5.67
N TYR D 299 -31.85 12.51 6.18
CA TYR D 299 -31.08 12.47 7.41
C TYR D 299 -31.91 12.77 8.65
N VAL D 300 -33.07 13.40 8.49
CA VAL D 300 -33.94 13.74 9.62
C VAL D 300 -35.37 13.40 9.22
N GLU D 301 -36.14 12.88 10.19
CA GLU D 301 -37.56 12.63 9.99
C GLU D 301 -38.30 12.92 11.27
N LYS D 302 -39.63 13.04 11.16
CA LYS D 302 -40.52 13.19 12.30
C LYS D 302 -41.29 11.89 12.49
N VAL D 303 -41.19 11.31 13.69
CA VAL D 303 -41.92 10.10 14.04
C VAL D 303 -42.58 10.31 15.40
N ASP D 304 -43.84 9.92 15.51
CA ASP D 304 -44.67 10.12 16.70
C ASP D 304 -44.47 11.51 17.30
N GLY D 305 -44.51 12.52 16.43
CA GLY D 305 -44.49 13.90 16.89
C GLY D 305 -43.17 14.41 17.40
N ARG D 306 -42.06 13.77 17.03
CA ARG D 306 -40.74 14.15 17.52
C ARG D 306 -39.75 14.10 16.36
N TYR D 307 -38.69 14.91 16.47
CA TYR D 307 -37.59 14.85 15.53
C TYR D 307 -36.67 13.67 15.84
N GLN D 308 -36.38 12.86 14.82
CA GLN D 308 -35.53 11.69 14.98
C GLN D 308 -34.36 11.75 14.02
N VAL D 309 -33.17 11.41 14.52
CA VAL D 309 -31.96 11.29 13.71
C VAL D 309 -31.22 10.04 14.15
N VAL D 310 -30.78 9.23 13.18
CA VAL D 310 -30.12 7.97 13.44
C VAL D 310 -28.67 8.09 12.95
N LEU D 311 -27.73 7.77 13.83
CA LEU D 311 -26.31 7.89 13.54
C LEU D 311 -25.63 6.54 13.74
N TYR D 312 -24.74 6.19 12.81
CA TYR D 312 -23.96 4.96 12.90
C TYR D 312 -22.49 5.30 13.03
N PRO D 313 -21.89 5.19 14.22
CA PRO D 313 -20.47 5.50 14.35
C PRO D 313 -19.59 4.53 13.59
N GLU D 314 -18.47 5.03 13.08
CA GLU D 314 -17.55 4.18 12.32
C GLU D 314 -16.84 3.19 13.22
N GLY D 315 -16.50 3.62 14.44
CA GLY D 315 -15.99 2.70 15.43
C GLY D 315 -15.93 3.37 16.79
N LYS D 316 -15.36 2.64 17.75
CA LYS D 316 -15.13 3.19 19.08
C LYS D 316 -13.65 3.47 19.32
#